data_6UE7
#
_entry.id   6UE7
#
_cell.length_a   1.00
_cell.length_b   1.00
_cell.length_c   1.00
_cell.angle_alpha   90.00
_cell.angle_beta   90.00
_cell.angle_gamma   90.00
#
_symmetry.space_group_name_H-M   'P 1'
#
loop_
_entity.id
_entity.type
_entity.pdbx_description
1 polymer 'Immunoglobulin heavy constant alpha 1'
2 polymer 'Polymeric immunoglobulin receptor'
3 polymer 'Immunoglobulin J chain'
4 branched beta-D-mannopyranose-(1-4)-2-acetamido-2-deoxy-beta-D-glucopyranose-(1-4)-2-acetamido-2-deoxy-beta-D-glucopyranose
5 branched 2-acetamido-2-deoxy-beta-D-glucopyranose-(1-4)-2-acetamido-2-deoxy-beta-D-glucopyranose
6 non-polymer 2-acetamido-2-deoxy-beta-D-glucopyranose
#
loop_
_entity_poly.entity_id
_entity_poly.type
_entity_poly.pdbx_seq_one_letter_code
_entity_poly.pdbx_strand_id
1 'polypeptide(L)'
;DYKDDDDKLVPRGSCHPRLSLHRPALEDLLLGSEANLTCTLTGLRDASGVTFTWTPSSGKSAVQGPPERDLCGCYSVSSV
LPGCAEPWNHGKTFTCTAAYPESKTPLTATLSKSGNTFRPEVHLLPPPSEELALNELVTLTCLARGFSPKDVLVRWLQGS
QELPREKYLTWASRQEPSQGTTTFAVTSILRVAAEDWKKGDTFSCMVGHEALPLAFTQKTIDRLAGKPTHVNVSVVMAEV
DGTCY
;
A,B,F,G
2 'polypeptide(L)'
;KSPIFGPEEVNSVEGNSVSITCYYPPTSVNRHTRKYWCRQGARGGCITLISSEGYVSSKYAGRANLTNFPENGTFVVNIA
QLSQDDSGRYKCGLGINSRGLSFDVSLEVSQGPGLLNDTKVYTVDLGRTVTINCPFKTENAQKRKSLYKQIGLYPVLVID
SSGYVNPNYTGRIRLDIQGTGQLLFSVVINQLRLSDAGQYLCQAGDDSNSNKKNADLQVLKPEPELVYEDLRGSVTFHCA
LGPEVANVAKFLCRQSSGENCDVVVNTLGKRAPAFEGRILLNPQDKDGSFSVVITGLRKEDAGRYLCGAHSDGQLQEGSP
IQAWQLFVNEESTIPRSPTVVKGVAGGSVAVLCPYNRKESKSIKYWCLWEGAQNGRCPLLVDSEGWVKAQYEGRLSLLEE
PGNGTFTVILNQLTSRDAGFYWCLTNGDTLWRTTVEIKIIEGEPNLKVPGNVTAVLGETLKVPCHFPCKFSSYEKYWCKW
NNTGCQALPSQDEGPSKAFVNCDENSRLVSLTLNLVTRADEGWYWCGVKQGHFYGETAAVYVAVEERKAAGSRDVSLAKA
DAAPDEKVLDSGFREIENKAIQDPRHHHHHH
;
C
3 'polypeptide(L)'
;QEDERIVLVDNKCKCARITSRIIRSSEDPNEDIVERNIRIIVPLNNRENISDPTSPLRTRFVYHLSDLCKKCDPTEVELD
NQIVTATQSNICDEDSATETCYTYDRNKCYTAVVPLVYGGETKMVETALTPDACYPD
;
D
#
loop_
_chem_comp.id
_chem_comp.type
_chem_comp.name
_chem_comp.formula
BMA D-saccharide, beta linking beta-D-mannopyranose 'C6 H12 O6'
NAG D-saccharide, beta linking 2-acetamido-2-deoxy-beta-D-glucopyranose 'C8 H15 N O6'
#
# COMPACT_ATOMS: atom_id res chain seq x y z
N CYS A 15 -18.19 -69.92 3.52
CA CYS A 15 -17.69 -69.33 4.75
C CYS A 15 -18.37 -69.98 5.96
N HIS A 16 -19.03 -69.18 6.80
CA HIS A 16 -19.68 -69.63 8.03
C HIS A 16 -21.13 -69.14 8.07
N PRO A 17 -22.10 -69.99 8.43
CA PRO A 17 -23.51 -69.57 8.36
C PRO A 17 -23.91 -68.65 9.50
N ARG A 18 -24.94 -67.84 9.24
CA ARG A 18 -25.42 -66.84 10.18
C ARG A 18 -26.83 -66.44 9.75
N LEU A 19 -27.78 -66.48 10.69
CA LEU A 19 -29.13 -66.02 10.41
C LEU A 19 -29.37 -64.66 11.04
N SER A 20 -30.16 -63.82 10.36
CA SER A 20 -30.46 -62.51 10.92
C SER A 20 -31.78 -62.02 10.34
N LEU A 21 -32.53 -61.28 11.17
CA LEU A 21 -33.78 -60.68 10.75
C LEU A 21 -33.58 -59.20 10.44
N HIS A 22 -34.70 -58.55 10.13
CA HIS A 22 -34.68 -57.13 9.78
C HIS A 22 -36.02 -56.54 10.16
N ARG A 23 -36.00 -55.33 10.70
CA ARG A 23 -37.22 -54.57 10.92
C ARG A 23 -37.76 -54.09 9.58
N PRO A 24 -39.05 -53.79 9.49
CA PRO A 24 -39.59 -53.17 8.27
C PRO A 24 -39.00 -51.80 8.04
N ALA A 25 -38.98 -51.38 6.78
CA ALA A 25 -38.40 -50.10 6.41
C ALA A 25 -39.26 -48.97 6.94
N LEU A 26 -38.64 -47.80 7.11
CA LEU A 26 -39.34 -46.65 7.66
C LEU A 26 -40.13 -45.86 6.64
N GLU A 27 -39.65 -45.81 5.39
CA GLU A 27 -40.36 -45.07 4.36
C GLU A 27 -41.68 -45.74 3.99
N ASP A 28 -41.77 -47.06 4.13
CA ASP A 28 -42.99 -47.75 3.75
C ASP A 28 -44.03 -47.77 4.85
N LEU A 29 -43.63 -47.55 6.10
CA LEU A 29 -44.61 -47.41 7.17
C LEU A 29 -45.38 -46.10 7.05
N LEU A 30 -44.65 -44.99 6.88
CA LEU A 30 -45.29 -43.69 7.05
C LEU A 30 -46.10 -43.27 5.83
N LEU A 31 -45.56 -43.43 4.62
CA LEU A 31 -46.28 -43.03 3.42
C LEU A 31 -46.93 -44.21 2.71
N GLY A 32 -46.20 -45.30 2.50
CA GLY A 32 -46.71 -46.45 1.79
C GLY A 32 -47.65 -47.29 2.64
N SER A 33 -47.99 -48.46 2.12
CA SER A 33 -48.97 -49.32 2.77
C SER A 33 -48.39 -50.64 3.27
N GLU A 34 -47.79 -51.42 2.38
CA GLU A 34 -47.31 -52.76 2.70
C GLU A 34 -45.83 -52.69 3.03
N ALA A 35 -45.45 -53.19 4.20
CA ALA A 35 -44.07 -53.26 4.64
C ALA A 35 -43.62 -54.71 4.68
N ASN A 36 -42.35 -54.94 4.39
CA ASN A 36 -41.79 -56.28 4.37
C ASN A 36 -41.19 -56.63 5.72
N LEU A 37 -40.70 -57.86 5.87
CA LEU A 37 -40.03 -58.30 7.08
C LEU A 37 -39.17 -59.51 6.71
N THR A 38 -37.86 -59.35 6.80
CA THR A 38 -36.90 -60.23 6.16
C THR A 38 -36.23 -61.13 7.19
N CYS A 39 -35.99 -62.39 6.83
CA CYS A 39 -35.18 -63.28 7.67
C CYS A 39 -34.17 -63.99 6.75
N THR A 40 -32.97 -63.43 6.69
CA THR A 40 -31.95 -63.88 5.76
C THR A 40 -30.98 -64.85 6.44
N LEU A 41 -30.39 -65.71 5.62
CA LEU A 41 -29.53 -66.81 6.05
C LEU A 41 -28.28 -66.79 5.16
N THR A 42 -27.18 -66.27 5.68
CA THR A 42 -25.97 -66.08 4.89
C THR A 42 -24.92 -67.11 5.26
N GLY A 43 -24.11 -67.51 4.27
CA GLY A 43 -22.98 -68.38 4.53
C GLY A 43 -23.29 -69.85 4.40
N LEU A 44 -23.87 -70.26 3.27
CA LEU A 44 -24.23 -71.66 3.08
C LEU A 44 -23.49 -72.30 1.90
N ARG A 45 -23.42 -71.61 0.75
CA ARG A 45 -22.78 -71.94 -0.53
C ARG A 45 -23.50 -73.01 -1.34
N ASP A 46 -24.51 -73.66 -0.79
CA ASP A 46 -25.18 -74.81 -1.41
C ASP A 46 -26.52 -74.99 -0.71
N ALA A 47 -27.12 -76.18 -0.91
CA ALA A 47 -28.28 -76.67 -0.15
C ALA A 47 -29.50 -75.76 -0.32
N SER A 48 -30.01 -75.77 -1.55
CA SER A 48 -31.19 -74.98 -1.90
C SER A 48 -32.46 -75.38 -1.12
N GLY A 49 -32.49 -76.57 -0.53
CA GLY A 49 -33.64 -76.98 0.26
C GLY A 49 -33.67 -76.42 1.66
N VAL A 50 -33.77 -75.09 1.79
CA VAL A 50 -33.89 -74.42 3.08
C VAL A 50 -35.35 -74.08 3.33
N THR A 51 -35.78 -74.21 4.59
CA THR A 51 -37.20 -74.09 4.97
C THR A 51 -37.40 -72.99 5.99
N PHE A 52 -37.74 -71.78 5.52
CA PHE A 52 -38.19 -70.73 6.42
C PHE A 52 -39.64 -70.98 6.86
N THR A 53 -39.89 -70.79 8.15
CA THR A 53 -41.25 -70.96 8.68
C THR A 53 -41.47 -70.06 9.89
N TRP A 54 -42.23 -68.98 9.70
CA TRP A 54 -42.61 -68.10 10.80
C TRP A 54 -43.66 -68.77 11.67
N THR A 55 -43.45 -68.70 12.97
CA THR A 55 -44.31 -69.50 13.85
C THR A 55 -45.70 -68.92 14.10
N PRO A 56 -45.93 -67.58 14.28
CA PRO A 56 -47.32 -67.10 14.23
C PRO A 56 -47.85 -67.07 12.80
N SER A 57 -48.23 -68.23 12.29
CA SER A 57 -48.45 -68.43 10.85
C SER A 57 -49.88 -68.03 10.45
N SER A 58 -50.12 -66.73 10.49
CA SER A 58 -51.40 -66.19 10.01
C SER A 58 -51.15 -64.86 9.33
N GLY A 59 -52.18 -64.38 8.63
CA GLY A 59 -52.08 -63.16 7.85
C GLY A 59 -51.89 -63.47 6.38
N LYS A 60 -50.67 -63.24 5.89
CA LYS A 60 -50.29 -63.61 4.54
C LYS A 60 -49.63 -64.99 4.52
N SER A 61 -49.05 -65.32 3.37
CA SER A 61 -48.26 -66.52 3.22
C SER A 61 -46.82 -66.17 2.87
N ALA A 62 -45.88 -66.94 3.41
CA ALA A 62 -44.46 -66.62 3.36
C ALA A 62 -43.92 -66.87 1.95
N VAL A 63 -43.15 -65.92 1.44
CA VAL A 63 -42.49 -66.05 0.14
C VAL A 63 -41.02 -66.40 0.39
N GLN A 64 -40.53 -67.44 -0.26
CA GLN A 64 -39.11 -67.78 -0.21
C GLN A 64 -38.35 -66.92 -1.23
N GLY A 65 -37.09 -67.25 -1.47
CA GLY A 65 -36.31 -66.45 -2.39
C GLY A 65 -35.29 -67.27 -3.14
N PRO A 66 -34.79 -66.72 -4.24
CA PRO A 66 -33.65 -67.35 -4.93
C PRO A 66 -32.34 -66.91 -4.29
N PRO A 67 -31.29 -67.75 -4.36
CA PRO A 67 -30.01 -67.38 -3.76
C PRO A 67 -29.31 -66.23 -4.47
N GLU A 68 -28.19 -65.79 -3.91
CA GLU A 68 -27.41 -64.70 -4.47
C GLU A 68 -25.95 -64.92 -4.05
N ARG A 69 -25.12 -63.91 -4.28
CA ARG A 69 -23.71 -63.96 -3.96
C ARG A 69 -23.41 -63.03 -2.80
N ASP A 70 -22.53 -63.48 -1.90
CA ASP A 70 -22.11 -62.68 -0.76
C ASP A 70 -20.76 -63.18 -0.29
N LEU A 71 -19.77 -62.27 -0.18
CA LEU A 71 -18.42 -62.54 0.33
C LEU A 71 -17.73 -63.67 -0.44
N CYS A 72 -17.90 -63.64 -1.77
CA CYS A 72 -17.25 -64.50 -2.77
C CYS A 72 -17.63 -65.97 -2.71
N GLY A 73 -18.42 -66.41 -1.73
CA GLY A 73 -18.87 -67.79 -1.79
C GLY A 73 -20.24 -68.19 -1.25
N CYS A 74 -21.01 -67.27 -0.67
CA CYS A 74 -22.15 -67.65 0.14
C CYS A 74 -23.43 -67.69 -0.70
N TYR A 75 -24.26 -68.70 -0.45
CA TYR A 75 -25.62 -68.76 -0.98
C TYR A 75 -26.56 -68.14 0.04
N SER A 76 -26.58 -66.81 0.07
CA SER A 76 -27.34 -66.06 1.07
C SER A 76 -28.78 -65.93 0.61
N VAL A 77 -29.60 -66.90 0.97
CA VAL A 77 -31.01 -66.93 0.60
C VAL A 77 -31.79 -66.04 1.56
N SER A 78 -32.85 -65.41 1.06
CA SER A 78 -33.67 -64.51 1.87
C SER A 78 -35.11 -64.97 1.84
N SER A 79 -35.99 -64.19 2.47
CA SER A 79 -37.43 -64.43 2.48
C SER A 79 -38.09 -63.14 2.93
N VAL A 80 -39.41 -63.06 2.70
CA VAL A 80 -40.23 -61.91 3.06
C VAL A 80 -41.57 -62.43 3.59
N LEU A 81 -41.94 -61.95 4.77
CA LEU A 81 -43.30 -62.15 5.30
C LEU A 81 -44.01 -60.80 5.22
N PRO A 82 -44.87 -60.59 4.24
CA PRO A 82 -45.54 -59.30 4.09
C PRO A 82 -46.86 -59.25 4.88
N GLY A 83 -47.41 -58.05 4.96
CA GLY A 83 -48.66 -57.82 5.65
C GLY A 83 -48.57 -57.66 7.15
N CYS A 84 -47.38 -57.74 7.72
CA CYS A 84 -47.20 -57.61 9.16
C CYS A 84 -46.84 -56.19 9.57
N ALA A 85 -47.30 -55.18 8.81
CA ALA A 85 -47.00 -53.81 9.18
C ALA A 85 -47.84 -53.33 10.36
N GLU A 86 -49.12 -53.66 10.39
CA GLU A 86 -49.98 -53.29 11.52
C GLU A 86 -49.76 -54.13 12.79
N PRO A 87 -49.51 -55.45 12.75
CA PRO A 87 -49.11 -56.14 13.99
C PRO A 87 -47.75 -55.72 14.50
N TRP A 88 -46.90 -55.15 13.66
CA TRP A 88 -45.68 -54.50 14.13
C TRP A 88 -45.99 -53.30 15.00
N ASN A 89 -46.92 -52.46 14.54
CA ASN A 89 -47.26 -51.23 15.27
C ASN A 89 -48.08 -51.53 16.51
N HIS A 90 -48.84 -52.63 16.51
CA HIS A 90 -49.57 -53.00 17.71
C HIS A 90 -48.64 -53.52 18.81
N GLY A 91 -47.51 -54.13 18.43
CA GLY A 91 -46.54 -54.57 19.40
C GLY A 91 -46.39 -56.08 19.58
N LYS A 92 -46.45 -56.84 18.48
CA LYS A 92 -46.34 -58.28 18.53
C LYS A 92 -44.86 -58.69 18.57
N THR A 93 -44.58 -59.99 18.38
CA THR A 93 -43.22 -60.52 18.37
C THR A 93 -43.14 -61.62 17.33
N PHE A 94 -42.02 -61.68 16.61
CA PHE A 94 -41.83 -62.64 15.53
C PHE A 94 -40.63 -63.53 15.82
N THR A 95 -40.70 -64.79 15.35
CA THR A 95 -39.59 -65.74 15.52
C THR A 95 -39.41 -66.48 14.20
N CYS A 96 -38.24 -66.34 13.59
CA CYS A 96 -37.90 -67.06 12.38
C CYS A 96 -37.12 -68.32 12.70
N THR A 97 -37.19 -69.31 11.81
CA THR A 97 -36.41 -70.54 11.92
C THR A 97 -35.95 -70.94 10.53
N ALA A 98 -35.05 -71.93 10.48
CA ALA A 98 -34.43 -72.38 9.23
C ALA A 98 -33.95 -73.81 9.41
N ALA A 99 -33.14 -74.29 8.47
CA ALA A 99 -32.59 -75.64 8.50
C ALA A 99 -31.34 -75.66 7.64
N TYR A 100 -30.23 -76.14 8.20
CA TYR A 100 -28.93 -76.17 7.57
C TYR A 100 -28.29 -77.55 7.73
N PRO A 101 -27.49 -78.01 6.77
CA PRO A 101 -27.23 -79.44 6.62
C PRO A 101 -26.21 -80.04 7.58
N GLU A 102 -25.86 -79.39 8.70
CA GLU A 102 -24.77 -79.93 9.52
C GLU A 102 -25.21 -80.39 10.90
N SER A 103 -25.73 -79.50 11.73
CA SER A 103 -25.73 -79.73 13.16
C SER A 103 -26.90 -80.60 13.59
N LYS A 104 -27.15 -80.67 14.89
CA LYS A 104 -28.37 -81.22 15.45
C LYS A 104 -29.39 -80.14 15.77
N THR A 105 -29.13 -78.90 15.38
CA THR A 105 -29.93 -77.75 15.78
C THR A 105 -30.38 -76.96 14.56
N PRO A 106 -31.56 -76.33 14.58
CA PRO A 106 -31.86 -75.31 13.58
C PRO A 106 -31.30 -73.94 13.95
N LEU A 107 -31.67 -72.91 13.21
CA LEU A 107 -31.41 -71.54 13.64
C LEU A 107 -32.71 -70.87 14.09
N THR A 108 -32.57 -69.76 14.80
CA THR A 108 -33.70 -69.04 15.40
C THR A 108 -33.21 -67.66 15.80
N ALA A 109 -33.95 -66.63 15.41
CA ALA A 109 -33.69 -65.30 15.95
C ALA A 109 -35.03 -64.62 16.22
N THR A 110 -34.98 -63.44 16.83
CA THR A 110 -36.18 -62.77 17.31
C THR A 110 -36.04 -61.27 17.07
N LEU A 111 -37.16 -60.62 16.79
CA LEU A 111 -37.18 -59.17 16.60
C LEU A 111 -38.54 -58.63 16.98
N SER A 112 -38.55 -57.50 17.69
CA SER A 112 -39.78 -56.87 18.14
C SER A 112 -39.55 -55.37 18.28
N LYS A 113 -40.61 -54.59 18.17
CA LYS A 113 -40.49 -53.16 18.36
C LYS A 113 -40.27 -52.85 19.83
N SER A 114 -39.19 -52.14 20.14
CA SER A 114 -38.81 -51.86 21.51
C SER A 114 -39.59 -50.64 22.01
N GLY A 115 -39.26 -50.18 23.22
CA GLY A 115 -39.98 -49.07 23.81
C GLY A 115 -39.10 -47.87 24.06
N ASN A 116 -39.37 -47.16 25.16
CA ASN A 116 -38.71 -45.94 25.68
C ASN A 116 -38.18 -45.02 24.59
N THR A 117 -39.08 -44.62 23.70
CA THR A 117 -38.75 -43.78 22.56
C THR A 117 -38.85 -42.31 22.93
N PHE A 118 -38.23 -41.46 22.12
CA PHE A 118 -38.24 -40.03 22.37
C PHE A 118 -38.49 -39.32 21.06
N ARG A 119 -39.02 -38.16 21.14
CA ARG A 119 -39.35 -37.41 19.95
C ARG A 119 -38.19 -36.52 19.55
N PRO A 120 -37.95 -36.33 18.25
CA PRO A 120 -36.88 -35.43 17.82
C PRO A 120 -37.23 -33.97 18.01
N GLU A 121 -36.20 -33.16 18.23
CA GLU A 121 -36.32 -31.71 18.23
C GLU A 121 -35.64 -31.18 16.98
N VAL A 122 -36.39 -30.43 16.18
CA VAL A 122 -35.96 -29.99 14.87
C VAL A 122 -35.69 -28.50 14.92
N HIS A 123 -34.57 -28.07 14.35
CA HIS A 123 -34.25 -26.65 14.22
C HIS A 123 -33.89 -26.36 12.78
N LEU A 124 -34.15 -25.12 12.37
CA LEU A 124 -33.89 -24.69 11.00
C LEU A 124 -33.17 -23.36 11.08
N LEU A 125 -31.98 -23.31 10.63
CA LEU A 125 -31.15 -22.15 10.90
C LEU A 125 -31.13 -21.20 9.72
N PRO A 126 -31.02 -19.90 9.96
CA PRO A 126 -30.90 -18.93 8.87
C PRO A 126 -29.52 -19.00 8.24
N PRO A 127 -29.34 -18.48 7.02
CA PRO A 127 -28.04 -18.54 6.37
C PRO A 127 -27.04 -17.61 7.03
N PRO A 128 -25.74 -17.89 6.92
CA PRO A 128 -24.73 -17.00 7.48
C PRO A 128 -24.63 -15.71 6.67
N SER A 129 -23.97 -14.72 7.25
CA SER A 129 -23.95 -13.38 6.68
C SER A 129 -22.86 -13.19 5.64
N GLU A 130 -21.80 -14.01 5.66
CA GLU A 130 -20.72 -13.86 4.71
C GLU A 130 -21.02 -14.48 3.37
N GLU A 131 -22.14 -15.16 3.22
CA GLU A 131 -22.53 -15.75 1.94
C GLU A 131 -23.28 -14.77 1.05
N LEU A 132 -24.03 -13.85 1.66
CA LEU A 132 -24.86 -12.92 0.89
C LEU A 132 -24.03 -11.88 0.16
N ALA A 133 -22.77 -11.71 0.53
CA ALA A 133 -21.89 -10.77 -0.15
C ALA A 133 -21.49 -11.24 -1.54
N LEU A 134 -21.59 -12.53 -1.82
CA LEU A 134 -21.07 -13.07 -3.06
C LEU A 134 -22.09 -13.19 -4.18
N ASN A 135 -23.39 -13.07 -3.85
CA ASN A 135 -24.50 -13.17 -4.81
C ASN A 135 -24.49 -14.49 -5.59
N GLU A 136 -24.24 -15.58 -4.90
CA GLU A 136 -24.38 -16.95 -5.39
C GLU A 136 -25.43 -17.63 -4.53
N LEU A 137 -25.49 -18.96 -4.62
CA LEU A 137 -26.39 -19.76 -3.80
C LEU A 137 -26.16 -19.54 -2.30
N VAL A 138 -27.24 -19.63 -1.53
CA VAL A 138 -27.19 -19.52 -0.08
C VAL A 138 -27.60 -20.85 0.52
N THR A 139 -27.25 -21.06 1.80
CA THR A 139 -27.29 -22.36 2.44
C THR A 139 -28.23 -22.33 3.63
N LEU A 140 -29.20 -23.24 3.65
CA LEU A 140 -30.05 -23.45 4.82
C LEU A 140 -29.71 -24.79 5.46
N THR A 141 -29.79 -24.83 6.78
CA THR A 141 -29.34 -25.98 7.55
C THR A 141 -30.47 -26.45 8.44
N CYS A 142 -30.72 -27.75 8.44
CA CYS A 142 -31.76 -28.37 9.25
C CYS A 142 -31.13 -29.43 10.13
N LEU A 143 -31.44 -29.37 11.43
CA LEU A 143 -30.81 -30.23 12.42
C LEU A 143 -31.86 -30.90 13.26
N ALA A 144 -31.77 -32.23 13.41
CA ALA A 144 -32.71 -32.97 14.24
C ALA A 144 -31.94 -33.71 15.31
N ARG A 145 -32.44 -33.62 16.55
CA ARG A 145 -31.62 -34.06 17.67
C ARG A 145 -32.48 -34.73 18.74
N GLY A 146 -31.94 -35.76 19.36
CA GLY A 146 -32.47 -36.30 20.58
C GLY A 146 -33.53 -37.39 20.48
N PHE A 147 -33.47 -38.26 19.49
CA PHE A 147 -34.48 -39.29 19.30
C PHE A 147 -33.90 -40.66 19.58
N SER A 148 -34.70 -41.54 20.18
CA SER A 148 -34.16 -42.80 20.67
C SER A 148 -34.00 -43.91 19.64
N PRO A 149 -34.93 -44.19 18.73
CA PRO A 149 -34.58 -45.14 17.66
C PRO A 149 -33.87 -44.42 16.53
N LYS A 150 -32.93 -45.11 15.90
CA LYS A 150 -31.99 -44.44 14.99
C LYS A 150 -32.61 -44.08 13.65
N ASP A 151 -33.79 -44.60 13.32
CA ASP A 151 -34.34 -44.43 11.99
C ASP A 151 -35.08 -43.12 11.86
N VAL A 152 -34.84 -42.37 10.78
CA VAL A 152 -35.41 -41.04 10.61
C VAL A 152 -35.44 -40.74 9.11
N LEU A 153 -36.30 -39.81 8.71
CA LEU A 153 -36.37 -39.29 7.35
C LEU A 153 -36.28 -37.78 7.36
N VAL A 154 -35.77 -37.19 6.28
CA VAL A 154 -35.73 -35.74 6.12
C VAL A 154 -36.21 -35.40 4.71
N ARG A 155 -37.18 -34.49 4.62
CA ARG A 155 -37.67 -34.00 3.33
C ARG A 155 -37.67 -32.48 3.34
N TRP A 156 -37.58 -31.88 2.16
CA TRP A 156 -37.53 -30.43 2.03
C TRP A 156 -38.69 -29.96 1.16
N LEU A 157 -39.15 -28.74 1.43
CA LEU A 157 -40.22 -28.14 0.64
C LEU A 157 -39.88 -26.69 0.35
N GLN A 158 -40.27 -26.23 -0.84
CA GLN A 158 -40.26 -24.81 -1.17
C GLN A 158 -41.69 -24.38 -1.46
N GLY A 159 -42.20 -23.46 -0.65
CA GLY A 159 -43.60 -23.08 -0.73
C GLY A 159 -44.49 -24.23 -0.33
N SER A 160 -45.15 -24.84 -1.30
CA SER A 160 -45.89 -26.07 -1.10
C SER A 160 -45.46 -27.19 -2.02
N GLN A 161 -44.60 -26.90 -3.00
CA GLN A 161 -44.12 -27.92 -3.93
C GLN A 161 -42.93 -28.64 -3.31
N GLU A 162 -42.87 -29.95 -3.48
CA GLU A 162 -41.80 -30.75 -2.93
C GLU A 162 -40.60 -30.77 -3.88
N LEU A 163 -39.41 -30.89 -3.31
CA LEU A 163 -38.18 -30.96 -4.07
C LEU A 163 -37.74 -32.41 -4.23
N PRO A 164 -37.12 -32.75 -5.36
CA PRO A 164 -36.60 -34.10 -5.55
C PRO A 164 -35.39 -34.36 -4.66
N ARG A 165 -35.13 -35.66 -4.41
CA ARG A 165 -34.13 -36.06 -3.43
C ARG A 165 -32.70 -35.84 -3.91
N GLU A 166 -32.49 -35.51 -5.18
CA GLU A 166 -31.16 -35.30 -5.72
C GLU A 166 -30.72 -33.85 -5.60
N LYS A 167 -31.47 -33.00 -4.92
CA LYS A 167 -31.18 -31.57 -4.87
C LYS A 167 -30.67 -31.12 -3.50
N TYR A 168 -30.41 -32.05 -2.58
CA TYR A 168 -29.87 -31.67 -1.27
C TYR A 168 -28.99 -32.81 -0.77
N LEU A 169 -28.53 -32.67 0.47
CA LEU A 169 -27.55 -33.59 1.05
C LEU A 169 -27.89 -33.83 2.51
N THR A 170 -28.10 -35.09 2.87
CA THR A 170 -28.27 -35.48 4.27
C THR A 170 -27.19 -36.48 4.65
N TRP A 171 -26.75 -36.37 5.89
CA TRP A 171 -25.78 -37.29 6.48
C TRP A 171 -26.52 -38.43 7.16
N ALA A 172 -25.76 -39.37 7.71
CA ALA A 172 -26.36 -40.50 8.42
C ALA A 172 -26.72 -40.03 9.83
N SER A 173 -27.29 -40.91 10.63
CA SER A 173 -27.72 -40.56 11.98
C SER A 173 -26.82 -41.27 12.98
N ARG A 174 -25.85 -40.55 13.50
CA ARG A 174 -24.88 -41.09 14.44
C ARG A 174 -25.39 -40.90 15.86
N GLN A 175 -24.63 -41.42 16.82
CA GLN A 175 -24.98 -41.34 18.22
C GLN A 175 -24.20 -40.21 18.89
N GLU A 176 -24.90 -39.39 19.67
CA GLU A 176 -24.31 -38.20 20.23
C GLU A 176 -23.86 -38.43 21.67
N PRO A 177 -22.77 -37.73 22.12
CA PRO A 177 -22.17 -37.98 23.43
C PRO A 177 -23.00 -37.48 24.62
N SER A 178 -24.16 -38.09 24.83
CA SER A 178 -24.98 -37.77 25.99
C SER A 178 -24.45 -38.50 27.22
N GLN A 179 -24.92 -38.07 28.39
CA GLN A 179 -24.57 -38.74 29.64
C GLN A 179 -25.69 -39.61 30.18
N GLY A 180 -26.93 -39.11 30.15
CA GLY A 180 -28.04 -39.84 30.73
C GLY A 180 -28.48 -41.07 29.96
N THR A 181 -29.06 -40.89 28.79
CA THR A 181 -29.60 -41.98 28.00
C THR A 181 -29.07 -41.81 26.58
N THR A 182 -29.22 -42.84 25.75
CA THR A 182 -28.65 -42.83 24.41
C THR A 182 -29.59 -42.15 23.43
N THR A 183 -29.06 -41.15 22.72
CA THR A 183 -29.82 -40.37 21.77
C THR A 183 -28.99 -40.21 20.50
N PHE A 184 -29.62 -39.73 19.44
CA PHE A 184 -29.02 -39.65 18.13
C PHE A 184 -29.22 -38.26 17.54
N ALA A 185 -28.63 -38.01 16.37
CA ALA A 185 -28.75 -36.69 15.73
C ALA A 185 -28.50 -36.86 14.24
N VAL A 186 -28.97 -35.86 13.47
CA VAL A 186 -28.80 -35.87 12.01
C VAL A 186 -28.88 -34.44 11.51
N THR A 187 -28.24 -34.17 10.37
CA THR A 187 -28.23 -32.85 9.75
C THR A 187 -28.61 -32.97 8.28
N SER A 188 -28.86 -31.81 7.65
CA SER A 188 -29.16 -31.70 6.23
C SER A 188 -28.99 -30.26 5.79
N ILE A 189 -28.52 -30.06 4.55
CA ILE A 189 -28.37 -28.72 4.01
C ILE A 189 -29.05 -28.62 2.65
N LEU A 190 -29.44 -27.40 2.31
CA LEU A 190 -30.06 -27.09 1.03
C LEU A 190 -29.56 -25.75 0.53
N ARG A 191 -29.03 -25.71 -0.68
CA ARG A 191 -28.54 -24.48 -1.27
C ARG A 191 -29.48 -24.00 -2.37
N VAL A 192 -29.96 -22.77 -2.22
CA VAL A 192 -30.95 -22.18 -3.12
C VAL A 192 -30.36 -20.90 -3.70
N ALA A 193 -31.10 -20.28 -4.61
CA ALA A 193 -30.62 -19.08 -5.28
C ALA A 193 -30.81 -17.85 -4.40
N ALA A 194 -29.94 -16.86 -4.58
CA ALA A 194 -29.97 -15.67 -3.75
C ALA A 194 -31.17 -14.79 -4.04
N GLU A 195 -31.60 -14.72 -5.30
CA GLU A 195 -32.74 -13.89 -5.65
C GLU A 195 -34.04 -14.51 -5.15
N ASP A 196 -34.08 -15.84 -5.06
CA ASP A 196 -35.25 -16.51 -4.47
C ASP A 196 -35.36 -16.20 -2.99
N TRP A 197 -34.22 -16.10 -2.30
CA TRP A 197 -34.22 -15.67 -0.91
C TRP A 197 -34.65 -14.21 -0.79
N LYS A 198 -34.16 -13.36 -1.69
CA LYS A 198 -34.42 -11.93 -1.60
C LYS A 198 -35.84 -11.57 -2.03
N LYS A 199 -36.55 -12.45 -2.74
CA LYS A 199 -37.96 -12.20 -3.05
C LYS A 199 -38.80 -12.25 -1.79
N GLY A 200 -38.70 -13.33 -1.03
CA GLY A 200 -39.55 -13.52 0.12
C GLY A 200 -40.19 -14.88 0.13
N ASP A 201 -39.69 -15.79 -0.70
CA ASP A 201 -40.18 -17.15 -0.73
C ASP A 201 -39.82 -17.87 0.56
N THR A 202 -40.63 -18.87 0.91
CA THR A 202 -40.49 -19.58 2.17
C THR A 202 -40.03 -21.01 1.92
N PHE A 203 -39.26 -21.55 2.86
CA PHE A 203 -38.73 -22.89 2.74
C PHE A 203 -39.02 -23.67 4.02
N SER A 204 -39.11 -24.99 3.90
CA SER A 204 -39.57 -25.80 5.01
C SER A 204 -38.81 -27.12 5.08
N CYS A 205 -38.61 -27.61 6.30
CA CYS A 205 -37.91 -28.85 6.57
C CYS A 205 -38.87 -29.76 7.34
N MET A 206 -39.06 -30.98 6.84
CA MET A 206 -39.91 -31.99 7.46
C MET A 206 -39.09 -33.18 7.92
N VAL A 207 -39.43 -33.70 9.09
CA VAL A 207 -38.75 -34.84 9.69
C VAL A 207 -39.83 -35.82 10.15
N GLY A 208 -39.66 -37.09 9.80
CA GLY A 208 -40.61 -38.13 10.16
C GLY A 208 -39.99 -39.16 11.08
N HIS A 209 -40.76 -39.62 12.05
CA HIS A 209 -40.25 -40.49 13.10
C HIS A 209 -41.38 -41.36 13.61
N GLU A 210 -41.03 -42.36 14.41
CA GLU A 210 -42.02 -43.24 15.01
C GLU A 210 -42.71 -42.59 16.20
N ALA A 211 -41.97 -41.76 16.94
CA ALA A 211 -42.49 -41.24 18.20
C ALA A 211 -43.51 -40.14 17.98
N LEU A 212 -43.39 -39.39 16.89
CA LEU A 212 -44.36 -38.36 16.55
C LEU A 212 -45.66 -39.03 16.12
N PRO A 213 -46.79 -38.71 16.77
CA PRO A 213 -48.05 -39.40 16.45
C PRO A 213 -48.59 -39.07 15.06
N LEU A 214 -48.46 -37.82 14.61
CA LEU A 214 -48.90 -37.45 13.26
C LEU A 214 -47.85 -37.74 12.20
N ALA A 215 -46.75 -38.41 12.58
CA ALA A 215 -45.74 -39.04 11.72
C ALA A 215 -44.85 -38.05 10.97
N PHE A 216 -45.12 -36.76 11.06
CA PHE A 216 -44.28 -35.76 10.40
C PHE A 216 -44.37 -34.46 11.17
N THR A 217 -43.22 -33.84 11.41
CA THR A 217 -43.23 -32.48 11.92
C THR A 217 -42.40 -31.62 10.99
N GLN A 218 -42.71 -30.33 10.94
CA GLN A 218 -42.03 -29.46 10.01
C GLN A 218 -41.85 -28.09 10.62
N LYS A 219 -40.83 -27.40 10.15
CA LYS A 219 -40.60 -26.01 10.52
C LYS A 219 -40.40 -25.20 9.24
N THR A 220 -40.40 -23.88 9.38
CA THR A 220 -40.47 -23.00 8.22
C THR A 220 -39.60 -21.79 8.48
N ILE A 221 -38.79 -21.42 7.49
CA ILE A 221 -37.98 -20.21 7.60
C ILE A 221 -38.11 -19.44 6.30
N ASP A 222 -37.93 -18.13 6.40
CA ASP A 222 -37.77 -17.25 5.26
C ASP A 222 -37.01 -16.02 5.73
N ARG A 223 -37.00 -14.98 4.90
CA ARG A 223 -36.46 -13.70 5.29
C ARG A 223 -37.42 -13.04 6.29
N LEU A 224 -36.98 -11.90 6.85
CA LEU A 224 -37.76 -11.07 7.78
C LEU A 224 -38.15 -11.86 9.04
N ALA A 225 -37.24 -12.69 9.51
CA ALA A 225 -37.46 -13.51 10.69
C ALA A 225 -36.49 -13.10 11.78
N GLY A 226 -37.01 -12.79 12.96
CA GLY A 226 -36.21 -12.34 14.06
C GLY A 226 -37.01 -11.64 15.14
N THR A 229 -29.92 -6.02 13.38
CA THR A 229 -31.22 -5.79 12.75
C THR A 229 -31.40 -4.30 12.48
N HIS A 230 -31.59 -3.54 13.55
CA HIS A 230 -31.54 -2.08 13.51
C HIS A 230 -30.41 -1.63 14.41
N VAL A 231 -29.57 -0.72 13.91
CA VAL A 231 -28.47 -0.16 14.68
C VAL A 231 -28.83 1.25 15.11
N ASN A 232 -28.25 1.69 16.22
CA ASN A 232 -28.46 3.02 16.77
C ASN A 232 -27.10 3.69 16.85
N VAL A 233 -26.77 4.48 15.83
CA VAL A 233 -25.47 5.12 15.71
C VAL A 233 -25.55 6.54 16.27
N SER A 234 -24.43 7.04 16.81
CA SER A 234 -24.39 8.42 17.27
C SER A 234 -23.02 9.01 16.94
N VAL A 235 -23.03 10.12 16.20
CA VAL A 235 -21.81 10.87 15.90
C VAL A 235 -21.73 12.05 16.85
N VAL A 236 -20.51 12.54 17.04
CA VAL A 236 -20.29 13.57 18.06
C VAL A 236 -19.76 14.86 17.44
N MET A 237 -18.68 14.76 16.67
CA MET A 237 -17.95 15.83 15.95
C MET A 237 -17.53 17.03 16.81
N ALA A 238 -17.59 16.89 18.13
CA ALA A 238 -17.22 17.91 19.12
C ALA A 238 -17.92 19.25 18.91
N CYS B 15 -10.10 -64.60 -1.99
CA CYS B 15 -10.87 -64.61 -3.22
C CYS B 15 -9.93 -64.30 -4.39
N HIS B 16 -10.35 -63.42 -5.28
CA HIS B 16 -9.44 -62.96 -6.33
C HIS B 16 -8.45 -61.97 -5.76
N PRO B 17 -7.15 -62.17 -5.96
CA PRO B 17 -6.17 -61.27 -5.32
C PRO B 17 -6.12 -59.90 -5.97
N ARG B 18 -6.02 -58.88 -5.12
CA ARG B 18 -5.98 -57.49 -5.56
C ARG B 18 -4.90 -56.75 -4.77
N LEU B 19 -4.53 -55.58 -5.26
CA LEU B 19 -3.48 -54.78 -4.65
C LEU B 19 -3.78 -53.32 -4.88
N SER B 20 -3.57 -52.50 -3.85
CA SER B 20 -3.90 -51.08 -3.93
C SER B 20 -2.97 -50.30 -3.02
N LEU B 21 -2.99 -48.98 -3.18
CA LEU B 21 -2.07 -48.07 -2.51
C LEU B 21 -2.86 -47.01 -1.76
N HIS B 22 -2.50 -46.80 -0.50
CA HIS B 22 -3.20 -45.87 0.37
C HIS B 22 -2.32 -44.66 0.68
N ARG B 23 -2.92 -43.48 0.61
CA ARG B 23 -2.25 -42.22 0.89
C ARG B 23 -1.98 -42.10 2.38
N PRO B 24 -0.96 -41.33 2.77
CA PRO B 24 -0.71 -41.13 4.21
C PRO B 24 -1.80 -40.30 4.86
N ALA B 25 -2.08 -40.61 6.13
CA ALA B 25 -3.18 -40.00 6.84
C ALA B 25 -2.90 -38.54 7.15
N LEU B 26 -3.98 -37.75 7.20
CA LEU B 26 -3.86 -36.30 7.29
C LEU B 26 -3.48 -35.81 8.67
N GLU B 27 -3.79 -36.57 9.72
CA GLU B 27 -3.42 -36.15 11.07
C GLU B 27 -1.92 -36.21 11.31
N ASP B 28 -1.18 -36.99 10.52
CA ASP B 28 0.27 -37.07 10.61
C ASP B 28 0.97 -36.02 9.75
N LEU B 29 0.37 -35.65 8.61
CA LEU B 29 0.99 -34.65 7.75
C LEU B 29 0.85 -33.24 8.32
N LEU B 30 -0.06 -33.03 9.26
CA LEU B 30 -0.28 -31.71 9.81
C LEU B 30 0.18 -31.57 11.26
N LEU B 31 0.32 -32.67 11.99
CA LEU B 31 0.64 -32.59 13.41
C LEU B 31 1.82 -33.48 13.80
N GLY B 32 2.53 -34.05 12.85
CA GLY B 32 3.60 -34.97 13.18
C GLY B 32 4.71 -34.97 12.16
N SER B 33 5.48 -36.05 12.15
CA SER B 33 6.65 -36.13 11.29
C SER B 33 6.64 -37.37 10.40
N GLU B 34 6.22 -38.50 10.94
CA GLU B 34 6.35 -39.79 10.25
C GLU B 34 5.11 -40.03 9.39
N ALA B 35 5.24 -39.71 8.10
CA ALA B 35 4.15 -39.90 7.14
C ALA B 35 4.34 -41.24 6.44
N ASN B 36 3.79 -42.28 7.06
CA ASN B 36 3.92 -43.63 6.52
C ASN B 36 2.96 -43.85 5.36
N LEU B 37 3.49 -44.32 4.23
CA LEU B 37 2.69 -44.75 3.09
C LEU B 37 2.71 -46.26 3.05
N THR B 38 1.60 -46.85 2.59
CA THR B 38 1.42 -48.30 2.71
C THR B 38 0.89 -48.92 1.42
N CYS B 39 1.29 -50.18 1.21
CA CYS B 39 0.86 -51.01 0.08
C CYS B 39 0.29 -52.30 0.64
N THR B 40 -0.86 -52.73 0.15
CA THR B 40 -1.57 -53.85 0.73
C THR B 40 -1.66 -55.00 -0.27
N LEU B 41 -2.39 -56.04 0.11
CA LEU B 41 -2.64 -57.23 -0.68
C LEU B 41 -3.77 -57.99 -0.01
N THR B 42 -4.65 -58.58 -0.83
CA THR B 42 -5.79 -59.30 -0.29
C THR B 42 -5.95 -60.64 -1.01
N GLY B 43 -6.53 -61.59 -0.30
CA GLY B 43 -6.92 -62.86 -0.91
C GLY B 43 -5.79 -63.80 -1.26
N LEU B 44 -4.77 -63.90 -0.41
CA LEU B 44 -3.76 -64.94 -0.59
C LEU B 44 -4.32 -66.28 -0.15
N ARG B 45 -3.61 -67.36 -0.52
CA ARG B 45 -4.13 -68.70 -0.36
C ARG B 45 -3.55 -69.47 0.82
N ASP B 46 -2.23 -69.70 0.82
CA ASP B 46 -1.68 -70.73 1.70
C ASP B 46 -0.47 -70.33 2.55
N ALA B 47 0.36 -69.38 2.12
CA ALA B 47 1.52 -68.98 2.90
C ALA B 47 1.82 -67.51 2.60
N SER B 48 2.99 -67.04 3.03
CA SER B 48 3.42 -65.67 2.77
C SER B 48 4.89 -65.70 2.35
N GLY B 49 5.12 -65.82 1.04
CA GLY B 49 6.46 -65.71 0.49
C GLY B 49 6.60 -64.45 -0.33
N VAL B 50 5.83 -63.43 0.03
CA VAL B 50 5.62 -62.25 -0.81
C VAL B 50 6.80 -61.30 -0.67
N THR B 51 7.19 -60.66 -1.78
CA THR B 51 8.33 -59.73 -1.81
C THR B 51 7.88 -58.42 -2.43
N PHE B 52 8.50 -57.33 -1.98
CA PHE B 52 8.03 -55.98 -2.29
C PHE B 52 9.18 -55.12 -2.80
N THR B 53 8.81 -54.04 -3.49
CA THR B 53 9.75 -52.97 -3.84
C THR B 53 8.96 -51.70 -4.11
N TRP B 54 9.69 -50.59 -4.21
CA TRP B 54 9.14 -49.30 -4.59
C TRP B 54 10.06 -48.67 -5.61
N THR B 55 9.63 -47.55 -6.18
CA THR B 55 10.50 -46.85 -7.11
C THR B 55 11.57 -46.02 -6.39
N PRO B 56 11.26 -45.15 -5.41
CA PRO B 56 12.36 -44.53 -4.67
C PRO B 56 12.78 -45.39 -3.49
N SER B 57 14.06 -45.28 -3.14
CA SER B 57 14.62 -46.02 -2.03
C SER B 57 15.59 -45.17 -1.21
N SER B 58 15.32 -43.88 -1.11
CA SER B 58 16.21 -42.94 -0.42
C SER B 58 16.08 -43.17 1.08
N GLY B 59 16.95 -44.03 1.62
CA GLY B 59 16.88 -44.36 3.04
C GLY B 59 15.68 -45.18 3.41
N LYS B 60 15.17 -45.99 2.49
CA LYS B 60 13.94 -46.75 2.70
C LYS B 60 14.23 -48.02 3.49
N SER B 61 13.95 -47.96 4.78
CA SER B 61 13.98 -49.16 5.64
C SER B 61 12.57 -49.73 5.66
N ALA B 62 12.26 -50.52 4.63
CA ALA B 62 10.92 -51.05 4.45
C ALA B 62 10.64 -52.16 5.46
N VAL B 63 9.38 -52.23 5.90
CA VAL B 63 8.92 -53.22 6.86
C VAL B 63 7.76 -53.97 6.24
N GLN B 64 7.79 -55.31 6.34
CA GLN B 64 6.70 -56.14 5.84
C GLN B 64 5.78 -56.62 6.96
N GLY B 65 6.33 -57.10 8.06
CA GLY B 65 5.53 -57.43 9.22
C GLY B 65 4.92 -58.81 9.14
N PRO B 66 3.90 -59.04 9.98
CA PRO B 66 3.27 -60.36 10.03
C PRO B 66 2.08 -60.44 9.10
N PRO B 67 1.55 -61.64 8.85
CA PRO B 67 0.27 -61.76 8.12
C PRO B 67 -0.94 -61.40 8.97
N GLU B 68 -2.14 -61.63 8.43
CA GLU B 68 -3.39 -61.30 9.08
C GLU B 68 -4.46 -62.22 8.50
N ARG B 69 -5.73 -61.84 8.70
CA ARG B 69 -6.87 -62.59 8.15
C ARG B 69 -7.88 -61.60 7.59
N ASP B 70 -8.20 -61.74 6.30
CA ASP B 70 -9.10 -60.85 5.60
C ASP B 70 -10.54 -61.38 5.68
N LEU B 71 -11.42 -60.85 4.81
CA LEU B 71 -12.84 -61.19 4.84
C LEU B 71 -13.08 -62.67 4.52
N CYS B 72 -13.84 -63.35 5.41
CA CYS B 72 -14.13 -64.78 5.53
C CYS B 72 -12.91 -65.62 5.94
N GLY B 73 -11.75 -65.00 6.05
CA GLY B 73 -10.54 -65.71 6.40
C GLY B 73 -9.66 -65.97 5.20
N CYS B 74 -8.67 -65.09 4.99
CA CYS B 74 -7.68 -65.20 3.94
C CYS B 74 -6.52 -64.32 4.33
N TYR B 75 -5.30 -64.77 4.05
CA TYR B 75 -4.12 -64.06 4.48
C TYR B 75 -3.97 -62.74 3.71
N SER B 76 -3.39 -61.75 4.37
CA SER B 76 -3.29 -60.42 3.79
C SER B 76 -2.15 -59.68 4.47
N VAL B 77 -1.08 -59.43 3.73
CA VAL B 77 0.10 -58.79 4.27
C VAL B 77 0.31 -57.47 3.55
N SER B 78 0.68 -56.45 4.32
CA SER B 78 0.94 -55.12 3.78
C SER B 78 2.40 -54.78 3.98
N SER B 79 2.80 -53.58 3.57
CA SER B 79 4.14 -53.08 3.83
C SER B 79 4.11 -51.56 3.83
N VAL B 80 5.04 -50.95 4.55
CA VAL B 80 5.03 -49.52 4.79
C VAL B 80 6.41 -48.95 4.46
N LEU B 81 6.43 -47.68 4.07
CA LEU B 81 7.66 -46.99 3.67
C LEU B 81 7.79 -45.74 4.50
N PRO B 82 8.69 -45.71 5.49
CA PRO B 82 8.86 -44.51 6.31
C PRO B 82 9.55 -43.40 5.53
N GLY B 83 9.39 -42.18 6.03
CA GLY B 83 10.02 -41.02 5.46
C GLY B 83 9.49 -40.63 4.10
N CYS B 84 8.26 -40.15 4.05
CA CYS B 84 7.62 -39.80 2.79
C CYS B 84 6.87 -38.48 2.86
N ALA B 85 7.43 -37.50 3.57
CA ALA B 85 6.76 -36.21 3.71
C ALA B 85 7.17 -35.24 2.61
N GLU B 86 8.47 -34.96 2.50
CA GLU B 86 8.95 -34.05 1.48
C GLU B 86 8.79 -34.54 0.03
N PRO B 87 8.96 -35.82 -0.32
CA PRO B 87 8.58 -36.22 -1.69
C PRO B 87 7.10 -36.13 -1.97
N TRP B 88 6.24 -36.27 -0.94
CA TRP B 88 4.81 -36.16 -1.16
C TRP B 88 4.39 -34.71 -1.39
N ASN B 89 4.84 -33.81 -0.52
CA ASN B 89 4.48 -32.40 -0.68
C ASN B 89 5.18 -31.77 -1.87
N HIS B 90 6.36 -32.27 -2.25
CA HIS B 90 6.98 -31.80 -3.47
C HIS B 90 6.26 -32.30 -4.72
N GLY B 91 5.58 -33.44 -4.64
CA GLY B 91 4.80 -33.94 -5.74
C GLY B 91 5.41 -35.08 -6.53
N LYS B 92 6.24 -35.91 -5.91
CA LYS B 92 6.80 -37.06 -6.61
C LYS B 92 5.75 -38.15 -6.75
N THR B 93 6.10 -39.24 -7.43
CA THR B 93 5.17 -40.30 -7.71
C THR B 93 5.77 -41.62 -7.24
N PHE B 94 4.93 -42.47 -6.67
CA PHE B 94 5.38 -43.71 -6.07
C PHE B 94 4.72 -44.87 -6.79
N THR B 95 5.41 -46.02 -6.81
CA THR B 95 4.86 -47.23 -7.41
C THR B 95 5.16 -48.40 -6.48
N CYS B 96 4.30 -49.40 -6.54
CA CYS B 96 4.43 -50.59 -5.70
C CYS B 96 4.14 -51.83 -6.53
N THR B 97 5.07 -52.79 -6.50
CA THR B 97 4.92 -54.09 -7.14
C THR B 97 5.18 -55.18 -6.11
N ALA B 98 4.33 -56.20 -6.10
CA ALA B 98 4.50 -57.36 -5.22
C ALA B 98 4.76 -58.60 -6.05
N ALA B 99 5.01 -59.71 -5.37
CA ALA B 99 5.22 -61.00 -6.03
C ALA B 99 4.99 -62.16 -5.08
N TYR B 100 3.98 -62.96 -5.34
CA TYR B 100 3.70 -64.14 -4.53
C TYR B 100 4.33 -65.35 -5.22
N PRO B 101 4.60 -66.45 -4.50
CA PRO B 101 5.30 -67.58 -5.14
C PRO B 101 4.47 -68.31 -6.17
N GLU B 102 3.15 -68.18 -6.16
CA GLU B 102 2.32 -68.71 -7.25
C GLU B 102 2.02 -67.64 -8.30
N SER B 103 3.08 -66.98 -8.80
CA SER B 103 2.91 -65.91 -9.77
C SER B 103 4.05 -65.92 -10.78
N LYS B 104 3.70 -65.47 -11.99
CA LYS B 104 4.68 -65.07 -12.99
C LYS B 104 4.34 -63.68 -13.51
N THR B 105 3.58 -62.90 -12.73
CA THR B 105 3.25 -61.52 -13.10
C THR B 105 3.16 -60.72 -11.82
N PRO B 106 4.17 -59.89 -11.54
CA PRO B 106 4.04 -58.90 -10.47
C PRO B 106 2.91 -57.92 -10.75
N LEU B 107 2.23 -57.51 -9.68
CA LEU B 107 1.17 -56.52 -9.77
C LEU B 107 1.78 -55.12 -9.76
N THR B 108 0.93 -54.10 -9.77
CA THR B 108 1.41 -52.73 -9.74
C THR B 108 0.36 -51.83 -9.11
N ALA B 109 0.82 -50.68 -8.60
CA ALA B 109 -0.04 -49.63 -8.09
C ALA B 109 0.73 -48.33 -8.08
N THR B 110 0.03 -47.22 -8.33
CA THR B 110 0.63 -45.91 -8.28
C THR B 110 -0.34 -44.90 -7.69
N LEU B 111 0.21 -43.84 -7.08
CA LEU B 111 -0.56 -42.74 -6.53
C LEU B 111 0.34 -41.53 -6.41
N SER B 112 -0.28 -40.36 -6.31
CA SER B 112 0.47 -39.11 -6.18
C SER B 112 -0.40 -38.09 -5.46
N LYS B 113 0.24 -37.03 -4.97
CA LYS B 113 -0.50 -35.92 -4.36
C LYS B 113 -1.33 -35.21 -5.42
N SER B 114 -2.61 -35.02 -5.12
CA SER B 114 -3.61 -34.63 -6.10
C SER B 114 -3.44 -33.18 -6.55
N GLY B 115 -4.08 -32.85 -7.67
CA GLY B 115 -4.14 -31.50 -8.18
C GLY B 115 -5.58 -31.08 -8.38
N ASN B 116 -5.76 -29.82 -8.79
CA ASN B 116 -7.05 -29.14 -8.92
C ASN B 116 -7.80 -29.15 -7.59
N THR B 117 -7.19 -28.53 -6.59
CA THR B 117 -7.74 -28.50 -5.25
C THR B 117 -8.55 -27.23 -5.01
N PHE B 118 -9.33 -27.25 -3.94
CA PHE B 118 -10.10 -26.09 -3.52
C PHE B 118 -9.99 -25.97 -2.01
N ARG B 119 -10.17 -24.76 -1.53
CA ARG B 119 -10.10 -24.24 -0.18
C ARG B 119 -11.49 -24.22 0.45
N PRO B 120 -11.67 -24.75 1.66
CA PRO B 120 -13.01 -24.81 2.24
C PRO B 120 -13.49 -23.48 2.78
N GLU B 121 -14.82 -23.35 2.81
CA GLU B 121 -15.50 -22.24 3.44
C GLU B 121 -16.01 -22.71 4.80
N VAL B 122 -15.71 -21.95 5.85
CA VAL B 122 -16.03 -22.34 7.22
C VAL B 122 -17.06 -21.37 7.78
N HIS B 123 -18.15 -21.92 8.30
CA HIS B 123 -19.21 -21.13 8.90
C HIS B 123 -19.51 -21.66 10.28
N LEU B 124 -19.68 -20.76 11.24
CA LEU B 124 -20.02 -21.11 12.60
C LEU B 124 -21.36 -20.45 12.93
N LEU B 125 -22.30 -21.24 13.41
CA LEU B 125 -23.65 -20.72 13.48
C LEU B 125 -24.09 -20.54 14.92
N PRO B 126 -24.82 -19.46 15.22
CA PRO B 126 -25.27 -19.22 16.59
C PRO B 126 -26.41 -20.17 16.97
N PRO B 127 -26.76 -20.27 18.24
CA PRO B 127 -27.85 -21.16 18.64
C PRO B 127 -29.20 -20.67 18.13
N PRO B 128 -30.16 -21.56 17.96
CA PRO B 128 -31.52 -21.15 17.62
C PRO B 128 -32.18 -20.46 18.80
N SER B 129 -33.29 -19.77 18.52
CA SER B 129 -33.91 -18.94 19.54
C SER B 129 -34.70 -19.73 20.56
N GLU B 130 -35.20 -20.92 20.18
CA GLU B 130 -36.04 -21.67 21.10
C GLU B 130 -35.23 -22.39 22.16
N GLU B 131 -33.93 -22.59 21.92
CA GLU B 131 -33.11 -23.31 22.90
C GLU B 131 -32.65 -22.40 24.03
N LEU B 132 -32.57 -21.10 23.79
CA LEU B 132 -32.09 -20.18 24.82
C LEU B 132 -33.14 -19.95 25.91
N ALA B 133 -34.42 -20.15 25.57
CA ALA B 133 -35.49 -19.88 26.54
C ALA B 133 -35.59 -20.99 27.58
N LEU B 134 -35.36 -22.23 27.17
CA LEU B 134 -35.52 -23.35 28.09
C LEU B 134 -34.39 -23.42 29.10
N ASN B 135 -33.25 -22.82 28.78
CA ASN B 135 -32.20 -22.42 29.73
C ASN B 135 -31.53 -23.64 30.38
N GLU B 136 -31.28 -24.68 29.60
CA GLU B 136 -30.51 -25.83 30.06
C GLU B 136 -29.21 -26.05 29.31
N LEU B 137 -29.28 -26.24 27.99
CA LEU B 137 -28.09 -26.46 27.17
C LEU B 137 -28.35 -25.89 25.79
N VAL B 138 -27.30 -25.35 25.18
CA VAL B 138 -27.41 -24.76 23.85
C VAL B 138 -26.44 -25.48 22.92
N THR B 139 -26.69 -25.31 21.62
CA THR B 139 -26.06 -26.12 20.58
C THR B 139 -25.43 -25.22 19.53
N LEU B 140 -24.12 -25.35 19.33
CA LEU B 140 -23.40 -24.64 18.29
C LEU B 140 -23.07 -25.59 17.14
N THR B 141 -23.05 -25.04 15.93
CA THR B 141 -22.91 -25.83 14.72
C THR B 141 -21.78 -25.28 13.87
N CYS B 142 -20.94 -26.16 13.34
CA CYS B 142 -19.82 -25.79 12.48
C CYS B 142 -19.96 -26.51 11.16
N LEU B 143 -19.92 -25.75 10.06
CA LEU B 143 -20.11 -26.27 8.71
C LEU B 143 -18.91 -25.91 7.85
N ALA B 144 -18.33 -26.91 7.19
CA ALA B 144 -17.26 -26.69 6.22
C ALA B 144 -17.72 -27.19 4.87
N ARG B 145 -17.47 -26.39 3.83
CA ARG B 145 -18.12 -26.64 2.55
C ARG B 145 -17.23 -26.21 1.40
N GLY B 146 -17.15 -27.05 0.38
CA GLY B 146 -16.58 -26.63 -0.90
C GLY B 146 -15.11 -26.93 -1.09
N PHE B 147 -14.67 -28.14 -0.74
CA PHE B 147 -13.27 -28.51 -0.85
C PHE B 147 -13.15 -29.80 -1.63
N SER B 148 -12.14 -29.86 -2.51
CA SER B 148 -12.10 -30.96 -3.46
C SER B 148 -11.52 -32.28 -2.95
N PRO B 149 -10.37 -32.36 -2.27
CA PRO B 149 -10.00 -33.65 -1.71
C PRO B 149 -10.78 -33.92 -0.42
N LYS B 150 -11.10 -35.19 -0.19
CA LYS B 150 -12.10 -35.56 0.81
C LYS B 150 -11.62 -35.42 2.25
N ASP B 151 -10.33 -35.24 2.48
CA ASP B 151 -9.80 -35.30 3.83
C ASP B 151 -9.90 -33.96 4.54
N VAL B 152 -10.18 -33.99 5.85
CA VAL B 152 -10.40 -32.79 6.63
C VAL B 152 -10.23 -33.12 8.12
N LEU B 153 -9.94 -32.11 8.94
CA LEU B 153 -9.93 -32.24 10.39
C LEU B 153 -10.76 -31.12 11.02
N VAL B 154 -11.46 -31.44 12.11
CA VAL B 154 -12.30 -30.48 12.83
C VAL B 154 -11.98 -30.57 14.33
N ARG B 155 -11.67 -29.44 14.95
CA ARG B 155 -11.44 -29.35 16.39
C ARG B 155 -12.17 -28.16 16.97
N TRP B 156 -12.40 -28.16 18.28
CA TRP B 156 -13.09 -27.09 18.97
C TRP B 156 -12.19 -26.50 20.05
N LEU B 157 -12.48 -25.24 20.42
CA LEU B 157 -11.80 -24.58 21.53
C LEU B 157 -12.80 -23.77 22.32
N GLN B 158 -12.62 -23.75 23.64
CA GLN B 158 -13.38 -22.91 24.54
C GLN B 158 -12.43 -21.92 25.18
N GLY B 159 -12.58 -20.65 24.82
CA GLY B 159 -11.59 -19.68 25.22
C GLY B 159 -10.29 -19.91 24.50
N SER B 160 -9.30 -20.45 25.20
CA SER B 160 -8.02 -20.77 24.61
C SER B 160 -7.62 -22.22 24.80
N GLN B 161 -8.40 -23.00 25.54
CA GLN B 161 -8.07 -24.38 25.83
C GLN B 161 -8.85 -25.30 24.91
N GLU B 162 -8.20 -26.35 24.44
CA GLU B 162 -8.84 -27.31 23.55
C GLU B 162 -9.71 -28.27 24.33
N LEU B 163 -10.85 -28.56 23.81
CA LEU B 163 -11.79 -29.50 24.38
C LEU B 163 -11.42 -30.92 23.97
N PRO B 164 -11.71 -31.93 24.78
CA PRO B 164 -11.40 -33.30 24.40
C PRO B 164 -12.33 -33.82 23.31
N ARG B 165 -11.87 -34.85 22.60
CA ARG B 165 -12.58 -35.34 21.43
C ARG B 165 -13.85 -36.09 21.78
N GLU B 166 -14.02 -36.47 23.04
CA GLU B 166 -15.22 -37.19 23.48
C GLU B 166 -16.33 -36.26 23.95
N LYS B 167 -16.30 -34.98 23.57
CA LYS B 167 -17.31 -34.03 24.00
C LYS B 167 -18.14 -33.47 22.85
N TYR B 168 -17.82 -33.81 21.60
CA TYR B 168 -18.59 -33.34 20.46
C TYR B 168 -18.74 -34.47 19.45
N LEU B 169 -19.52 -34.21 18.42
CA LEU B 169 -19.88 -35.19 17.42
C LEU B 169 -19.69 -34.62 16.02
N THR B 170 -18.94 -35.32 15.18
CA THR B 170 -18.70 -34.87 13.81
C THR B 170 -18.95 -36.00 12.83
N TRP B 171 -19.70 -35.69 11.77
CA TRP B 171 -20.06 -36.65 10.76
C TRP B 171 -18.94 -36.81 9.74
N ALA B 172 -19.12 -37.73 8.80
CA ALA B 172 -18.11 -37.98 7.78
C ALA B 172 -18.21 -36.94 6.68
N SER B 173 -17.30 -37.00 5.73
CA SER B 173 -17.23 -36.04 4.64
C SER B 173 -17.83 -36.64 3.38
N ARG B 174 -18.93 -36.05 2.90
CA ARG B 174 -19.64 -36.55 1.74
C ARG B 174 -19.64 -35.47 0.68
N GLN B 175 -19.79 -35.87 -0.58
CA GLN B 175 -19.80 -34.89 -1.65
C GLN B 175 -21.20 -34.37 -1.91
N GLU B 176 -21.27 -33.11 -2.26
CA GLU B 176 -22.50 -32.34 -2.38
C GLU B 176 -22.91 -32.22 -3.84
N PRO B 177 -24.24 -31.97 -4.12
CA PRO B 177 -24.71 -31.86 -5.51
C PRO B 177 -23.99 -30.84 -6.38
N SER B 178 -23.89 -31.14 -7.68
CA SER B 178 -22.92 -30.48 -8.55
C SER B 178 -23.50 -29.21 -9.15
N GLN B 179 -22.79 -28.11 -8.97
CA GLN B 179 -23.04 -26.85 -9.66
C GLN B 179 -21.76 -26.36 -10.34
N GLY B 180 -21.10 -27.27 -11.06
CA GLY B 180 -19.79 -27.03 -11.60
C GLY B 180 -18.91 -28.23 -11.36
N THR B 181 -17.80 -28.03 -10.63
CA THR B 181 -16.92 -29.12 -10.28
C THR B 181 -17.42 -29.83 -9.02
N THR B 182 -16.79 -30.94 -8.67
CA THR B 182 -17.22 -31.75 -7.54
C THR B 182 -16.50 -31.32 -6.27
N THR B 183 -17.27 -31.06 -5.22
CA THR B 183 -16.76 -30.59 -3.94
C THR B 183 -17.39 -31.42 -2.83
N PHE B 184 -16.91 -31.22 -1.60
CA PHE B 184 -17.32 -32.01 -0.44
C PHE B 184 -17.81 -31.09 0.66
N ALA B 185 -18.29 -31.67 1.77
CA ALA B 185 -18.85 -30.92 2.88
C ALA B 185 -18.83 -31.77 4.15
N VAL B 186 -18.81 -31.10 5.30
CA VAL B 186 -18.81 -31.78 6.59
C VAL B 186 -19.43 -30.85 7.63
N THR B 187 -20.01 -31.44 8.68
CA THR B 187 -20.65 -30.72 9.78
C THR B 187 -20.13 -31.23 11.13
N SER B 188 -20.43 -30.48 12.19
CA SER B 188 -20.15 -30.88 13.56
C SER B 188 -21.00 -30.04 14.51
N ILE B 189 -21.34 -30.60 15.68
CA ILE B 189 -22.10 -29.88 16.69
C ILE B 189 -21.42 -29.99 18.05
N LEU B 190 -21.69 -29.00 18.90
CA LEU B 190 -21.15 -28.94 20.25
C LEU B 190 -22.22 -28.42 21.19
N ARG B 191 -22.47 -29.16 22.27
CA ARG B 191 -23.45 -28.74 23.27
C ARG B 191 -22.74 -28.18 24.49
N VAL B 192 -23.18 -26.99 24.94
CA VAL B 192 -22.53 -26.32 26.04
C VAL B 192 -23.61 -25.75 26.95
N ALA B 193 -23.25 -25.48 28.21
CA ALA B 193 -24.22 -25.08 29.20
C ALA B 193 -24.58 -23.61 29.07
N ALA B 194 -25.82 -23.28 29.42
CA ALA B 194 -26.33 -21.92 29.24
C ALA B 194 -25.76 -20.93 30.24
N GLU B 195 -25.18 -21.42 31.34
CA GLU B 195 -24.46 -20.53 32.24
C GLU B 195 -23.19 -20.01 31.59
N ASP B 196 -22.43 -20.90 30.95
CA ASP B 196 -21.21 -20.51 30.25
C ASP B 196 -21.47 -19.70 28.99
N TRP B 197 -22.68 -19.75 28.44
CA TRP B 197 -23.01 -18.99 27.25
C TRP B 197 -23.53 -17.59 27.56
N LYS B 198 -24.33 -17.45 28.61
CA LYS B 198 -24.88 -16.16 28.99
C LYS B 198 -23.93 -15.34 29.85
N LYS B 199 -22.77 -15.88 30.22
CA LYS B 199 -21.78 -15.13 30.97
C LYS B 199 -20.85 -14.34 30.07
N GLY B 200 -20.52 -14.85 28.89
CA GLY B 200 -19.72 -14.10 27.94
C GLY B 200 -18.50 -14.82 27.43
N ASP B 201 -18.45 -16.14 27.57
CA ASP B 201 -17.34 -16.90 27.05
C ASP B 201 -17.43 -17.02 25.53
N THR B 202 -16.28 -17.27 24.90
CA THR B 202 -16.21 -17.41 23.45
C THR B 202 -15.82 -18.82 23.08
N PHE B 203 -16.18 -19.21 21.86
CA PHE B 203 -15.93 -20.55 21.35
C PHE B 203 -15.39 -20.44 19.92
N SER B 204 -14.55 -21.40 19.55
CA SER B 204 -13.92 -21.40 18.23
C SER B 204 -13.96 -22.78 17.61
N CYS B 205 -14.05 -22.80 16.28
CA CYS B 205 -14.04 -24.01 15.47
C CYS B 205 -12.85 -23.92 14.53
N MET B 206 -12.01 -24.95 14.52
CA MET B 206 -10.81 -25.01 13.69
C MET B 206 -10.92 -26.14 12.67
N VAL B 207 -10.60 -25.82 11.43
CA VAL B 207 -10.70 -26.76 10.32
C VAL B 207 -9.32 -26.85 9.66
N GLY B 208 -8.89 -28.07 9.36
CA GLY B 208 -7.60 -28.31 8.73
C GLY B 208 -7.75 -29.09 7.43
N HIS B 209 -6.98 -28.67 6.41
CA HIS B 209 -7.12 -29.17 5.05
C HIS B 209 -5.81 -28.92 4.31
N GLU B 210 -5.59 -29.68 3.23
CA GLU B 210 -4.34 -29.58 2.47
C GLU B 210 -4.22 -28.27 1.72
N ALA B 211 -5.33 -27.79 1.14
CA ALA B 211 -5.27 -26.61 0.29
C ALA B 211 -5.26 -25.31 1.09
N LEU B 212 -5.45 -25.38 2.40
CA LEU B 212 -5.27 -24.20 3.23
C LEU B 212 -3.80 -23.82 3.29
N PRO B 213 -3.48 -22.54 3.46
CA PRO B 213 -2.08 -22.12 3.44
C PRO B 213 -1.22 -22.61 4.59
N LEU B 214 -1.64 -22.35 5.83
CA LEU B 214 -0.87 -22.76 7.01
C LEU B 214 -1.44 -23.97 7.69
N ALA B 215 -2.19 -24.80 6.97
CA ALA B 215 -2.79 -26.08 7.34
C ALA B 215 -3.95 -25.98 8.33
N PHE B 216 -4.27 -24.80 8.84
CA PHE B 216 -5.38 -24.67 9.77
C PHE B 216 -6.01 -23.29 9.62
N THR B 217 -7.31 -23.22 9.85
CA THR B 217 -7.97 -21.92 9.95
C THR B 217 -9.07 -22.06 11.00
N GLN B 218 -9.58 -20.94 11.48
CA GLN B 218 -10.56 -20.99 12.56
C GLN B 218 -11.53 -19.84 12.48
N LYS B 219 -12.64 -20.00 13.19
CA LYS B 219 -13.66 -18.98 13.31
C LYS B 219 -14.18 -19.01 14.74
N THR B 220 -14.76 -17.90 15.19
CA THR B 220 -15.13 -17.74 16.58
C THR B 220 -16.48 -17.05 16.72
N ILE B 221 -17.14 -17.27 17.85
CA ILE B 221 -18.47 -16.72 18.07
C ILE B 221 -18.68 -16.53 19.57
N ASP B 222 -19.60 -15.62 19.92
CA ASP B 222 -20.01 -15.42 21.30
C ASP B 222 -21.47 -14.99 21.29
N ARG B 223 -21.96 -14.50 22.44
CA ARG B 223 -23.39 -14.28 22.61
C ARG B 223 -23.83 -12.98 21.95
N LEU B 224 -22.90 -12.07 21.67
CA LEU B 224 -23.29 -10.81 21.06
C LEU B 224 -23.35 -10.90 19.55
N ALA B 225 -22.57 -11.79 18.95
CA ALA B 225 -22.51 -11.89 17.50
C ALA B 225 -23.76 -12.55 16.95
N GLY B 226 -24.30 -11.98 15.88
CA GLY B 226 -25.52 -12.48 15.27
C GLY B 226 -26.56 -11.39 15.10
N LYS B 227 -26.11 -10.13 15.16
CA LYS B 227 -27.02 -8.99 15.08
C LYS B 227 -26.90 -8.25 13.76
N THR B 229 -32.20 -7.09 18.95
CA THR B 229 -30.77 -6.86 18.97
C THR B 229 -30.46 -5.44 19.45
N HIS B 230 -30.49 -4.49 18.51
CA HIS B 230 -30.40 -3.05 18.75
C HIS B 230 -29.11 -2.67 19.47
N VAL B 231 -28.00 -2.87 18.75
CA VAL B 231 -26.67 -2.57 19.29
C VAL B 231 -26.40 -1.07 19.23
N ASN B 232 -25.61 -0.58 20.17
CA ASN B 232 -25.16 0.80 20.21
C ASN B 232 -23.76 0.89 19.62
N VAL B 233 -23.51 1.93 18.83
CA VAL B 233 -22.17 2.28 18.38
C VAL B 233 -21.99 3.78 18.53
N SER B 234 -20.76 4.21 18.81
CA SER B 234 -20.43 5.62 19.01
C SER B 234 -19.17 5.98 18.23
N VAL B 235 -19.26 7.06 17.46
CA VAL B 235 -18.14 7.63 16.70
C VAL B 235 -18.00 9.08 17.14
N VAL B 236 -16.76 9.55 17.35
CA VAL B 236 -16.52 10.89 17.88
C VAL B 236 -16.01 11.87 16.82
N MET B 237 -14.95 11.52 16.07
CA MET B 237 -14.37 12.32 14.98
C MET B 237 -13.93 13.70 15.47
N ALA B 238 -12.83 13.70 16.24
CA ALA B 238 -12.56 14.73 17.25
C ALA B 238 -12.25 16.11 16.66
N GLU B 239 -11.14 16.27 15.95
CA GLU B 239 -10.81 17.55 15.35
C GLU B 239 -10.92 17.41 13.83
N VAL B 240 -11.70 18.30 13.23
CA VAL B 240 -12.05 18.17 11.82
C VAL B 240 -11.24 19.14 10.97
N ASP B 241 -11.21 20.42 11.37
CA ASP B 241 -10.49 21.45 10.61
C ASP B 241 -9.19 21.75 11.35
N GLY B 242 -8.19 20.93 11.10
CA GLY B 242 -7.01 20.95 11.94
C GLY B 242 -5.66 20.77 11.28
N THR B 243 -5.48 21.29 10.06
CA THR B 243 -4.20 21.35 9.36
C THR B 243 -3.59 19.96 9.17
N CYS B 244 -4.22 19.19 8.29
CA CYS B 244 -3.78 17.82 8.03
C CYS B 244 -2.42 17.77 7.36
N TYR B 245 -1.39 17.46 8.13
CA TYR B 245 -0.04 17.30 7.60
C TYR B 245 0.76 16.38 8.51
N SER C 2 -9.91 -0.07 -9.58
CA SER C 2 -9.01 0.90 -10.20
C SER C 2 -7.68 0.35 -10.79
N PRO C 3 -7.01 -0.66 -10.19
CA PRO C 3 -5.88 -1.27 -10.91
C PRO C 3 -6.28 -2.31 -11.93
N ILE C 4 -7.56 -2.52 -12.18
CA ILE C 4 -8.04 -3.58 -13.06
C ILE C 4 -8.32 -2.98 -14.44
N PHE C 5 -8.00 -3.72 -15.48
CA PHE C 5 -8.04 -3.21 -16.84
C PHE C 5 -8.49 -4.31 -17.80
N GLY C 6 -9.31 -3.93 -18.78
CA GLY C 6 -9.79 -4.85 -19.78
C GLY C 6 -10.42 -4.12 -20.95
N PRO C 7 -11.14 -4.85 -21.82
CA PRO C 7 -11.73 -4.21 -23.00
C PRO C 7 -13.03 -3.50 -22.62
N GLU C 8 -13.16 -2.26 -23.07
CA GLU C 8 -14.33 -1.46 -22.69
C GLU C 8 -15.57 -1.92 -23.45
N GLU C 9 -15.46 -2.07 -24.76
CA GLU C 9 -16.55 -2.52 -25.58
C GLU C 9 -16.20 -3.83 -26.26
N VAL C 10 -17.17 -4.73 -26.34
CA VAL C 10 -17.01 -6.02 -27.01
C VAL C 10 -18.19 -6.21 -27.94
N ASN C 11 -17.92 -6.52 -29.21
CA ASN C 11 -18.94 -6.73 -30.21
C ASN C 11 -18.85 -8.15 -30.73
N SER C 12 -20.01 -8.74 -31.04
CA SER C 12 -20.07 -10.07 -31.61
C SER C 12 -21.42 -10.24 -32.31
N VAL C 13 -21.57 -11.38 -32.98
CA VAL C 13 -22.81 -11.77 -33.64
C VAL C 13 -23.25 -13.11 -33.08
N GLU C 14 -24.52 -13.44 -33.33
CA GLU C 14 -25.16 -14.59 -32.69
C GLU C 14 -24.54 -15.90 -33.14
N GLY C 15 -24.57 -16.89 -32.25
CA GLY C 15 -24.08 -18.21 -32.57
C GLY C 15 -22.60 -18.42 -32.34
N ASN C 16 -21.83 -17.33 -32.31
CA ASN C 16 -20.39 -17.44 -32.23
C ASN C 16 -19.91 -17.17 -30.80
N SER C 17 -18.65 -17.48 -30.55
CA SER C 17 -18.07 -17.44 -29.21
C SER C 17 -17.38 -16.10 -28.96
N VAL C 18 -16.95 -15.89 -27.72
CA VAL C 18 -16.24 -14.67 -27.33
C VAL C 18 -15.29 -15.01 -26.19
N SER C 19 -14.24 -14.21 -26.06
CA SER C 19 -13.20 -14.42 -25.08
C SER C 19 -12.72 -13.07 -24.55
N ILE C 20 -12.75 -12.90 -23.22
CA ILE C 20 -12.46 -11.63 -22.58
C ILE C 20 -11.28 -11.83 -21.64
N THR C 21 -10.35 -10.86 -21.62
CA THR C 21 -9.17 -10.92 -20.76
C THR C 21 -9.18 -9.72 -19.82
N CYS C 22 -8.90 -9.97 -18.54
CA CYS C 22 -8.81 -8.90 -17.55
C CYS C 22 -7.50 -9.01 -16.78
N TYR C 23 -6.96 -7.85 -16.40
CA TYR C 23 -5.59 -7.69 -15.92
C TYR C 23 -5.56 -7.21 -14.46
N TYR C 24 -4.59 -7.72 -13.70
CA TYR C 24 -4.44 -7.33 -12.30
C TYR C 24 -2.95 -7.32 -11.97
N PRO C 25 -2.57 -6.62 -10.90
CA PRO C 25 -1.16 -6.67 -10.45
C PRO C 25 -0.79 -8.04 -9.91
N PRO C 26 0.44 -8.49 -10.13
CA PRO C 26 0.82 -9.87 -9.78
C PRO C 26 1.17 -10.11 -8.31
N THR C 27 0.70 -9.25 -7.41
CA THR C 27 0.87 -9.42 -5.97
C THR C 27 0.30 -10.76 -5.52
N SER C 28 0.93 -11.36 -4.49
CA SER C 28 0.56 -12.70 -4.05
C SER C 28 -0.81 -12.74 -3.41
N VAL C 29 -1.32 -11.59 -2.96
CA VAL C 29 -2.71 -11.55 -2.49
C VAL C 29 -3.65 -11.72 -3.66
N ASN C 30 -3.30 -11.17 -4.82
CA ASN C 30 -4.16 -11.22 -5.99
C ASN C 30 -4.04 -12.53 -6.75
N ARG C 31 -2.94 -13.26 -6.60
CA ARG C 31 -2.78 -14.52 -7.29
C ARG C 31 -3.56 -15.65 -6.64
N HIS C 32 -4.06 -15.45 -5.43
CA HIS C 32 -4.81 -16.46 -4.71
C HIS C 32 -6.21 -16.05 -4.33
N THR C 33 -6.64 -14.84 -4.63
CA THR C 33 -7.96 -14.38 -4.24
C THR C 33 -8.98 -14.86 -5.27
N ARG C 34 -10.24 -14.51 -5.07
CA ARG C 34 -11.32 -14.99 -5.90
C ARG C 34 -11.60 -14.03 -7.04
N LYS C 35 -11.64 -14.56 -8.26
CA LYS C 35 -11.99 -13.81 -9.46
C LYS C 35 -13.44 -14.06 -9.82
N TYR C 36 -14.10 -13.06 -10.40
CA TYR C 36 -15.51 -13.28 -10.72
C TYR C 36 -15.88 -12.56 -12.01
N TRP C 37 -17.00 -12.99 -12.60
CA TRP C 37 -17.58 -12.35 -13.77
C TRP C 37 -19.04 -12.08 -13.45
N CYS C 38 -19.44 -10.80 -13.34
CA CYS C 38 -20.80 -10.51 -12.88
C CYS C 38 -21.53 -9.62 -13.87
N ARG C 39 -22.84 -9.58 -13.72
CA ARG C 39 -23.75 -8.80 -14.57
C ARG C 39 -24.66 -7.98 -13.68
N GLN C 40 -24.73 -6.68 -13.95
CA GLN C 40 -25.52 -5.77 -13.13
C GLN C 40 -26.78 -5.36 -13.86
N GLY C 41 -27.88 -5.31 -13.13
CA GLY C 41 -29.15 -4.88 -13.69
C GLY C 41 -29.61 -3.56 -13.10
N ALA C 42 -30.93 -3.37 -13.03
CA ALA C 42 -31.51 -2.13 -12.52
C ALA C 42 -31.80 -2.19 -11.02
N ARG C 43 -31.07 -3.02 -10.27
CA ARG C 43 -31.23 -3.12 -8.83
C ARG C 43 -29.95 -2.71 -8.09
N GLY C 44 -28.89 -2.39 -8.82
CA GLY C 44 -27.67 -1.94 -8.18
C GLY C 44 -26.81 -3.04 -7.60
N GLY C 45 -26.91 -4.26 -8.13
CA GLY C 45 -26.14 -5.37 -7.62
C GLY C 45 -25.78 -6.38 -8.69
N CYS C 46 -24.52 -6.79 -8.73
CA CYS C 46 -24.08 -7.86 -9.61
C CYS C 46 -24.69 -9.18 -9.16
N ILE C 47 -25.24 -9.91 -10.11
CA ILE C 47 -25.50 -11.33 -9.93
C ILE C 47 -24.34 -12.07 -10.58
N THR C 48 -23.68 -12.91 -9.80
CA THR C 48 -22.50 -13.62 -10.28
C THR C 48 -22.89 -14.70 -11.26
N LEU C 49 -22.11 -14.82 -12.34
CA LEU C 49 -22.43 -15.75 -13.40
C LEU C 49 -21.39 -16.87 -13.45
N ILE C 50 -20.13 -16.55 -13.16
CA ILE C 50 -19.11 -17.58 -13.03
C ILE C 50 -18.02 -17.04 -12.11
N SER C 51 -17.39 -17.95 -11.37
CA SER C 51 -16.46 -17.63 -10.30
C SER C 51 -15.22 -18.49 -10.43
N SER C 52 -14.18 -18.11 -9.71
CA SER C 52 -12.91 -18.81 -9.74
C SER C 52 -12.86 -20.00 -8.80
N GLU C 53 -13.87 -20.18 -7.96
CA GLU C 53 -13.85 -21.20 -6.92
C GLU C 53 -14.67 -22.43 -7.27
N GLY C 54 -15.35 -22.44 -8.41
CA GLY C 54 -16.08 -23.61 -8.80
C GLY C 54 -17.53 -23.33 -9.08
N TYR C 55 -17.97 -22.09 -8.93
CA TYR C 55 -19.36 -21.77 -9.17
C TYR C 55 -19.60 -21.49 -10.65
N VAL C 56 -20.55 -22.22 -11.23
CA VAL C 56 -21.09 -21.92 -12.55
C VAL C 56 -22.59 -21.74 -12.37
N SER C 57 -23.14 -20.69 -12.98
CA SER C 57 -24.55 -20.40 -12.80
C SER C 57 -25.42 -21.38 -13.58
N SER C 58 -26.73 -21.17 -13.50
CA SER C 58 -27.65 -22.03 -14.25
C SER C 58 -27.65 -21.70 -15.73
N LYS C 59 -27.51 -20.42 -16.07
CA LYS C 59 -27.59 -20.00 -17.46
C LYS C 59 -26.32 -20.27 -18.24
N TYR C 60 -25.21 -20.52 -17.55
CA TYR C 60 -23.91 -20.63 -18.19
C TYR C 60 -23.36 -22.05 -18.14
N ALA C 61 -24.22 -23.04 -17.96
CA ALA C 61 -23.77 -24.42 -17.81
C ALA C 61 -23.49 -25.02 -19.18
N GLY C 62 -22.23 -25.43 -19.40
CA GLY C 62 -21.80 -25.96 -20.66
C GLY C 62 -21.20 -24.93 -21.60
N ARG C 63 -21.62 -23.67 -21.50
CA ARG C 63 -21.16 -22.66 -22.43
C ARG C 63 -19.82 -22.07 -22.01
N ALA C 64 -19.73 -21.59 -20.77
CA ALA C 64 -18.67 -20.68 -20.36
C ALA C 64 -17.68 -21.41 -19.46
N ASN C 65 -16.51 -20.79 -19.28
CA ASN C 65 -15.57 -21.15 -18.22
C ASN C 65 -14.64 -19.96 -17.97
N LEU C 66 -13.80 -20.10 -16.95
CA LEU C 66 -12.93 -19.04 -16.47
C LEU C 66 -11.61 -19.65 -16.08
N THR C 67 -10.51 -19.02 -16.52
CA THR C 67 -9.18 -19.54 -16.29
C THR C 67 -8.30 -18.42 -15.75
N ASN C 68 -7.36 -18.76 -14.88
CA ASN C 68 -6.51 -17.79 -14.20
C ASN C 68 -5.05 -18.12 -14.48
N PHE C 69 -4.26 -17.12 -14.87
CA PHE C 69 -2.84 -17.32 -15.11
C PHE C 69 -2.05 -16.46 -14.15
N PRO C 70 -1.48 -17.03 -13.09
CA PRO C 70 -0.85 -16.20 -12.05
C PRO C 70 0.47 -15.59 -12.48
N GLU C 71 1.18 -16.24 -13.40
CA GLU C 71 2.49 -15.74 -13.80
C GLU C 71 2.37 -14.56 -14.76
N ASN C 72 1.33 -14.52 -15.58
CA ASN C 72 1.04 -13.31 -16.36
C ASN C 72 0.48 -12.23 -15.45
N GLY C 73 -0.61 -12.53 -14.76
CA GLY C 73 -1.39 -11.54 -14.07
C GLY C 73 -2.70 -11.27 -14.79
N THR C 74 -3.26 -12.31 -15.42
CA THR C 74 -4.47 -12.17 -16.21
C THR C 74 -5.46 -13.26 -15.84
N PHE C 75 -6.74 -13.02 -16.15
CA PHE C 75 -7.69 -14.11 -16.16
C PHE C 75 -8.64 -13.93 -17.34
N VAL C 76 -9.03 -15.07 -17.92
CA VAL C 76 -9.75 -15.15 -19.19
C VAL C 76 -11.12 -15.78 -18.94
N VAL C 77 -12.12 -15.25 -19.64
CA VAL C 77 -13.50 -15.73 -19.57
C VAL C 77 -13.90 -16.12 -20.98
N ASN C 78 -14.28 -17.38 -21.17
CA ASN C 78 -14.71 -17.85 -22.48
C ASN C 78 -16.21 -18.13 -22.44
N ILE C 79 -16.96 -17.50 -23.35
CA ILE C 79 -18.40 -17.73 -23.45
C ILE C 79 -18.70 -18.23 -24.85
N ALA C 80 -19.59 -19.22 -24.93
CA ALA C 80 -19.92 -19.83 -26.22
C ALA C 80 -21.43 -19.84 -26.38
N GLN C 81 -21.85 -20.02 -27.65
CA GLN C 81 -23.26 -20.02 -28.07
C GLN C 81 -23.99 -18.76 -27.62
N LEU C 82 -23.52 -17.61 -28.08
CA LEU C 82 -24.09 -16.35 -27.66
C LEU C 82 -25.46 -16.14 -28.30
N SER C 83 -26.22 -15.21 -27.73
CA SER C 83 -27.56 -14.93 -28.21
C SER C 83 -27.83 -13.45 -27.98
N GLN C 84 -29.02 -13.01 -28.39
CA GLN C 84 -29.32 -11.60 -28.33
C GLN C 84 -29.76 -11.16 -26.93
N ASP C 85 -30.02 -12.09 -26.03
CA ASP C 85 -30.37 -11.76 -24.65
C ASP C 85 -29.15 -11.49 -23.78
N ASP C 86 -27.95 -11.49 -24.34
CA ASP C 86 -26.73 -11.25 -23.59
C ASP C 86 -26.17 -9.86 -23.83
N SER C 87 -27.03 -8.88 -24.09
CA SER C 87 -26.60 -7.52 -24.41
C SER C 87 -26.77 -6.65 -23.17
N GLY C 88 -25.67 -6.26 -22.56
CA GLY C 88 -25.76 -5.44 -21.37
C GLY C 88 -24.41 -5.13 -20.78
N ARG C 89 -24.42 -4.75 -19.51
CA ARG C 89 -23.23 -4.31 -18.80
C ARG C 89 -22.78 -5.38 -17.82
N TYR C 90 -21.46 -5.58 -17.77
CA TYR C 90 -20.84 -6.63 -16.97
C TYR C 90 -19.66 -6.04 -16.22
N LYS C 91 -19.05 -6.85 -15.35
CA LYS C 91 -17.88 -6.42 -14.60
C LYS C 91 -16.94 -7.59 -14.40
N CYS C 92 -15.65 -7.35 -14.63
CA CYS C 92 -14.55 -8.17 -14.14
C CYS C 92 -14.19 -7.73 -12.74
N GLY C 93 -13.61 -8.61 -11.95
CA GLY C 93 -13.17 -8.18 -10.63
C GLY C 93 -12.56 -9.26 -9.79
N LEU C 94 -12.02 -8.82 -8.65
CA LEU C 94 -11.36 -9.63 -7.64
C LEU C 94 -12.00 -9.38 -6.28
N GLY C 95 -12.18 -10.44 -5.51
CA GLY C 95 -12.60 -10.26 -4.12
C GLY C 95 -14.09 -10.38 -3.92
N ILE C 96 -14.69 -9.35 -3.32
CA ILE C 96 -16.10 -9.32 -2.97
C ILE C 96 -16.81 -8.34 -3.90
N ASN C 97 -17.98 -8.75 -4.41
CA ASN C 97 -18.73 -8.03 -5.44
C ASN C 97 -19.10 -6.60 -5.05
N SER C 98 -19.31 -6.32 -3.77
CA SER C 98 -19.84 -5.03 -3.38
C SER C 98 -18.76 -3.96 -3.30
N ARG C 99 -17.49 -4.34 -3.25
CA ARG C 99 -16.40 -3.37 -3.23
C ARG C 99 -16.12 -2.89 -4.65
N GLY C 100 -15.01 -2.20 -4.84
CA GLY C 100 -14.77 -1.60 -6.13
C GLY C 100 -13.49 -2.02 -6.82
N LEU C 101 -13.05 -3.26 -6.60
CA LEU C 101 -11.86 -3.78 -7.27
C LEU C 101 -12.27 -4.45 -8.59
N SER C 102 -12.94 -3.66 -9.43
CA SER C 102 -13.66 -4.19 -10.58
C SER C 102 -13.34 -3.35 -11.81
N PHE C 103 -13.93 -3.75 -12.94
CA PHE C 103 -13.80 -3.02 -14.19
C PHE C 103 -15.04 -3.28 -15.02
N ASP C 104 -15.59 -2.22 -15.62
CA ASP C 104 -16.85 -2.30 -16.33
C ASP C 104 -16.64 -2.65 -17.81
N VAL C 105 -17.50 -3.54 -18.31
CA VAL C 105 -17.46 -4.02 -19.68
C VAL C 105 -18.86 -3.85 -20.26
N SER C 106 -18.95 -3.45 -21.52
CA SER C 106 -20.22 -3.42 -22.22
C SER C 106 -20.22 -4.46 -23.33
N LEU C 107 -21.36 -5.10 -23.57
CA LEU C 107 -21.43 -6.17 -24.55
C LEU C 107 -22.70 -6.04 -25.36
N GLU C 108 -22.56 -6.12 -26.68
CA GLU C 108 -23.67 -5.93 -27.62
C GLU C 108 -23.63 -7.02 -28.67
N VAL C 109 -24.72 -7.79 -28.76
CA VAL C 109 -24.87 -8.85 -29.73
C VAL C 109 -26.01 -8.46 -30.67
N SER C 110 -25.81 -8.72 -31.96
CA SER C 110 -26.79 -8.37 -32.98
C SER C 110 -26.90 -9.53 -33.95
N GLN C 111 -28.07 -9.65 -34.59
CA GLN C 111 -28.36 -10.83 -35.39
C GLN C 111 -27.56 -10.83 -36.68
N GLY C 112 -27.20 -12.03 -37.12
CA GLY C 112 -26.29 -12.18 -38.23
C GLY C 112 -26.99 -12.13 -39.56
N PRO C 113 -26.25 -12.45 -40.61
CA PRO C 113 -26.82 -12.46 -41.96
C PRO C 113 -27.56 -13.76 -42.23
N GLY C 114 -28.00 -13.91 -43.48
CA GLY C 114 -28.68 -15.11 -43.90
C GLY C 114 -29.83 -14.82 -44.84
N LEU C 115 -29.99 -15.67 -45.87
CA LEU C 115 -31.13 -15.77 -46.78
C LEU C 115 -31.22 -14.62 -47.78
N LEU C 116 -30.38 -13.59 -47.63
CA LEU C 116 -30.48 -12.40 -48.46
C LEU C 116 -29.48 -12.47 -49.61
N ASN C 117 -29.75 -13.39 -50.52
CA ASN C 117 -28.96 -13.53 -51.74
C ASN C 117 -29.15 -12.38 -52.72
N ASP C 118 -30.16 -11.54 -52.52
CA ASP C 118 -30.46 -10.41 -53.39
C ASP C 118 -29.57 -9.19 -53.13
N THR C 119 -28.59 -9.29 -52.23
CA THR C 119 -27.68 -8.18 -51.94
C THR C 119 -26.33 -8.76 -51.59
N LYS C 120 -25.28 -8.27 -52.24
CA LYS C 120 -23.92 -8.73 -51.96
C LYS C 120 -23.29 -7.84 -50.88
N VAL C 121 -22.12 -8.23 -50.39
CA VAL C 121 -21.45 -7.56 -49.28
C VAL C 121 -20.00 -7.28 -49.63
N TYR C 122 -19.46 -6.24 -49.01
CA TYR C 122 -18.05 -5.86 -49.15
C TYR C 122 -17.59 -5.21 -47.86
N THR C 123 -16.49 -5.71 -47.30
CA THR C 123 -15.91 -5.17 -46.07
C THR C 123 -14.40 -5.04 -46.21
N VAL C 124 -13.89 -3.82 -46.02
CA VAL C 124 -12.45 -3.57 -46.03
C VAL C 124 -12.07 -2.70 -44.84
N ASP C 125 -10.77 -2.44 -44.69
CA ASP C 125 -10.27 -1.58 -43.64
C ASP C 125 -10.28 -0.13 -44.08
N LEU C 126 -10.22 0.76 -43.09
CA LEU C 126 -10.23 2.19 -43.36
C LEU C 126 -8.91 2.63 -43.98
N GLY C 127 -8.98 3.04 -45.24
CA GLY C 127 -7.81 3.50 -45.97
C GLY C 127 -7.22 2.51 -46.95
N ARG C 128 -7.83 1.34 -47.12
CA ARG C 128 -7.30 0.33 -48.03
C ARG C 128 -7.95 0.45 -49.41
N THR C 129 -7.75 -0.57 -50.24
CA THR C 129 -8.29 -0.66 -51.59
C THR C 129 -9.48 -1.60 -51.63
N VAL C 130 -10.45 -1.29 -52.49
CA VAL C 130 -11.58 -2.18 -52.72
C VAL C 130 -11.93 -2.10 -54.20
N THR C 131 -12.59 -3.14 -54.72
CA THR C 131 -13.13 -3.08 -56.06
C THR C 131 -14.49 -3.76 -56.09
N ILE C 132 -15.38 -3.24 -56.93
CA ILE C 132 -16.73 -3.74 -57.11
C ILE C 132 -16.82 -4.36 -58.49
N ASN C 133 -17.30 -5.59 -58.56
CA ASN C 133 -17.48 -6.33 -59.80
C ASN C 133 -18.96 -6.30 -60.14
N CYS C 134 -19.28 -5.92 -61.38
CA CYS C 134 -20.68 -5.74 -61.77
C CYS C 134 -20.89 -6.21 -63.20
N PRO C 135 -21.84 -7.10 -63.45
CA PRO C 135 -22.12 -7.53 -64.82
C PRO C 135 -23.03 -6.54 -65.55
N PHE C 136 -22.77 -6.38 -66.84
CA PHE C 136 -23.65 -5.60 -67.70
C PHE C 136 -23.84 -6.36 -69.00
N LYS C 137 -25.10 -6.41 -69.43
CA LYS C 137 -25.55 -7.53 -70.24
C LYS C 137 -25.05 -7.49 -71.67
N THR C 138 -25.03 -8.67 -72.28
CA THR C 138 -24.38 -8.92 -73.57
C THR C 138 -25.08 -8.14 -74.69
N GLU C 139 -26.36 -7.81 -74.49
CA GLU C 139 -27.07 -6.97 -75.44
C GLU C 139 -26.61 -5.52 -75.38
N ASN C 140 -25.79 -5.16 -74.38
CA ASN C 140 -25.07 -3.90 -74.36
C ASN C 140 -23.59 -4.19 -74.64
N ALA C 141 -23.10 -3.75 -75.79
CA ALA C 141 -21.66 -3.65 -75.99
C ALA C 141 -21.19 -2.23 -75.71
N GLN C 142 -21.67 -1.26 -76.49
CA GLN C 142 -21.38 0.16 -76.26
C GLN C 142 -22.67 0.86 -75.84
N LYS C 143 -23.01 0.68 -74.56
CA LYS C 143 -24.14 1.33 -73.90
C LYS C 143 -23.68 1.59 -72.48
N ARG C 144 -24.14 2.70 -71.91
CA ARG C 144 -23.57 3.32 -70.71
C ARG C 144 -23.40 2.36 -69.54
N LYS C 145 -22.26 2.47 -68.87
CA LYS C 145 -22.06 1.91 -67.55
C LYS C 145 -22.08 3.03 -66.52
N SER C 146 -22.70 2.77 -65.36
CA SER C 146 -22.83 3.86 -64.39
C SER C 146 -22.98 3.29 -62.99
N LEU C 147 -22.65 4.11 -61.99
CA LEU C 147 -22.82 3.78 -60.59
C LEU C 147 -23.78 4.79 -59.97
N TYR C 148 -24.43 4.39 -58.88
CA TYR C 148 -25.43 5.25 -58.24
C TYR C 148 -25.34 5.06 -56.73
N LYS C 149 -25.17 6.17 -56.03
CA LYS C 149 -25.05 6.17 -54.58
C LYS C 149 -26.40 6.52 -53.98
N GLN C 150 -26.97 5.59 -53.20
CA GLN C 150 -28.29 5.75 -52.61
C GLN C 150 -28.12 6.44 -51.26
N ILE C 151 -28.28 7.75 -51.23
CA ILE C 151 -28.12 8.52 -50.00
C ILE C 151 -29.52 8.84 -49.48
N GLY C 152 -29.96 8.03 -48.51
CA GLY C 152 -31.18 8.25 -47.77
C GLY C 152 -32.45 8.32 -48.58
N LEU C 153 -32.95 9.54 -48.74
CA LEU C 153 -34.13 9.82 -49.55
C LEU C 153 -33.89 9.46 -51.01
N TYR C 154 -32.72 9.85 -51.56
CA TYR C 154 -32.58 9.90 -53.01
C TYR C 154 -31.32 9.19 -53.51
N PRO C 155 -31.33 8.72 -54.75
CA PRO C 155 -30.09 8.27 -55.38
C PRO C 155 -29.44 9.39 -56.20
N VAL C 156 -28.12 9.49 -56.06
CA VAL C 156 -27.29 10.42 -56.81
C VAL C 156 -26.29 9.61 -57.62
N LEU C 157 -25.49 10.28 -58.43
CA LEU C 157 -24.56 9.62 -59.33
C LEU C 157 -23.14 9.98 -58.94
N VAL C 158 -22.23 9.02 -59.05
CA VAL C 158 -20.84 9.27 -58.69
C VAL C 158 -19.84 9.05 -59.83
N ILE C 159 -20.08 8.13 -60.77
CA ILE C 159 -19.18 7.97 -61.92
C ILE C 159 -19.96 7.39 -63.10
N ASP C 160 -19.95 8.10 -64.22
CA ASP C 160 -20.51 7.62 -65.49
C ASP C 160 -19.46 6.88 -66.29
N SER C 161 -19.83 6.55 -67.53
CA SER C 161 -18.88 6.02 -68.49
C SER C 161 -18.49 7.09 -69.50
N SER C 162 -18.63 8.34 -69.09
CA SER C 162 -18.29 9.45 -69.97
C SER C 162 -17.52 10.55 -69.25
N GLY C 163 -17.09 10.33 -68.01
CA GLY C 163 -16.14 11.20 -67.36
C GLY C 163 -16.66 12.05 -66.23
N TYR C 164 -17.97 12.07 -65.96
CA TYR C 164 -18.43 12.83 -64.82
C TYR C 164 -18.19 12.06 -63.53
N VAL C 165 -17.32 12.60 -62.69
CA VAL C 165 -17.09 12.11 -61.35
C VAL C 165 -17.34 13.24 -60.35
N ASN C 166 -18.11 12.93 -59.30
CA ASN C 166 -18.64 13.76 -58.23
C ASN C 166 -17.51 14.42 -57.44
N PRO C 167 -17.70 15.65 -56.95
CA PRO C 167 -16.63 16.32 -56.17
C PRO C 167 -16.28 15.66 -54.85
N ASN C 168 -17.12 14.76 -54.32
CA ASN C 168 -16.71 14.03 -53.12
C ASN C 168 -15.64 12.98 -53.41
N TYR C 169 -15.56 12.49 -54.65
CA TYR C 169 -14.70 11.36 -54.97
C TYR C 169 -13.62 11.71 -56.00
N THR C 170 -13.09 12.93 -55.96
CA THR C 170 -12.10 13.33 -56.96
C THR C 170 -10.77 12.62 -56.74
N GLY C 171 -10.36 11.87 -57.76
CA GLY C 171 -9.02 11.32 -57.80
C GLY C 171 -8.81 9.99 -57.13
N ARG C 172 -9.81 9.44 -56.44
CA ARG C 172 -9.66 8.16 -55.76
C ARG C 172 -10.78 7.21 -56.16
N ILE C 173 -11.14 7.20 -57.44
CA ILE C 173 -12.14 6.27 -57.97
C ILE C 173 -11.81 6.05 -59.44
N ARG C 174 -12.15 4.87 -59.95
CA ARG C 174 -11.90 4.57 -61.35
C ARG C 174 -12.86 3.49 -61.80
N LEU C 175 -13.21 3.54 -63.08
CA LEU C 175 -14.02 2.51 -63.72
C LEU C 175 -13.17 1.83 -64.79
N ASP C 176 -13.11 0.50 -64.72
CA ASP C 176 -12.33 -0.28 -65.67
C ASP C 176 -13.21 -1.34 -66.30
N ILE C 177 -13.29 -1.31 -67.62
CA ILE C 177 -13.58 -2.51 -68.39
C ILE C 177 -12.30 -2.86 -69.15
N GLN C 178 -11.65 -3.93 -68.72
CA GLN C 178 -10.41 -4.35 -69.36
C GLN C 178 -10.69 -5.05 -70.67
N GLY C 179 -9.63 -5.49 -71.33
CA GLY C 179 -9.77 -6.19 -72.59
C GLY C 179 -10.21 -7.63 -72.45
N THR C 180 -9.64 -8.49 -73.31
CA THR C 180 -9.75 -9.96 -73.25
C THR C 180 -11.21 -10.39 -73.43
N GLY C 181 -11.96 -9.56 -74.18
CA GLY C 181 -13.36 -9.83 -74.47
C GLY C 181 -14.24 -9.84 -73.25
N GLN C 182 -13.97 -8.94 -72.30
CA GLN C 182 -14.73 -8.87 -71.06
C GLN C 182 -15.95 -7.97 -71.26
N LEU C 183 -17.13 -8.50 -70.98
CA LEU C 183 -18.37 -7.74 -70.97
C LEU C 183 -18.97 -7.69 -69.57
N LEU C 184 -18.11 -7.48 -68.58
CA LEU C 184 -18.48 -7.04 -67.25
C LEU C 184 -17.79 -5.69 -67.04
N PHE C 185 -17.91 -5.13 -65.85
CA PHE C 185 -17.05 -3.99 -65.53
C PHE C 185 -16.80 -3.94 -64.03
N SER C 186 -15.78 -3.18 -63.66
CA SER C 186 -15.35 -3.07 -62.27
C SER C 186 -15.13 -1.61 -61.92
N VAL C 187 -15.34 -1.29 -60.66
CA VAL C 187 -15.09 0.05 -60.14
C VAL C 187 -14.16 -0.08 -58.94
N VAL C 188 -12.99 0.56 -59.02
CA VAL C 188 -11.95 0.43 -58.02
C VAL C 188 -11.86 1.72 -57.23
N ILE C 189 -11.79 1.59 -55.91
CA ILE C 189 -11.70 2.73 -55.00
C ILE C 189 -10.47 2.55 -54.10
N ASN C 190 -9.62 3.56 -54.08
CA ASN C 190 -8.46 3.62 -53.21
C ASN C 190 -8.76 4.60 -52.08
N GLN C 191 -8.07 4.42 -50.95
CA GLN C 191 -8.12 5.31 -49.78
C GLN C 191 -9.54 5.47 -49.25
N LEU C 192 -10.10 4.37 -48.74
CA LEU C 192 -11.48 4.39 -48.27
C LEU C 192 -11.62 5.21 -46.99
N ARG C 193 -12.77 5.86 -46.85
CA ARG C 193 -13.03 6.70 -45.69
C ARG C 193 -14.21 6.17 -44.88
N LEU C 194 -14.47 6.80 -43.74
CA LEU C 194 -15.65 6.46 -42.96
C LEU C 194 -16.93 7.03 -43.57
N SER C 195 -16.80 8.04 -44.43
CA SER C 195 -17.93 8.67 -45.09
C SER C 195 -18.27 8.00 -46.42
N ASP C 196 -17.93 6.73 -46.59
CA ASP C 196 -18.22 6.00 -47.81
C ASP C 196 -19.08 4.77 -47.59
N ALA C 197 -19.68 4.63 -46.41
CA ALA C 197 -20.49 3.45 -46.14
C ALA C 197 -21.84 3.57 -46.83
N GLY C 198 -22.57 2.47 -46.88
CA GLY C 198 -23.92 2.52 -47.37
C GLY C 198 -24.19 1.46 -48.42
N GLN C 199 -25.29 1.66 -49.14
CA GLN C 199 -25.76 0.73 -50.15
C GLN C 199 -25.68 1.41 -51.51
N TYR C 200 -24.88 0.85 -52.40
CA TYR C 200 -24.75 1.36 -53.75
C TYR C 200 -25.79 0.69 -54.66
N LEU C 201 -25.74 1.04 -55.94
CA LEU C 201 -26.45 0.30 -56.98
C LEU C 201 -25.77 0.60 -58.31
N CYS C 202 -25.41 -0.46 -59.03
CA CYS C 202 -24.93 -0.34 -60.40
C CYS C 202 -26.04 0.11 -61.34
N GLN C 203 -25.66 0.37 -62.58
CA GLN C 203 -26.60 0.41 -63.68
C GLN C 203 -25.86 0.19 -64.99
N ALA C 204 -26.56 -0.44 -65.94
CA ALA C 204 -26.16 -0.52 -67.35
C ALA C 204 -27.23 0.20 -68.16
N GLY C 205 -27.13 1.52 -68.25
CA GLY C 205 -27.94 2.30 -69.15
C GLY C 205 -29.27 2.73 -68.57
N ASP C 206 -29.93 3.63 -69.30
CA ASP C 206 -31.32 4.04 -69.06
C ASP C 206 -32.32 2.95 -69.42
N ASP C 207 -31.84 1.92 -70.12
CA ASP C 207 -32.65 1.02 -70.95
C ASP C 207 -33.58 0.13 -70.15
N SER C 208 -34.39 -0.65 -70.87
CA SER C 208 -35.19 -1.69 -70.24
C SER C 208 -34.33 -2.81 -69.66
N ASN C 209 -33.14 -3.04 -70.24
CA ASN C 209 -32.27 -4.13 -69.80
C ASN C 209 -31.81 -3.92 -68.36
N SER C 210 -30.94 -2.91 -68.16
CA SER C 210 -30.60 -2.31 -66.86
C SER C 210 -30.19 -3.33 -65.81
N ASN C 211 -29.13 -4.11 -66.08
CA ASN C 211 -28.78 -5.21 -65.20
C ASN C 211 -28.17 -4.68 -63.91
N LYS C 212 -29.03 -4.31 -62.98
CA LYS C 212 -28.63 -3.75 -61.71
C LYS C 212 -28.33 -4.86 -60.71
N LYS C 213 -27.42 -4.58 -59.78
CA LYS C 213 -27.21 -5.49 -58.66
C LYS C 213 -26.77 -4.67 -57.47
N ASN C 214 -27.63 -4.57 -56.47
CA ASN C 214 -27.41 -3.72 -55.32
C ASN C 214 -26.37 -4.34 -54.39
N ALA C 215 -25.52 -3.49 -53.84
CA ALA C 215 -24.40 -3.97 -53.04
C ALA C 215 -24.24 -3.09 -51.81
N ASP C 216 -23.53 -3.64 -50.82
CA ASP C 216 -23.23 -2.98 -49.57
C ASP C 216 -21.75 -2.63 -49.54
N LEU C 217 -21.39 -1.61 -48.75
CA LEU C 217 -19.98 -1.29 -48.52
C LEU C 217 -19.82 -0.88 -47.07
N GLN C 218 -19.25 -1.77 -46.26
CA GLN C 218 -18.93 -1.46 -44.88
C GLN C 218 -17.44 -1.13 -44.74
N VAL C 219 -17.13 -0.29 -43.76
CA VAL C 219 -15.75 0.12 -43.52
C VAL C 219 -15.43 -0.12 -42.05
N LEU C 220 -14.32 -0.78 -41.77
CA LEU C 220 -14.00 -1.26 -40.44
C LEU C 220 -13.05 -0.31 -39.73
N LYS C 221 -13.41 0.12 -38.54
CA LYS C 221 -12.48 0.76 -37.63
C LYS C 221 -11.54 -0.29 -37.04
N PRO C 222 -10.32 0.09 -36.70
CA PRO C 222 -9.39 -0.90 -36.12
C PRO C 222 -9.66 -1.13 -34.65
N GLU C 223 -9.64 -2.40 -34.26
CA GLU C 223 -9.83 -2.75 -32.86
C GLU C 223 -8.55 -2.48 -32.09
N PRO C 224 -8.62 -1.81 -30.94
CA PRO C 224 -7.40 -1.50 -30.19
C PRO C 224 -6.78 -2.73 -29.57
N GLU C 225 -5.50 -2.63 -29.28
CA GLU C 225 -4.75 -3.67 -28.59
C GLU C 225 -4.44 -3.18 -27.20
N LEU C 226 -4.67 -4.02 -26.20
CA LEU C 226 -4.52 -3.63 -24.80
C LEU C 226 -3.10 -3.83 -24.32
N VAL C 227 -2.52 -2.78 -23.73
CA VAL C 227 -1.17 -2.81 -23.20
C VAL C 227 -1.23 -2.45 -21.72
N TYR C 228 -0.58 -3.25 -20.89
CA TYR C 228 -0.63 -3.09 -19.44
C TYR C 228 0.79 -2.91 -18.91
N GLU C 229 1.11 -1.71 -18.44
CA GLU C 229 2.44 -1.38 -17.96
C GLU C 229 2.35 -0.73 -16.58
N ASP C 230 3.51 -0.30 -16.10
CA ASP C 230 3.68 0.21 -14.75
C ASP C 230 4.05 1.69 -14.76
N LEU C 231 4.08 2.29 -13.57
CA LEU C 231 4.77 3.54 -13.39
C LEU C 231 6.27 3.33 -13.54
N ARG C 232 6.95 4.36 -14.04
CA ARG C 232 8.37 4.44 -14.37
C ARG C 232 8.93 3.20 -15.06
N GLY C 233 8.14 2.61 -15.95
CA GLY C 233 8.59 1.51 -16.77
C GLY C 233 8.69 1.94 -18.22
N SER C 234 8.52 1.02 -19.16
CA SER C 234 8.70 1.34 -20.57
C SER C 234 7.76 0.50 -21.41
N VAL C 235 7.53 0.96 -22.63
CA VAL C 235 6.60 0.32 -23.55
C VAL C 235 7.21 0.33 -24.96
N THR C 236 6.89 -0.71 -25.73
CA THR C 236 7.32 -0.85 -27.11
C THR C 236 6.11 -1.11 -27.99
N PHE C 237 5.86 -0.23 -28.96
CA PHE C 237 4.82 -0.43 -29.95
C PHE C 237 5.42 -0.99 -31.22
N HIS C 238 4.69 -1.89 -31.87
CA HIS C 238 5.10 -2.50 -33.13
C HIS C 238 4.11 -2.09 -34.21
N CYS C 239 4.53 -1.18 -35.09
CA CYS C 239 3.70 -0.84 -36.24
C CYS C 239 4.04 -1.80 -37.38
N ALA C 240 3.00 -2.41 -37.94
CA ALA C 240 3.15 -3.52 -38.87
C ALA C 240 2.24 -3.34 -40.07
N LEU C 241 2.30 -2.18 -40.71
CA LEU C 241 1.58 -1.99 -41.95
C LEU C 241 2.25 -2.79 -43.08
N GLY C 242 1.58 -2.86 -44.22
CA GLY C 242 2.02 -3.70 -45.29
C GLY C 242 3.17 -3.12 -46.08
N PRO C 243 3.63 -3.87 -47.09
CA PRO C 243 4.67 -3.33 -47.98
C PRO C 243 4.17 -2.27 -48.94
N GLU C 244 2.86 -2.12 -49.09
CA GLU C 244 2.33 -1.18 -50.06
C GLU C 244 2.39 0.27 -49.59
N VAL C 245 2.83 0.52 -48.36
CA VAL C 245 3.01 1.88 -47.87
C VAL C 245 4.41 2.04 -47.31
N ALA C 246 5.36 1.29 -47.87
CA ALA C 246 6.72 1.28 -47.33
C ALA C 246 7.47 2.57 -47.63
N ASN C 247 6.99 3.38 -48.56
CA ASN C 247 7.69 4.60 -48.97
C ASN C 247 6.93 5.87 -48.57
N VAL C 248 6.07 5.81 -47.57
CA VAL C 248 5.32 6.97 -47.12
C VAL C 248 5.83 7.31 -45.72
N ALA C 249 5.66 8.57 -45.33
CA ALA C 249 6.05 8.98 -43.98
C ALA C 249 5.12 8.33 -42.96
N LYS C 250 5.60 8.22 -41.72
CA LYS C 250 4.87 7.59 -40.64
C LYS C 250 4.70 8.59 -39.51
N PHE C 251 3.83 8.28 -38.56
CA PHE C 251 3.62 9.16 -37.42
C PHE C 251 3.08 8.34 -36.25
N LEU C 252 3.03 9.00 -35.09
CA LEU C 252 2.37 8.44 -33.92
C LEU C 252 1.78 9.63 -33.14
N CYS C 253 0.46 9.66 -33.04
CA CYS C 253 -0.30 10.67 -32.29
C CYS C 253 -1.09 10.00 -31.17
N ARG C 254 -1.73 10.84 -30.37
CA ARG C 254 -2.53 10.39 -29.23
C ARG C 254 -3.87 11.12 -29.27
N GLN C 255 -4.95 10.36 -29.15
CA GLN C 255 -6.30 10.93 -29.13
C GLN C 255 -6.51 11.79 -27.90
N SER C 256 -7.53 12.64 -27.99
CA SER C 256 -7.90 13.52 -26.90
C SER C 256 -9.42 13.55 -26.82
N SER C 257 -9.94 14.52 -26.07
CA SER C 257 -11.38 14.58 -25.81
C SER C 257 -12.14 15.04 -27.05
N GLY C 258 -11.82 16.22 -27.56
CA GLY C 258 -12.58 16.82 -28.64
C GLY C 258 -12.09 16.52 -30.04
N GLU C 259 -11.91 15.22 -30.35
CA GLU C 259 -11.61 14.72 -31.70
C GLU C 259 -10.33 15.31 -32.28
N ASN C 260 -9.24 15.28 -31.53
CA ASN C 260 -8.02 15.97 -31.91
C ASN C 260 -6.83 15.10 -31.52
N CYS C 261 -6.17 14.49 -32.50
CA CYS C 261 -4.85 13.94 -32.27
C CYS C 261 -3.85 15.06 -32.06
N ASP C 262 -3.04 14.91 -31.02
CA ASP C 262 -1.81 15.66 -30.90
C ASP C 262 -0.66 14.72 -31.23
N VAL C 263 0.23 15.18 -32.06
CA VAL C 263 1.27 14.32 -32.61
C VAL C 263 2.36 14.13 -31.55
N VAL C 264 2.95 12.94 -31.54
CA VAL C 264 3.97 12.62 -30.55
C VAL C 264 5.29 12.41 -31.27
N VAL C 265 5.26 11.84 -32.48
CA VAL C 265 6.50 11.65 -33.24
C VAL C 265 6.17 11.52 -34.72
N ASN C 266 7.12 11.90 -35.57
CA ASN C 266 7.02 11.82 -37.03
C ASN C 266 8.25 11.14 -37.59
N THR C 267 8.27 10.99 -38.91
CA THR C 267 9.49 10.64 -39.63
C THR C 267 10.05 11.85 -40.37
N LEU C 268 9.34 12.98 -40.35
CA LEU C 268 9.80 14.24 -40.92
C LEU C 268 10.47 15.11 -39.86
N GLY C 269 11.07 14.49 -38.84
CA GLY C 269 11.74 15.24 -37.79
C GLY C 269 10.82 16.05 -36.91
N LYS C 270 9.98 15.40 -36.12
CA LYS C 270 9.15 16.11 -35.17
C LYS C 270 9.15 15.36 -33.84
N ARG C 271 8.94 16.10 -32.77
CA ARG C 271 8.99 15.54 -31.42
C ARG C 271 8.25 16.50 -30.49
N ALA C 272 7.50 15.94 -29.58
CA ALA C 272 6.83 16.74 -28.58
C ALA C 272 7.83 17.22 -27.55
N PRO C 273 7.57 18.35 -26.88
CA PRO C 273 8.52 18.82 -25.86
C PRO C 273 8.53 17.97 -24.60
N ALA C 274 7.43 17.28 -24.30
CA ALA C 274 7.38 16.50 -23.07
C ALA C 274 8.17 15.21 -23.17
N PHE C 275 8.35 14.67 -24.39
CA PHE C 275 9.05 13.42 -24.58
C PHE C 275 10.52 13.62 -24.93
N GLU C 276 11.12 14.71 -24.47
CA GLU C 276 12.51 15.02 -24.77
C GLU C 276 13.42 14.13 -23.93
N GLY C 277 14.17 13.25 -24.58
CA GLY C 277 15.13 12.40 -23.92
C GLY C 277 14.67 10.97 -23.67
N ARG C 278 13.42 10.64 -23.96
CA ARG C 278 12.88 9.35 -23.56
C ARG C 278 12.01 8.72 -24.64
N ILE C 279 12.39 8.83 -25.91
CA ILE C 279 11.61 8.22 -26.98
C ILE C 279 12.55 7.88 -28.13
N LEU C 280 12.34 6.70 -28.72
CA LEU C 280 13.10 6.25 -29.88
C LEU C 280 12.19 5.92 -31.04
N LEU C 281 12.82 5.72 -32.20
CA LEU C 281 12.12 5.40 -33.44
C LEU C 281 13.12 4.68 -34.32
N ASN C 282 12.93 3.40 -34.51
CA ASN C 282 13.90 2.55 -35.15
C ASN C 282 13.70 2.52 -36.66
N PRO C 283 14.75 2.23 -37.42
CA PRO C 283 14.57 2.01 -38.87
C PRO C 283 13.75 0.76 -39.14
N GLN C 284 13.20 0.69 -40.35
CA GLN C 284 12.19 -0.30 -40.66
C GLN C 284 12.75 -1.45 -41.49
N ASP C 285 11.97 -2.52 -41.54
CA ASP C 285 12.41 -3.84 -41.96
C ASP C 285 12.20 -3.99 -43.48
N LYS C 286 12.28 -5.24 -43.96
CA LYS C 286 11.83 -5.57 -45.31
C LYS C 286 10.37 -5.22 -45.50
N ASP C 287 9.53 -5.60 -44.54
CA ASP C 287 8.08 -5.52 -44.67
C ASP C 287 7.52 -4.19 -44.22
N GLY C 288 8.36 -3.20 -43.97
CA GLY C 288 7.90 -1.92 -43.50
C GLY C 288 7.56 -1.86 -42.02
N SER C 289 7.70 -2.97 -41.30
CA SER C 289 7.44 -2.98 -39.87
C SER C 289 8.52 -2.21 -39.13
N PHE C 290 8.12 -1.58 -38.02
CA PHE C 290 9.08 -0.88 -37.17
C PHE C 290 8.50 -0.81 -35.77
N SER C 291 9.23 -0.16 -34.88
CA SER C 291 8.87 -0.13 -33.47
C SER C 291 9.21 1.21 -32.86
N VAL C 292 8.47 1.56 -31.82
CA VAL C 292 8.64 2.81 -31.08
C VAL C 292 8.80 2.48 -29.60
N VAL C 293 9.86 2.97 -28.99
CA VAL C 293 10.17 2.70 -27.58
C VAL C 293 9.99 3.99 -26.78
N ILE C 294 9.19 3.91 -25.71
CA ILE C 294 8.98 5.03 -24.81
C ILE C 294 9.30 4.58 -23.39
N THR C 295 10.13 5.35 -22.70
CA THR C 295 10.59 4.96 -21.37
C THR C 295 10.18 6.00 -20.35
N GLY C 296 10.21 5.60 -19.07
CA GLY C 296 9.84 6.47 -17.97
C GLY C 296 8.38 6.89 -17.97
N LEU C 297 7.48 5.94 -17.78
CA LEU C 297 6.06 6.20 -17.97
C LEU C 297 5.47 6.92 -16.77
N ARG C 298 4.58 7.86 -17.05
CA ARG C 298 3.96 8.69 -16.04
C ARG C 298 2.45 8.48 -16.07
N LYS C 299 1.75 9.16 -15.17
CA LYS C 299 0.33 8.91 -14.99
C LYS C 299 -0.50 9.45 -16.14
N GLU C 300 -0.06 10.53 -16.77
CA GLU C 300 -0.81 11.15 -17.86
C GLU C 300 -0.48 10.55 -19.21
N ASP C 301 0.23 9.42 -19.25
CA ASP C 301 0.66 8.80 -20.49
C ASP C 301 -0.32 7.77 -21.02
N ALA C 302 -1.57 7.79 -20.57
CA ALA C 302 -2.52 6.72 -20.85
C ALA C 302 -3.65 7.21 -21.75
N GLY C 303 -4.02 6.39 -22.71
CA GLY C 303 -5.06 6.72 -23.65
C GLY C 303 -4.85 5.94 -24.94
N ARG C 304 -5.61 6.31 -25.95
CA ARG C 304 -5.51 5.64 -27.25
C ARG C 304 -4.36 6.20 -28.05
N TYR C 305 -3.66 5.32 -28.75
CA TYR C 305 -2.54 5.71 -29.60
C TYR C 305 -2.76 5.14 -30.99
N LEU C 306 -2.39 5.92 -32.00
CA LEU C 306 -2.56 5.54 -33.39
C LEU C 306 -1.26 5.77 -34.13
N CYS C 307 -0.90 4.81 -34.99
CA CYS C 307 0.21 5.02 -35.91
C CYS C 307 -0.31 4.76 -37.31
N GLY C 308 0.05 5.63 -38.25
CA GLY C 308 -0.49 5.60 -39.59
C GLY C 308 0.53 5.96 -40.63
N ALA C 309 0.05 6.29 -41.83
CA ALA C 309 0.92 6.63 -42.95
C ALA C 309 0.26 7.68 -43.82
N HIS C 310 0.86 8.87 -43.87
CA HIS C 310 0.37 9.94 -44.73
C HIS C 310 1.54 10.83 -45.07
N SER C 311 1.44 11.55 -46.19
CA SER C 311 2.61 12.24 -46.73
C SER C 311 3.04 13.44 -45.89
N ASP C 312 2.09 14.15 -45.28
CA ASP C 312 2.45 15.32 -44.50
C ASP C 312 2.73 15.00 -43.05
N GLY C 313 2.61 13.74 -42.64
CA GLY C 313 3.02 13.35 -41.31
C GLY C 313 2.04 13.66 -40.21
N GLN C 314 0.74 13.63 -40.50
CA GLN C 314 -0.26 13.83 -39.47
C GLN C 314 -1.42 12.89 -39.73
N LEU C 315 -2.42 12.93 -38.85
CA LEU C 315 -3.63 12.16 -39.04
C LEU C 315 -4.57 12.91 -39.96
N GLN C 316 -4.97 12.27 -41.05
CA GLN C 316 -5.90 12.87 -41.99
C GLN C 316 -6.79 11.79 -42.56
N GLU C 317 -7.83 12.23 -43.28
CA GLU C 317 -8.81 11.31 -43.83
C GLU C 317 -8.21 10.50 -44.96
N GLY C 318 -8.38 9.20 -44.89
CA GLY C 318 -7.95 8.31 -45.94
C GLY C 318 -6.62 7.61 -45.74
N SER C 319 -6.13 7.52 -44.50
CA SER C 319 -4.86 6.89 -44.23
C SER C 319 -5.07 5.64 -43.38
N PRO C 320 -4.38 4.54 -43.66
CA PRO C 320 -4.51 3.34 -42.83
C PRO C 320 -3.86 3.56 -41.47
N ILE C 321 -4.45 2.96 -40.44
CA ILE C 321 -4.04 3.20 -39.06
C ILE C 321 -3.95 1.87 -38.32
N GLN C 322 -3.57 1.96 -37.05
CA GLN C 322 -3.42 0.82 -36.15
C GLN C 322 -3.48 1.38 -34.74
N ALA C 323 -4.19 0.71 -33.84
CA ALA C 323 -4.53 1.32 -32.56
C ALA C 323 -3.94 0.56 -31.39
N TRP C 324 -3.77 1.28 -30.28
CA TRP C 324 -3.37 0.69 -29.01
C TRP C 324 -4.10 1.41 -27.88
N GLN C 325 -4.36 0.67 -26.81
CA GLN C 325 -4.89 1.21 -25.57
C GLN C 325 -3.90 0.95 -24.45
N LEU C 326 -3.50 2.00 -23.74
CA LEU C 326 -2.46 1.89 -22.73
C LEU C 326 -3.05 2.17 -21.35
N PHE C 327 -2.53 1.45 -20.36
CA PHE C 327 -2.94 1.61 -18.96
C PHE C 327 -1.70 1.66 -18.10
N VAL C 328 -1.61 2.65 -17.22
CA VAL C 328 -0.48 2.78 -16.30
C VAL C 328 -0.97 2.36 -14.93
N ASN C 329 -0.18 1.51 -14.25
CA ASN C 329 -0.62 0.76 -13.09
C ASN C 329 -0.83 1.64 -11.86
N GLU C 330 0.24 2.29 -11.40
CA GLU C 330 0.47 3.05 -10.17
C GLU C 330 0.62 2.18 -8.93
N GLU C 331 0.36 0.88 -8.99
CA GLU C 331 0.70 -0.05 -7.91
C GLU C 331 1.95 -0.85 -8.28
N SER C 332 3.03 -0.13 -8.57
CA SER C 332 4.20 -0.73 -9.19
C SER C 332 5.22 -1.17 -8.16
N THR C 333 6.06 -2.12 -8.57
CA THR C 333 7.16 -2.62 -7.75
C THR C 333 8.51 -2.18 -8.26
N ILE C 334 8.55 -1.27 -9.23
CA ILE C 334 9.81 -0.75 -9.74
C ILE C 334 10.33 0.27 -8.74
N PRO C 335 11.57 0.12 -8.26
CA PRO C 335 12.06 0.99 -7.19
C PRO C 335 12.25 2.44 -7.62
N ARG C 336 11.89 3.35 -6.74
CA ARG C 336 11.98 4.79 -7.00
C ARG C 336 13.45 5.19 -6.90
N SER C 337 14.06 5.46 -8.04
CA SER C 337 15.45 5.84 -8.18
C SER C 337 15.58 7.34 -8.42
N PRO C 338 16.76 7.92 -8.17
CA PRO C 338 16.95 9.34 -8.52
C PRO C 338 16.93 9.55 -10.03
N THR C 339 16.37 10.68 -10.43
CA THR C 339 16.23 11.01 -11.85
C THR C 339 17.29 11.98 -12.35
N VAL C 340 17.75 12.90 -11.51
CA VAL C 340 18.75 13.89 -11.89
C VAL C 340 19.96 13.70 -10.98
N VAL C 341 21.15 13.76 -11.57
CA VAL C 341 22.40 13.58 -10.83
C VAL C 341 23.34 14.73 -11.18
N LYS C 342 23.79 15.45 -10.16
CA LYS C 342 24.57 16.66 -10.35
C LYS C 342 26.05 16.40 -10.06
N GLY C 343 26.91 16.99 -10.89
CA GLY C 343 28.35 16.91 -10.70
C GLY C 343 28.96 18.24 -11.11
N VAL C 344 30.25 18.41 -10.81
CA VAL C 344 30.97 19.60 -11.19
C VAL C 344 32.11 19.18 -12.13
N ALA C 345 32.76 20.17 -12.72
CA ALA C 345 33.80 19.91 -13.71
C ALA C 345 35.05 19.37 -13.02
N GLY C 346 35.53 18.22 -13.50
CA GLY C 346 36.60 17.52 -12.86
C GLY C 346 36.18 16.48 -11.84
N GLY C 347 34.89 16.39 -11.52
CA GLY C 347 34.41 15.47 -10.51
C GLY C 347 34.03 14.14 -11.14
N SER C 348 33.35 13.31 -10.37
CA SER C 348 32.85 12.03 -10.84
C SER C 348 31.37 11.95 -10.57
N VAL C 349 30.74 10.94 -11.18
CA VAL C 349 29.39 10.55 -10.86
C VAL C 349 29.33 9.04 -10.74
N ALA C 350 28.46 8.57 -9.85
CA ALA C 350 28.16 7.17 -9.70
C ALA C 350 26.66 6.98 -9.79
N VAL C 351 26.23 6.03 -10.61
CA VAL C 351 24.82 5.84 -10.92
C VAL C 351 24.44 4.40 -10.64
N LEU C 352 23.37 4.22 -9.86
CA LEU C 352 22.79 2.91 -9.60
C LEU C 352 21.70 2.62 -10.63
N CYS C 353 21.83 1.49 -11.32
CA CYS C 353 20.91 1.09 -12.37
C CYS C 353 20.25 -0.21 -11.97
N PRO C 354 18.93 -0.22 -11.79
CA PRO C 354 18.26 -1.43 -11.33
C PRO C 354 17.80 -2.30 -12.49
N TYR C 355 17.51 -3.56 -12.14
CA TYR C 355 16.93 -4.51 -13.08
C TYR C 355 16.09 -5.49 -12.27
N ASN C 356 15.66 -6.57 -12.90
CA ASN C 356 14.82 -7.56 -12.26
C ASN C 356 15.67 -8.71 -11.73
N ARG C 357 15.34 -9.16 -10.50
CA ARG C 357 16.21 -10.00 -9.70
C ARG C 357 16.42 -11.39 -10.28
N LYS C 358 15.55 -11.86 -11.17
CA LYS C 358 15.56 -13.25 -11.59
C LYS C 358 16.60 -13.56 -12.65
N GLU C 359 17.01 -12.58 -13.46
CA GLU C 359 17.92 -12.82 -14.57
C GLU C 359 19.34 -12.34 -14.28
N SER C 360 19.82 -12.58 -13.06
CA SER C 360 21.08 -12.04 -12.57
C SER C 360 22.31 -12.54 -13.32
N LYS C 361 22.19 -13.56 -14.17
CA LYS C 361 23.30 -14.03 -15.00
C LYS C 361 23.26 -13.49 -16.42
N SER C 362 22.73 -12.28 -16.61
CA SER C 362 22.60 -11.69 -17.93
C SER C 362 23.77 -10.76 -18.22
N ILE C 363 23.66 -9.99 -19.29
CA ILE C 363 24.67 -9.03 -19.71
C ILE C 363 24.07 -7.64 -19.65
N LYS C 364 24.77 -6.71 -19.00
CA LYS C 364 24.30 -5.34 -18.82
C LYS C 364 25.02 -4.40 -19.77
N TYR C 365 24.38 -3.29 -20.11
CA TYR C 365 24.92 -2.29 -21.02
C TYR C 365 24.68 -0.90 -20.45
N TRP C 366 25.21 0.11 -21.12
CA TRP C 366 24.99 1.50 -20.71
C TRP C 366 25.10 2.39 -21.94
N CYS C 367 24.14 3.29 -22.11
CA CYS C 367 23.96 3.98 -23.39
C CYS C 367 23.72 5.48 -23.17
N LEU C 368 24.07 6.26 -24.19
CA LEU C 368 23.83 7.70 -24.19
C LEU C 368 22.86 8.05 -25.32
N TRP C 369 21.83 8.79 -24.97
CA TRP C 369 20.77 9.15 -25.91
C TRP C 369 21.20 10.30 -26.81
N GLU C 370 20.79 10.23 -28.06
CA GLU C 370 21.11 11.26 -29.04
C GLU C 370 19.82 11.74 -29.69
N GLY C 371 19.68 13.05 -29.82
CA GLY C 371 18.59 13.64 -30.56
C GLY C 371 19.01 14.01 -31.97
N ALA C 372 18.47 15.14 -32.46
CA ALA C 372 18.81 15.76 -33.75
C ALA C 372 18.57 14.81 -34.93
N GLN C 373 17.64 13.88 -34.75
CA GLN C 373 17.37 12.78 -35.66
C GLN C 373 15.94 12.34 -35.41
N ASN C 374 15.58 11.16 -35.88
CA ASN C 374 14.38 10.51 -35.34
C ASN C 374 14.63 10.03 -33.91
N GLY C 375 15.84 9.53 -33.62
CA GLY C 375 16.20 9.12 -32.28
C GLY C 375 17.08 7.89 -32.25
N ARG C 376 18.20 7.95 -31.54
CA ARG C 376 19.15 6.84 -31.50
C ARG C 376 19.75 6.77 -30.10
N CYS C 377 20.40 5.64 -29.83
CA CYS C 377 20.93 5.37 -28.50
C CYS C 377 22.04 4.33 -28.56
N PRO C 378 23.28 4.71 -28.84
CA PRO C 378 24.35 3.74 -28.96
C PRO C 378 24.99 3.37 -27.62
N LEU C 379 25.72 2.24 -27.64
CA LEU C 379 26.37 1.72 -26.45
C LEU C 379 27.54 2.61 -26.04
N LEU C 380 27.90 2.51 -24.76
CA LEU C 380 29.11 3.12 -24.24
C LEU C 380 29.99 2.09 -23.55
N VAL C 381 29.36 1.14 -22.85
CA VAL C 381 30.09 0.09 -22.14
C VAL C 381 29.12 -1.07 -21.93
N ASP C 382 29.67 -2.28 -21.82
CA ASP C 382 28.89 -3.46 -21.48
C ASP C 382 29.48 -4.21 -20.29
N SER C 383 28.97 -5.40 -20.02
CA SER C 383 29.30 -6.14 -18.80
C SER C 383 30.23 -7.32 -19.08
N GLU C 384 30.97 -7.28 -20.18
CA GLU C 384 31.92 -8.35 -20.44
C GLU C 384 33.27 -7.87 -20.91
N GLY C 385 33.48 -6.57 -21.12
CA GLY C 385 34.82 -6.10 -21.43
C GLY C 385 34.98 -5.31 -22.72
N TRP C 386 33.92 -4.67 -23.18
CA TRP C 386 34.03 -3.73 -24.29
C TRP C 386 33.72 -2.33 -23.80
N VAL C 387 34.49 -1.35 -24.27
CA VAL C 387 34.29 0.04 -23.89
C VAL C 387 34.69 0.91 -25.07
N LYS C 388 33.92 1.97 -25.31
CA LYS C 388 34.14 2.84 -26.45
C LYS C 388 35.48 3.54 -26.34
N ALA C 389 36.10 3.80 -27.49
CA ALA C 389 37.49 4.26 -27.51
C ALA C 389 37.63 5.70 -27.01
N GLN C 390 36.57 6.50 -27.11
CA GLN C 390 36.65 7.86 -26.61
C GLN C 390 36.51 7.93 -25.09
N TYR C 391 36.09 6.85 -24.45
CA TYR C 391 35.85 6.80 -23.01
C TYR C 391 36.82 5.84 -22.34
N GLU C 392 38.09 5.90 -22.71
CA GLU C 392 39.07 5.00 -22.17
C GLU C 392 39.70 5.59 -20.92
N GLY C 393 39.61 4.85 -19.81
CA GLY C 393 40.18 5.32 -18.56
C GLY C 393 39.33 6.31 -17.80
N ARG C 394 38.05 6.44 -18.15
CA ARG C 394 37.18 7.29 -17.36
C ARG C 394 35.78 6.71 -17.21
N LEU C 395 35.61 5.41 -17.40
CA LEU C 395 34.28 4.83 -17.33
C LEU C 395 34.37 3.37 -16.98
N SER C 396 33.55 2.93 -16.02
CA SER C 396 33.53 1.51 -15.70
C SER C 396 32.17 1.11 -15.18
N LEU C 397 31.85 -0.17 -15.36
CA LEU C 397 30.60 -0.78 -14.92
C LEU C 397 30.92 -1.88 -13.93
N LEU C 398 30.27 -1.86 -12.78
CA LEU C 398 30.55 -2.80 -11.71
C LEU C 398 29.26 -3.46 -11.27
N GLU C 399 29.31 -4.76 -11.01
CA GLU C 399 28.13 -5.49 -10.54
C GLU C 399 28.11 -5.60 -9.02
N GLU C 400 28.27 -4.48 -8.33
CA GLU C 400 28.61 -4.62 -6.91
C GLU C 400 27.44 -4.87 -5.96
N PRO C 401 26.29 -4.12 -6.00
CA PRO C 401 25.21 -4.45 -5.05
C PRO C 401 24.56 -5.80 -5.35
N GLY C 402 24.24 -6.08 -6.61
CA GLY C 402 23.98 -7.44 -7.04
C GLY C 402 22.62 -8.02 -6.69
N ASN C 403 21.71 -7.22 -6.17
CA ASN C 403 20.37 -7.73 -5.91
C ASN C 403 19.37 -7.04 -6.82
N GLY C 404 19.75 -6.90 -8.09
CA GLY C 404 18.95 -6.13 -9.02
C GLY C 404 19.39 -4.69 -9.04
N THR C 405 20.71 -4.46 -9.00
CA THR C 405 21.32 -3.14 -9.05
C THR C 405 22.78 -3.31 -9.46
N PHE C 406 23.23 -2.49 -10.41
CA PHE C 406 24.65 -2.40 -10.71
C PHE C 406 25.04 -0.93 -10.77
N THR C 407 26.34 -0.66 -10.68
CA THR C 407 26.82 0.72 -10.60
C THR C 407 27.63 1.06 -11.85
N VAL C 408 27.56 2.34 -12.22
CA VAL C 408 28.40 2.89 -13.27
C VAL C 408 29.15 4.08 -12.70
N ILE C 409 30.45 4.13 -12.94
CA ILE C 409 31.31 5.23 -12.49
C ILE C 409 31.86 5.95 -13.70
N LEU C 410 31.68 7.27 -13.74
CA LEU C 410 32.19 8.11 -14.80
C LEU C 410 32.84 9.35 -14.19
N ASN C 411 34.15 9.49 -14.36
CA ASN C 411 34.85 10.66 -13.83
C ASN C 411 35.41 11.49 -14.98
N GLN C 412 36.20 12.51 -14.61
CA GLN C 412 36.74 13.54 -15.51
C GLN C 412 35.62 14.23 -16.30
N LEU C 413 34.64 14.74 -15.58
CA LEU C 413 33.47 15.33 -16.20
C LEU C 413 33.81 16.66 -16.87
N THR C 414 33.01 17.01 -17.87
CA THR C 414 33.19 18.23 -18.63
C THR C 414 31.78 18.78 -18.83
N SER C 415 31.65 19.93 -19.48
CA SER C 415 30.33 20.47 -19.77
C SER C 415 29.66 19.76 -20.94
N ARG C 416 30.41 18.96 -21.71
CA ARG C 416 29.83 18.21 -22.82
C ARG C 416 29.08 16.98 -22.35
N ASP C 417 29.33 16.53 -21.12
CA ASP C 417 28.79 15.27 -20.64
C ASP C 417 27.34 15.36 -20.19
N ALA C 418 26.73 16.53 -20.25
CA ALA C 418 25.34 16.66 -19.88
C ALA C 418 24.44 15.96 -20.88
N GLY C 419 23.31 15.47 -20.42
CA GLY C 419 22.36 14.80 -21.27
C GLY C 419 21.63 13.70 -20.51
N PHE C 420 21.08 12.78 -21.29
CA PHE C 420 20.22 11.71 -20.80
C PHE C 420 20.85 10.37 -21.12
N TYR C 421 20.83 9.45 -20.15
CA TYR C 421 21.51 8.18 -20.28
C TYR C 421 20.56 7.04 -19.93
N TRP C 422 20.71 5.92 -20.64
CA TRP C 422 19.83 4.77 -20.54
C TRP C 422 20.60 3.54 -20.08
N CYS C 423 19.93 2.66 -19.34
CA CYS C 423 20.52 1.38 -18.98
C CYS C 423 19.68 0.22 -19.50
N LEU C 424 20.35 -0.80 -20.06
CA LEU C 424 19.69 -1.89 -20.76
C LEU C 424 20.20 -3.23 -20.23
N THR C 425 19.51 -4.31 -20.62
CA THR C 425 19.76 -5.67 -20.18
C THR C 425 19.40 -6.59 -21.35
N ASN C 426 19.89 -7.83 -21.32
CA ASN C 426 19.52 -8.86 -22.30
C ASN C 426 18.29 -9.66 -21.91
N GLY C 427 17.69 -9.38 -20.76
CA GLY C 427 16.60 -10.21 -20.24
C GLY C 427 15.33 -10.08 -21.05
N ASP C 428 14.40 -11.00 -20.75
CA ASP C 428 13.09 -10.99 -21.41
C ASP C 428 12.25 -9.81 -20.93
N THR C 429 12.03 -9.72 -19.62
CA THR C 429 11.49 -8.51 -19.04
C THR C 429 12.54 -7.41 -19.14
N LEU C 430 12.08 -6.19 -19.43
CA LEU C 430 13.01 -5.14 -19.80
C LEU C 430 12.47 -3.78 -19.35
N TRP C 431 12.91 -3.34 -18.18
CA TRP C 431 12.80 -1.93 -17.83
C TRP C 431 14.00 -1.21 -18.40
N ARG C 432 13.77 -0.03 -18.95
CA ARG C 432 14.85 0.85 -19.36
C ARG C 432 14.75 2.10 -18.52
N THR C 433 15.82 2.41 -17.79
CA THR C 433 15.83 3.52 -16.85
C THR C 433 16.75 4.60 -17.39
N THR C 434 16.31 5.85 -17.25
CA THR C 434 16.98 7.02 -17.79
C THR C 434 17.33 7.97 -16.65
N VAL C 435 18.56 8.49 -16.68
CA VAL C 435 19.01 9.46 -15.70
C VAL C 435 19.63 10.64 -16.43
N GLU C 436 19.40 11.85 -15.93
CA GLU C 436 19.97 13.06 -16.52
C GLU C 436 21.16 13.54 -15.70
N ILE C 437 22.19 14.00 -16.40
CA ILE C 437 23.40 14.51 -15.77
C ILE C 437 23.45 16.02 -16.00
N LYS C 438 23.48 16.79 -14.91
CA LYS C 438 23.70 18.23 -14.98
C LYS C 438 25.09 18.56 -14.44
N ILE C 439 25.67 19.62 -15.00
CA ILE C 439 26.98 20.11 -14.57
C ILE C 439 26.79 21.48 -13.97
N ILE C 440 27.35 21.68 -12.78
CA ILE C 440 27.25 22.94 -12.04
C ILE C 440 28.67 23.40 -11.71
N GLU C 441 28.75 24.50 -10.97
CA GLU C 441 30.05 25.09 -10.65
C GLU C 441 30.49 24.67 -9.25
N GLY C 442 31.79 24.50 -9.10
CA GLY C 442 32.34 24.06 -7.83
C GLY C 442 33.70 23.43 -8.04
N GLU C 443 34.27 22.98 -6.93
CA GLU C 443 35.56 22.32 -6.92
C GLU C 443 35.40 20.91 -6.39
N PRO C 444 36.11 19.93 -6.97
CA PRO C 444 35.89 18.53 -6.59
C PRO C 444 36.41 18.23 -5.20
N ASN C 445 35.90 17.12 -4.65
CA ASN C 445 36.21 16.77 -3.26
C ASN C 445 37.62 16.21 -3.13
N LEU C 446 37.89 15.09 -3.80
CA LEU C 446 39.23 14.52 -3.77
C LEU C 446 40.19 15.38 -4.58
N LYS C 447 41.44 15.42 -4.13
CA LYS C 447 42.44 16.26 -4.75
C LYS C 447 43.66 15.41 -5.07
N VAL C 448 44.02 15.36 -6.35
CA VAL C 448 45.17 14.60 -6.82
C VAL C 448 46.06 15.53 -7.62
N PRO C 449 47.33 15.15 -7.83
CA PRO C 449 48.16 15.91 -8.78
C PRO C 449 47.71 15.72 -10.22
N GLY C 450 48.38 16.41 -11.15
CA GLY C 450 48.01 16.29 -12.55
C GLY C 450 48.59 15.05 -13.20
N ASN C 451 49.15 15.19 -14.38
CA ASN C 451 49.81 14.04 -14.97
C ASN C 451 51.17 13.82 -14.31
N VAL C 452 51.58 12.56 -14.25
CA VAL C 452 52.72 12.12 -13.47
C VAL C 452 53.67 11.37 -14.39
N THR C 453 54.95 11.72 -14.32
CA THR C 453 55.97 10.98 -15.04
C THR C 453 56.69 10.06 -14.05
N ALA C 454 57.56 9.20 -14.58
CA ALA C 454 58.35 8.33 -13.74
C ALA C 454 59.62 7.97 -14.49
N VAL C 455 60.68 7.72 -13.77
CA VAL C 455 61.97 7.38 -14.34
C VAL C 455 62.00 5.85 -14.42
N LEU C 456 62.81 5.32 -15.33
CA LEU C 456 62.94 3.88 -15.45
C LEU C 456 63.83 3.37 -14.32
N GLY C 457 63.24 2.59 -13.42
CA GLY C 457 63.98 1.98 -12.34
C GLY C 457 63.99 2.74 -11.04
N GLU C 458 62.95 3.52 -10.75
CA GLU C 458 62.87 4.31 -9.54
C GLU C 458 61.49 4.22 -8.92
N THR C 459 61.43 4.22 -7.60
CA THR C 459 60.19 4.23 -6.85
C THR C 459 59.45 5.56 -7.05
N LEU C 460 58.12 5.52 -6.96
CA LEU C 460 57.28 6.70 -7.12
C LEU C 460 56.16 6.68 -6.09
N LYS C 461 55.84 7.85 -5.55
CA LYS C 461 54.80 8.02 -4.54
C LYS C 461 53.79 9.04 -5.02
N VAL C 462 52.50 8.76 -4.83
CA VAL C 462 51.42 9.64 -5.28
C VAL C 462 50.45 9.88 -4.13
N PRO C 463 50.12 11.13 -3.79
CA PRO C 463 49.13 11.41 -2.75
C PRO C 463 47.71 11.60 -3.28
N CYS C 464 46.75 11.59 -2.34
CA CYS C 464 45.34 11.81 -2.68
C CYS C 464 44.63 12.30 -1.41
N HIS C 465 44.40 13.61 -1.31
CA HIS C 465 43.82 14.20 -0.11
C HIS C 465 42.29 14.20 -0.17
N PHE C 466 41.67 14.03 1.00
CA PHE C 466 40.22 13.94 1.07
C PHE C 466 39.73 14.77 2.25
N PRO C 467 38.47 15.27 2.19
CA PRO C 467 37.95 16.06 3.31
C PRO C 467 37.55 15.22 4.50
N CYS C 468 37.12 15.92 5.56
CA CYS C 468 36.75 15.35 6.88
C CYS C 468 35.43 14.57 6.85
N LYS C 469 34.60 14.76 5.83
CA LYS C 469 33.31 14.08 5.74
C LYS C 469 33.44 12.67 5.18
N PHE C 470 34.55 12.39 4.51
CA PHE C 470 34.89 11.04 4.06
C PHE C 470 35.78 10.30 5.03
N SER C 471 35.88 10.75 6.27
CA SER C 471 36.81 10.09 7.21
C SER C 471 36.24 8.78 7.74
N SER C 472 34.95 8.54 7.57
CA SER C 472 34.37 7.30 8.07
C SER C 472 34.18 6.23 7.00
N TYR C 473 34.70 6.45 5.79
CA TYR C 473 34.53 5.48 4.71
C TYR C 473 35.77 4.62 4.55
N GLU C 474 35.77 3.80 3.52
CA GLU C 474 36.95 3.06 3.08
C GLU C 474 37.58 3.74 1.87
N LYS C 475 38.90 3.64 1.77
CA LYS C 475 39.66 4.28 0.71
C LYS C 475 40.44 3.23 -0.07
N TYR C 476 40.70 3.52 -1.34
CA TYR C 476 41.41 2.56 -2.18
C TYR C 476 42.07 3.27 -3.36
N TRP C 477 43.08 2.61 -3.91
CA TRP C 477 43.62 2.86 -5.24
C TRP C 477 43.40 1.63 -6.10
N CYS C 478 43.18 1.84 -7.39
CA CYS C 478 43.01 0.73 -8.31
C CYS C 478 43.62 1.10 -9.66
N LYS C 479 43.80 0.09 -10.50
CA LYS C 479 44.35 0.28 -11.83
C LYS C 479 43.31 -0.09 -12.87
N TRP C 480 43.00 0.86 -13.76
CA TRP C 480 41.87 0.71 -14.65
C TRP C 480 42.18 -0.25 -15.80
N ASN C 481 41.21 -1.10 -16.10
CA ASN C 481 41.33 -2.09 -17.17
C ASN C 481 39.96 -2.28 -17.80
N ASN C 482 39.91 -3.13 -18.83
CA ASN C 482 38.66 -3.35 -19.55
C ASN C 482 37.68 -4.18 -18.74
N THR C 483 38.19 -5.18 -18.01
CA THR C 483 37.31 -6.05 -17.24
C THR C 483 36.80 -5.38 -15.99
N GLY C 484 37.46 -4.32 -15.54
CA GLY C 484 37.16 -3.64 -14.30
C GLY C 484 38.47 -3.35 -13.60
N CYS C 485 38.44 -2.42 -12.65
CA CYS C 485 39.66 -2.12 -11.92
C CYS C 485 39.63 -2.90 -10.61
N GLN C 486 40.78 -3.44 -10.24
CA GLN C 486 40.93 -4.24 -9.04
C GLN C 486 41.83 -3.50 -8.07
N ALA C 487 41.58 -3.66 -6.77
CA ALA C 487 42.29 -2.91 -5.76
C ALA C 487 43.74 -3.39 -5.65
N LEU C 488 44.52 -2.65 -4.88
CA LEU C 488 45.92 -2.96 -4.66
C LEU C 488 46.15 -3.27 -3.18
N PRO C 489 47.11 -4.12 -2.86
CA PRO C 489 47.31 -4.52 -1.46
C PRO C 489 47.92 -3.42 -0.61
N SER C 490 47.53 -3.43 0.66
CA SER C 490 48.03 -2.47 1.64
C SER C 490 49.39 -2.89 2.19
N CYS C 502 49.72 2.48 4.59
CA CYS C 502 49.61 3.57 3.63
C CYS C 502 48.28 4.28 3.78
N ASP C 503 48.13 4.96 4.91
CA ASP C 503 46.98 5.81 5.22
C ASP C 503 47.39 6.64 6.44
N GLU C 504 46.52 7.56 6.84
CA GLU C 504 46.86 8.53 7.87
C GLU C 504 45.56 9.05 8.47
N ASN C 505 45.62 10.26 9.03
CA ASN C 505 44.48 11.06 9.45
C ASN C 505 43.76 11.63 8.24
N SER C 506 42.95 12.67 8.41
CA SER C 506 42.12 13.17 7.31
C SER C 506 42.91 13.87 6.21
N ARG C 507 43.78 13.12 5.54
CA ARG C 507 44.64 13.49 4.43
C ARG C 507 45.41 12.25 3.98
N LEU C 508 45.84 12.28 2.73
CA LEU C 508 47.02 11.57 2.23
C LEU C 508 46.90 10.06 2.37
N VAL C 509 46.03 9.48 1.55
CA VAL C 509 46.14 8.07 1.20
C VAL C 509 47.04 7.95 -0.03
N SER C 510 48.16 7.27 0.13
CA SER C 510 49.26 7.39 -0.81
C SER C 510 49.56 6.07 -1.49
N LEU C 511 49.63 6.09 -2.81
CA LEU C 511 50.05 4.97 -3.63
C LEU C 511 51.56 4.99 -3.78
N THR C 512 52.17 3.80 -3.79
CA THR C 512 53.61 3.72 -4.02
C THR C 512 53.90 2.56 -4.93
N LEU C 513 54.81 2.77 -5.87
CA LEU C 513 55.18 1.74 -6.85
C LEU C 513 56.68 1.48 -6.71
N ASN C 514 57.04 0.27 -6.25
CA ASN C 514 58.42 -0.03 -5.86
C ASN C 514 59.40 -0.02 -7.02
N LEU C 515 59.21 -0.87 -8.02
CA LEU C 515 60.03 -0.81 -9.21
C LEU C 515 59.11 -0.57 -10.38
N VAL C 516 59.68 -0.14 -11.50
CA VAL C 516 58.89 0.22 -12.67
C VAL C 516 59.50 -0.40 -13.92
N THR C 517 58.77 -1.36 -14.50
CA THR C 517 58.80 -1.64 -15.93
C THR C 517 57.56 -1.03 -16.55
N ARG C 518 57.42 -1.16 -17.86
CA ARG C 518 56.29 -0.52 -18.53
C ARG C 518 54.96 -1.22 -18.25
N ALA C 519 54.96 -2.34 -17.53
CA ALA C 519 53.71 -2.99 -17.14
C ALA C 519 52.95 -2.20 -16.09
N ASP C 520 53.58 -1.23 -15.43
CA ASP C 520 52.89 -0.39 -14.46
C ASP C 520 52.30 0.87 -15.08
N GLU C 521 52.46 1.06 -16.39
CA GLU C 521 51.90 2.21 -17.09
C GLU C 521 50.38 2.10 -17.18
N GLY C 522 49.71 3.24 -17.22
CA GLY C 522 48.28 3.29 -17.45
C GLY C 522 47.61 4.33 -16.59
N TRP C 523 46.30 4.17 -16.41
CA TRP C 523 45.52 5.05 -15.55
C TRP C 523 45.29 4.40 -14.20
N TYR C 524 45.32 5.20 -13.14
CA TYR C 524 45.03 4.75 -11.80
C TYR C 524 43.95 5.62 -11.19
N TRP C 525 43.18 5.03 -10.29
CA TRP C 525 42.04 5.67 -9.66
C TRP C 525 42.21 5.72 -8.15
N CYS C 526 41.73 6.81 -7.57
CA CYS C 526 41.65 7.00 -6.13
C CYS C 526 40.18 7.14 -5.77
N GLY C 527 39.70 6.36 -4.82
CA GLY C 527 38.28 6.45 -4.53
C GLY C 527 37.91 5.99 -3.13
N VAL C 528 36.66 6.27 -2.77
CA VAL C 528 36.10 5.91 -1.47
C VAL C 528 34.88 5.02 -1.70
N LYS C 529 34.51 4.27 -0.66
CA LYS C 529 33.33 3.40 -0.71
C LYS C 529 32.90 3.05 0.71
N GLN C 530 31.59 2.81 0.87
CA GLN C 530 31.05 2.25 2.11
C GLN C 530 30.75 0.76 1.94
N GLY C 531 31.81 -0.03 1.76
CA GLY C 531 31.64 -1.46 1.67
C GLY C 531 31.14 -1.94 0.32
N HIS C 532 29.87 -1.66 0.01
CA HIS C 532 29.28 -2.03 -1.26
C HIS C 532 28.91 -0.82 -2.11
N PHE C 533 28.40 0.25 -1.50
CA PHE C 533 28.00 1.42 -2.28
C PHE C 533 29.19 2.31 -2.55
N TYR C 534 29.43 2.58 -3.83
CA TYR C 534 30.61 3.32 -4.23
C TYR C 534 30.34 4.83 -4.20
N GLY C 535 31.40 5.62 -4.30
CA GLY C 535 31.28 7.07 -4.17
C GLY C 535 32.14 7.78 -5.18
N GLU C 536 32.78 8.85 -4.75
CA GLU C 536 33.53 9.71 -5.65
C GLU C 536 34.88 9.09 -5.99
N THR C 537 35.32 9.26 -7.23
CA THR C 537 36.61 8.79 -7.68
C THR C 537 37.36 9.92 -8.37
N ALA C 538 38.65 9.68 -8.62
CA ALA C 538 39.50 10.60 -9.37
C ALA C 538 40.58 9.78 -10.05
N ALA C 539 41.17 10.35 -11.11
CA ALA C 539 42.04 9.58 -11.99
C ALA C 539 43.36 10.30 -12.22
N VAL C 540 44.39 9.51 -12.53
CA VAL C 540 45.72 10.04 -12.80
C VAL C 540 46.44 9.07 -13.73
N TYR C 541 47.09 9.61 -14.76
CA TYR C 541 47.84 8.81 -15.72
C TYR C 541 49.31 8.78 -15.36
N VAL C 542 49.94 7.63 -15.56
CA VAL C 542 51.33 7.43 -15.18
C VAL C 542 52.10 6.95 -16.41
N ALA C 543 53.06 7.75 -16.87
CA ALA C 543 53.91 7.35 -17.97
C ALA C 543 55.23 6.77 -17.45
N VAL C 544 56.08 6.33 -18.36
CA VAL C 544 57.40 5.76 -18.03
C VAL C 544 58.36 6.17 -19.14
N GLU C 545 59.51 6.72 -18.75
CA GLU C 545 60.47 7.21 -19.73
C GLU C 545 61.76 6.40 -19.70
N GLU C 546 62.76 6.84 -20.47
CA GLU C 546 64.12 6.31 -20.38
C GLU C 546 65.15 7.31 -20.91
N CYS D 15 41.20 42.89 32.88
CA CYS D 15 40.54 43.09 34.16
C CYS D 15 40.95 41.98 35.12
N HIS D 16 40.71 40.73 34.73
CA HIS D 16 41.11 39.56 35.50
C HIS D 16 41.32 38.42 34.51
N PRO D 17 42.46 37.73 34.56
CA PRO D 17 42.70 36.64 33.61
C PRO D 17 41.79 35.44 33.89
N ARG D 18 40.92 35.14 32.93
CA ARG D 18 40.01 34.01 33.03
C ARG D 18 40.08 33.19 31.76
N LEU D 19 40.10 31.87 31.90
CA LEU D 19 40.23 30.95 30.78
C LEU D 19 38.87 30.37 30.40
N SER D 20 38.69 30.06 29.12
CA SER D 20 37.48 29.40 28.69
C SER D 20 37.75 28.56 27.44
N LEU D 21 37.15 27.37 27.42
CA LEU D 21 36.97 26.58 26.21
C LEU D 21 35.62 26.91 25.59
N HIS D 22 35.49 26.62 24.30
CA HIS D 22 34.24 26.87 23.61
C HIS D 22 33.91 25.67 22.73
N ARG D 23 32.66 25.23 22.80
CA ARG D 23 32.22 24.10 22.01
C ARG D 23 32.15 24.47 20.53
N PRO D 24 32.34 23.51 19.63
CA PRO D 24 32.31 23.82 18.20
C PRO D 24 30.92 24.22 17.72
N ALA D 25 30.90 25.05 16.68
CA ALA D 25 29.68 25.65 16.10
C ALA D 25 28.74 24.59 15.55
N LEU D 26 27.43 24.79 15.67
CA LEU D 26 26.44 23.80 15.17
C LEU D 26 26.43 23.70 13.65
N GLU D 27 26.49 24.81 12.93
CA GLU D 27 26.37 24.74 11.46
C GLU D 27 27.51 23.93 10.85
N ASP D 28 28.75 24.22 11.26
CA ASP D 28 29.93 23.52 10.70
C ASP D 28 29.90 22.03 11.06
N LEU D 29 29.58 21.70 12.30
CA LEU D 29 29.56 20.29 12.74
C LEU D 29 28.45 19.48 12.05
N LEU D 30 27.24 20.02 11.92
CA LEU D 30 26.15 19.22 11.29
C LEU D 30 26.37 19.03 9.78
N LEU D 31 26.67 20.10 9.04
CA LEU D 31 26.92 20.01 7.57
C LEU D 31 28.43 19.92 7.32
N GLY D 32 29.05 18.80 7.66
CA GLY D 32 30.51 18.59 7.51
C GLY D 32 31.02 17.84 8.71
N SER D 33 32.27 18.02 9.10
CA SER D 33 32.72 17.40 10.37
C SER D 33 33.76 18.30 11.02
N GLU D 34 33.86 19.55 10.56
CA GLU D 34 34.88 20.50 11.05
C GLU D 34 34.62 20.91 12.51
N ALA D 35 34.70 19.94 13.41
CA ALA D 35 34.50 20.19 14.86
C ALA D 35 35.74 20.88 15.44
N ASN D 36 35.98 22.15 15.09
CA ASN D 36 37.13 22.88 15.59
C ASN D 36 36.86 23.36 17.00
N LEU D 37 37.83 23.18 17.90
CA LEU D 37 37.66 23.70 19.25
C LEU D 37 38.27 25.10 19.33
N THR D 38 38.16 25.72 20.50
CA THR D 38 38.68 27.07 20.69
C THR D 38 38.95 27.30 22.17
N CYS D 39 40.20 27.63 22.50
CA CYS D 39 40.62 27.91 23.86
C CYS D 39 41.14 29.34 23.93
N THR D 40 40.78 30.04 25.01
CA THR D 40 41.06 31.47 25.07
C THR D 40 41.19 31.91 26.52
N LEU D 41 42.32 32.53 26.85
CA LEU D 41 42.45 33.22 28.13
C LEU D 41 42.26 34.71 27.88
N THR D 42 41.67 35.40 28.85
CA THR D 42 41.26 36.79 28.73
C THR D 42 41.81 37.60 29.88
N GLY D 43 42.52 38.68 29.56
CA GLY D 43 43.04 39.58 30.57
C GLY D 43 44.45 39.27 31.02
N LEU D 44 45.36 39.14 30.06
CA LEU D 44 46.75 38.87 30.39
C LEU D 44 47.40 40.10 31.00
N ARG D 45 48.51 39.87 31.71
CA ARG D 45 49.13 40.94 32.48
C ARG D 45 49.83 41.95 31.59
N ASP D 46 50.92 41.56 30.94
CA ASP D 46 51.63 42.56 30.16
C ASP D 46 51.94 42.15 28.73
N ALA D 47 52.27 40.89 28.49
CA ALA D 47 52.89 40.47 27.24
C ALA D 47 52.07 39.39 26.56
N SER D 48 52.55 38.97 25.38
CA SER D 48 51.89 37.98 24.56
C SER D 48 52.61 36.63 24.56
N GLY D 49 53.71 36.49 25.28
CA GLY D 49 54.45 35.25 25.31
C GLY D 49 53.82 34.18 26.18
N VAL D 50 52.71 33.60 25.69
CA VAL D 50 51.95 32.63 26.46
C VAL D 50 52.18 31.24 25.88
N THR D 51 51.64 30.21 26.54
CA THR D 51 51.87 28.82 26.17
C THR D 51 50.52 28.12 26.10
N PHE D 52 50.44 27.02 25.35
CA PHE D 52 49.22 26.24 25.23
C PHE D 52 49.56 24.77 25.15
N THR D 53 48.64 23.93 25.65
CA THR D 53 48.86 22.49 25.70
C THR D 53 47.51 21.78 25.79
N TRP D 54 47.22 20.93 24.82
CA TRP D 54 46.07 20.03 24.88
C TRP D 54 46.55 18.63 25.20
N THR D 55 45.65 17.80 25.71
CA THR D 55 46.03 16.41 25.87
C THR D 55 45.94 15.57 24.58
N PRO D 56 44.92 15.70 23.66
CA PRO D 56 45.04 14.94 22.41
C PRO D 56 45.91 15.63 21.36
N SER D 57 47.22 15.42 21.42
CA SER D 57 48.14 16.07 20.48
C SER D 57 48.15 15.41 19.11
N SER D 58 47.00 15.39 18.43
CA SER D 58 46.95 14.84 17.07
C SER D 58 47.39 15.88 16.06
N GLY D 59 46.64 16.96 15.95
CA GLY D 59 46.99 18.10 15.11
C GLY D 59 47.91 19.06 15.82
N LYS D 60 49.20 18.73 15.89
CA LYS D 60 50.17 19.57 16.60
C LYS D 60 50.40 20.92 15.93
N SER D 61 49.90 21.13 14.72
CA SER D 61 49.88 22.47 14.11
C SER D 61 48.64 23.25 14.54
N ALA D 62 48.48 23.41 15.86
CA ALA D 62 47.39 24.22 16.39
C ALA D 62 47.60 25.68 16.07
N VAL D 63 46.67 26.26 15.32
CA VAL D 63 46.80 27.62 14.82
C VAL D 63 46.57 28.61 15.95
N GLN D 64 47.65 29.11 16.54
CA GLN D 64 47.55 30.19 17.51
C GLN D 64 47.32 31.50 16.77
N GLY D 65 46.21 32.17 17.07
CA GLY D 65 45.84 33.39 16.41
C GLY D 65 46.65 34.57 16.90
N PRO D 66 46.52 35.71 16.23
CA PRO D 66 47.27 36.90 16.63
C PRO D 66 46.76 37.46 17.95
N PRO D 67 47.62 38.11 18.74
CA PRO D 67 47.18 38.61 20.06
C PRO D 67 46.31 39.86 19.95
N GLU D 68 45.01 39.63 19.74
CA GLU D 68 44.06 40.72 19.62
C GLU D 68 43.79 41.35 20.97
N ARG D 69 43.03 42.44 20.97
CA ARG D 69 42.77 43.22 22.16
C ARG D 69 41.27 43.26 22.41
N ASP D 70 40.89 43.90 23.50
CA ASP D 70 39.49 44.11 23.84
C ASP D 70 39.39 45.42 24.62
N LEU D 71 38.22 46.05 24.53
CA LEU D 71 38.06 47.43 25.00
C LEU D 71 38.11 47.50 26.52
N CYS D 72 38.40 48.71 27.02
CA CYS D 72 38.66 49.02 28.44
C CYS D 72 39.81 48.17 28.99
N GLY D 73 40.94 48.19 28.28
CA GLY D 73 42.17 47.61 28.79
C GLY D 73 42.16 46.09 28.89
N CYS D 74 42.14 45.39 27.75
CA CYS D 74 42.07 43.94 27.79
C CYS D 74 42.76 43.38 26.55
N TYR D 75 43.65 42.41 26.76
CA TYR D 75 44.31 41.69 25.68
C TYR D 75 43.96 40.22 25.81
N SER D 76 43.64 39.57 24.70
CA SER D 76 43.25 38.17 24.70
C SER D 76 44.05 37.38 23.67
N VAL D 77 44.22 36.08 23.95
CA VAL D 77 44.92 35.16 23.08
C VAL D 77 43.94 34.05 22.71
N SER D 78 43.99 33.59 21.47
CA SER D 78 43.13 32.52 21.01
C SER D 78 43.97 31.31 20.64
N SER D 79 43.30 30.16 20.51
CA SER D 79 43.94 28.94 20.06
C SER D 79 42.89 27.99 19.52
N VAL D 80 43.21 27.34 18.39
CA VAL D 80 42.28 26.44 17.72
C VAL D 80 42.94 25.07 17.57
N LEU D 81 42.23 24.01 17.96
CA LEU D 81 42.78 22.66 17.73
C LEU D 81 41.88 22.00 16.69
N PRO D 82 42.24 21.95 15.40
CA PRO D 82 41.34 21.43 14.37
C PRO D 82 41.17 19.92 14.50
N GLY D 83 39.95 19.44 14.25
CA GLY D 83 39.62 18.01 14.38
C GLY D 83 38.51 17.60 13.45
N CYS D 84 38.04 16.37 13.60
CA CYS D 84 36.98 15.85 12.70
C CYS D 84 35.75 15.51 13.54
N ALA D 85 34.59 15.41 12.90
CA ALA D 85 33.31 15.18 13.63
C ALA D 85 33.32 13.86 14.40
N GLU D 86 33.97 12.82 13.86
CA GLU D 86 34.00 11.46 14.45
C GLU D 86 34.21 11.48 15.97
N PRO D 87 35.41 11.82 16.48
CA PRO D 87 35.72 11.77 17.91
C PRO D 87 34.81 12.55 18.88
N TRP D 88 34.36 13.75 18.48
CA TRP D 88 33.52 14.57 19.38
C TRP D 88 32.21 13.85 19.67
N ASN D 89 31.64 13.18 18.67
CA ASN D 89 30.35 12.45 18.81
C ASN D 89 30.50 11.14 19.59
N HIS D 90 31.72 10.65 19.83
CA HIS D 90 31.90 9.37 20.56
C HIS D 90 32.16 9.58 22.05
N GLY D 91 32.37 10.82 22.49
CA GLY D 91 32.60 11.09 23.90
C GLY D 91 34.04 11.07 24.36
N LYS D 92 34.90 11.83 23.71
CA LYS D 92 36.26 12.04 24.19
C LYS D 92 36.27 13.17 25.21
N THR D 93 37.45 13.70 25.53
CA THR D 93 37.55 14.86 26.40
C THR D 93 38.76 15.69 25.99
N PHE D 94 38.67 16.99 26.25
CA PHE D 94 39.67 17.96 25.80
C PHE D 94 40.00 18.91 26.95
N THR D 95 41.29 19.14 27.19
CA THR D 95 41.77 19.68 28.46
C THR D 95 42.83 20.76 28.23
N CYS D 96 42.46 21.84 27.54
CA CYS D 96 43.34 22.99 27.30
C CYS D 96 43.95 23.60 28.56
N THR D 97 45.15 24.19 28.42
CA THR D 97 45.92 24.72 29.54
C THR D 97 46.53 26.04 29.07
N ALA D 98 47.15 26.78 30.00
CA ALA D 98 47.84 28.03 29.71
C ALA D 98 48.84 28.30 30.82
N ALA D 99 49.88 29.06 30.49
CA ALA D 99 50.96 29.33 31.43
C ALA D 99 51.43 30.77 31.33
N TYR D 100 50.48 31.72 31.32
CA TYR D 100 50.71 33.17 31.34
C TYR D 100 51.54 33.57 32.55
N PRO D 101 52.42 34.57 32.43
CA PRO D 101 53.48 34.74 33.46
C PRO D 101 52.99 35.27 34.79
N GLU D 102 51.78 35.82 34.87
CA GLU D 102 51.31 36.42 36.12
C GLU D 102 50.79 35.39 37.12
N SER D 103 50.85 34.10 36.79
CA SER D 103 50.51 33.03 37.73
C SER D 103 51.75 32.21 38.05
N LYS D 104 51.72 31.53 39.19
CA LYS D 104 52.78 30.64 39.60
C LYS D 104 52.34 29.17 39.52
N THR D 105 51.24 28.91 38.81
CA THR D 105 50.63 27.60 38.67
C THR D 105 49.68 27.72 37.50
N PRO D 106 49.66 26.76 36.57
CA PRO D 106 48.79 26.88 35.39
C PRO D 106 47.31 26.77 35.71
N LEU D 107 46.47 26.93 34.69
CA LEU D 107 45.03 26.94 34.86
C LEU D 107 44.40 26.24 33.67
N THR D 108 43.47 25.34 33.95
CA THR D 108 42.93 24.46 32.91
C THR D 108 41.46 24.75 32.69
N ALA D 109 40.90 24.06 31.70
CA ALA D 109 39.47 24.05 31.44
C ALA D 109 39.17 22.76 30.69
N THR D 110 37.94 22.28 30.81
CA THR D 110 37.60 21.00 30.19
C THR D 110 36.17 21.08 29.66
N LEU D 111 35.98 20.58 28.45
CA LEU D 111 34.64 20.52 27.86
C LEU D 111 34.48 19.22 27.09
N SER D 112 33.26 18.70 27.07
CA SER D 112 32.95 17.48 26.36
C SER D 112 31.54 17.60 25.80
N LYS D 113 31.03 16.50 25.25
CA LYS D 113 29.67 16.51 24.73
C LYS D 113 28.67 16.47 25.88
N SER D 114 27.44 16.91 25.58
CA SER D 114 26.42 17.07 26.59
C SER D 114 25.65 15.77 26.80
N GLY D 115 25.03 15.67 27.97
CA GLY D 115 24.13 14.58 28.30
C GLY D 115 22.76 15.11 28.69
N ASN D 116 21.82 14.17 28.86
CA ASN D 116 20.42 14.44 29.22
C ASN D 116 19.74 15.37 28.21
N THR D 117 19.61 14.87 26.99
CA THR D 117 19.12 15.65 25.87
C THR D 117 17.65 15.33 25.59
N PHE D 118 17.00 16.22 24.84
CA PHE D 118 15.61 16.08 24.48
C PHE D 118 15.42 16.57 23.04
N ARG D 119 14.65 15.79 22.22
CA ARG D 119 14.49 16.32 20.87
C ARG D 119 13.36 17.33 20.82
N PRO D 120 13.45 18.32 19.93
CA PRO D 120 12.45 19.39 19.91
C PRO D 120 11.12 18.96 19.30
N GLU D 121 10.13 19.82 19.51
CA GLU D 121 8.81 19.70 18.89
C GLU D 121 8.67 20.87 17.93
N VAL D 122 8.36 20.56 16.67
CA VAL D 122 8.36 21.55 15.60
C VAL D 122 6.95 21.76 15.10
N HIS D 123 6.52 23.01 15.04
CA HIS D 123 5.20 23.37 14.57
C HIS D 123 5.32 24.44 13.50
N LEU D 124 4.37 24.43 12.57
CA LEU D 124 4.36 25.36 11.44
C LEU D 124 2.95 25.91 11.31
N LEU D 125 2.79 27.14 11.56
CA LEU D 125 1.47 27.72 11.75
C LEU D 125 0.96 28.35 10.46
N PRO D 126 -0.33 28.22 10.15
CA PRO D 126 -0.88 28.83 8.93
C PRO D 126 -1.03 30.33 9.10
N PRO D 127 -1.20 31.07 8.01
CA PRO D 127 -1.40 32.53 8.11
C PRO D 127 -2.69 32.88 8.83
N PRO D 128 -2.76 34.05 9.46
CA PRO D 128 -3.99 34.44 10.14
C PRO D 128 -5.06 34.92 9.16
N SER D 129 -6.25 35.22 9.67
CA SER D 129 -7.39 35.52 8.83
C SER D 129 -7.37 36.94 8.28
N GLU D 130 -7.07 37.93 9.12
CA GLU D 130 -7.15 39.31 8.66
C GLU D 130 -5.94 39.75 7.86
N GLU D 131 -4.97 38.87 7.65
CA GLU D 131 -3.85 39.16 6.77
C GLU D 131 -4.10 38.66 5.35
N LEU D 132 -5.04 37.72 5.17
CA LEU D 132 -5.43 37.25 3.85
C LEU D 132 -6.43 38.16 3.17
N ALA D 133 -7.15 39.00 3.92
CA ALA D 133 -8.12 39.91 3.35
C ALA D 133 -7.51 41.23 2.89
N LEU D 134 -6.18 41.31 2.77
CA LEU D 134 -5.51 42.49 2.23
C LEU D 134 -4.77 42.22 0.95
N ASN D 135 -4.49 40.95 0.64
CA ASN D 135 -4.00 40.47 -0.67
C ASN D 135 -2.65 41.04 -1.06
N GLU D 136 -1.86 41.49 -0.07
CA GLU D 136 -0.51 41.99 -0.36
C GLU D 136 0.58 40.99 0.04
N LEU D 137 0.62 40.58 1.31
CA LEU D 137 1.64 39.66 1.80
C LEU D 137 1.03 38.84 2.93
N VAL D 138 1.62 37.66 3.18
CA VAL D 138 1.18 36.77 4.25
C VAL D 138 2.40 36.31 5.02
N THR D 139 2.16 35.80 6.23
CA THR D 139 3.21 35.44 7.16
C THR D 139 3.09 33.99 7.58
N LEU D 140 4.17 33.24 7.46
CA LEU D 140 4.27 31.89 8.02
C LEU D 140 5.22 31.91 9.22
N THR D 141 4.97 31.00 10.15
CA THR D 141 5.67 30.99 11.43
C THR D 141 6.08 29.58 11.81
N CYS D 142 7.36 29.40 12.09
CA CYS D 142 7.91 28.12 12.52
C CYS D 142 8.35 28.25 13.96
N LEU D 143 7.95 27.29 14.80
CA LEU D 143 8.20 27.33 16.23
C LEU D 143 8.74 25.99 16.70
N ALA D 144 9.91 26.00 17.31
CA ALA D 144 10.54 24.80 17.83
C ALA D 144 10.71 24.94 19.33
N ARG D 145 10.33 23.89 20.05
CA ARG D 145 10.09 24.01 21.49
C ARG D 145 10.49 22.74 22.21
N GLY D 146 11.22 22.88 23.31
CA GLY D 146 11.44 21.78 24.24
C GLY D 146 12.73 20.99 24.12
N PHE D 147 13.82 21.63 23.72
CA PHE D 147 15.07 20.95 23.44
C PHE D 147 16.14 21.38 24.44
N SER D 148 17.02 20.45 24.81
CA SER D 148 17.87 20.69 25.98
C SER D 148 19.13 21.53 25.74
N PRO D 149 19.96 21.31 24.72
CA PRO D 149 21.04 22.28 24.48
C PRO D 149 20.54 23.47 23.70
N LYS D 150 21.24 24.60 23.86
CA LYS D 150 20.72 25.90 23.44
C LYS D 150 20.96 26.23 21.97
N ASP D 151 21.46 25.31 21.17
CA ASP D 151 21.82 25.61 19.79
C ASP D 151 21.00 24.76 18.83
N VAL D 152 20.59 25.38 17.71
CA VAL D 152 19.64 24.76 16.79
C VAL D 152 19.76 25.49 15.46
N LEU D 153 19.39 24.81 14.37
CA LEU D 153 19.40 25.39 13.04
C LEU D 153 17.97 25.56 12.52
N VAL D 154 17.77 26.58 11.69
CA VAL D 154 16.49 26.84 11.03
C VAL D 154 16.76 27.20 9.58
N ARG D 155 16.10 26.49 8.66
CA ARG D 155 16.16 26.80 7.24
C ARG D 155 14.74 26.93 6.71
N TRP D 156 14.61 27.37 5.46
CA TRP D 156 13.31 27.44 4.82
C TRP D 156 13.43 26.89 3.39
N LEU D 157 12.29 26.48 2.84
CA LEU D 157 12.25 25.96 1.48
C LEU D 157 10.96 26.39 0.82
N GLN D 158 11.04 26.67 -0.48
CA GLN D 158 9.87 26.92 -1.30
C GLN D 158 9.89 25.93 -2.46
N GLY D 159 8.85 25.12 -2.57
CA GLY D 159 8.91 24.01 -3.49
C GLY D 159 9.91 22.99 -3.00
N SER D 160 11.06 22.94 -3.66
CA SER D 160 12.19 22.14 -3.18
C SER D 160 13.50 22.90 -3.25
N GLN D 161 13.47 24.19 -3.56
CA GLN D 161 14.67 25.01 -3.65
C GLN D 161 14.80 25.83 -2.37
N GLU D 162 15.98 25.78 -1.76
CA GLU D 162 16.22 26.51 -0.52
C GLU D 162 16.33 28.00 -0.77
N LEU D 163 15.56 28.77 -0.02
CA LEU D 163 15.62 30.22 -0.11
C LEU D 163 16.91 30.73 0.52
N PRO D 164 17.47 31.83 0.02
CA PRO D 164 18.67 32.41 0.63
C PRO D 164 18.37 33.02 1.99
N ARG D 165 19.43 33.06 2.82
CA ARG D 165 19.28 33.34 4.24
C ARG D 165 18.88 34.78 4.54
N GLU D 166 18.91 35.66 3.55
CA GLU D 166 18.57 37.06 3.76
C GLU D 166 17.09 37.35 3.56
N LYS D 167 16.26 36.32 3.42
CA LYS D 167 14.85 36.53 3.12
C LYS D 167 13.93 36.31 4.30
N TYR D 168 14.43 35.86 5.44
CA TYR D 168 13.60 35.61 6.62
C TYR D 168 14.33 36.10 7.85
N LEU D 169 13.67 35.97 9.00
CA LEU D 169 14.16 36.50 10.26
C LEU D 169 14.03 35.45 11.34
N THR D 170 15.14 35.13 12.01
CA THR D 170 15.18 34.16 13.09
C THR D 170 15.66 34.84 14.36
N TRP D 171 15.06 34.47 15.49
CA TRP D 171 15.44 35.00 16.78
C TRP D 171 16.48 34.09 17.42
N ALA D 172 16.83 34.37 18.67
CA ALA D 172 17.77 33.55 19.41
C ALA D 172 17.02 32.47 20.19
N SER D 173 17.74 31.66 20.93
CA SER D 173 17.15 30.56 21.69
C SER D 173 17.17 30.92 23.17
N ARG D 174 16.01 31.28 23.70
CA ARG D 174 15.86 31.57 25.12
C ARG D 174 15.37 30.32 25.84
N GLN D 175 15.36 30.37 27.17
CA GLN D 175 14.81 29.28 27.95
C GLN D 175 13.44 29.64 28.49
N GLU D 176 12.53 28.67 28.48
CA GLU D 176 11.14 28.87 28.82
C GLU D 176 10.93 28.63 30.31
N PRO D 177 9.85 29.17 30.89
CA PRO D 177 9.56 28.93 32.31
C PRO D 177 9.34 27.47 32.62
N SER D 178 9.68 27.10 33.86
CA SER D 178 10.02 25.73 34.22
C SER D 178 8.75 24.92 34.45
N GLN D 179 8.57 23.87 33.67
CA GLN D 179 7.71 22.76 34.06
C GLN D 179 8.56 21.62 34.63
N GLY D 180 9.33 21.94 35.66
CA GLY D 180 10.30 21.02 36.23
C GLY D 180 11.72 21.18 35.71
N THR D 181 11.98 20.74 34.48
CA THR D 181 13.34 20.74 33.94
C THR D 181 13.53 21.84 32.91
N THR D 182 14.79 22.05 32.51
CA THR D 182 15.17 23.17 31.68
C THR D 182 15.12 22.81 30.19
N THR D 183 14.36 23.60 29.43
CA THR D 183 14.24 23.45 27.99
C THR D 183 14.26 24.82 27.34
N PHE D 184 14.33 24.85 26.01
CA PHE D 184 14.54 26.08 25.24
C PHE D 184 13.50 26.18 24.12
N ALA D 185 13.55 27.28 23.36
CA ALA D 185 12.59 27.53 22.27
C ALA D 185 13.12 28.60 21.33
N VAL D 186 12.75 28.48 20.04
CA VAL D 186 13.05 29.48 19.01
C VAL D 186 11.79 29.78 18.21
N THR D 187 11.88 30.81 17.35
CA THR D 187 10.86 31.16 16.39
C THR D 187 11.52 31.64 15.11
N SER D 188 10.76 31.62 14.01
CA SER D 188 11.17 32.30 12.79
C SER D 188 9.93 32.57 11.94
N ILE D 189 9.93 33.69 11.22
CA ILE D 189 8.82 34.07 10.36
C ILE D 189 9.32 34.25 8.94
N LEU D 190 8.38 34.13 7.99
CA LEU D 190 8.69 34.26 6.57
C LEU D 190 7.51 34.92 5.88
N ARG D 191 7.78 35.99 5.14
CA ARG D 191 6.74 36.73 4.44
C ARG D 191 6.71 36.34 2.98
N VAL D 192 5.52 36.09 2.47
CA VAL D 192 5.28 35.45 1.18
C VAL D 192 4.27 36.30 0.42
N ALA D 193 4.47 36.42 -0.89
CA ALA D 193 3.48 37.06 -1.76
C ALA D 193 2.18 36.28 -1.76
N ALA D 194 1.07 37.00 -1.56
CA ALA D 194 -0.22 36.36 -1.37
C ALA D 194 -0.77 35.75 -2.65
N GLU D 195 -0.21 36.11 -3.81
CA GLU D 195 -0.60 35.45 -5.04
C GLU D 195 -0.04 34.04 -5.13
N ASP D 196 1.04 33.75 -4.40
CA ASP D 196 1.64 32.43 -4.40
C ASP D 196 1.05 31.50 -3.35
N TRP D 197 0.55 32.05 -2.24
CA TRP D 197 -0.11 31.21 -1.24
C TRP D 197 -1.47 30.75 -1.74
N LYS D 198 -2.25 31.67 -2.32
CA LYS D 198 -3.59 31.34 -2.81
C LYS D 198 -3.57 30.47 -4.05
N LYS D 199 -2.44 30.38 -4.75
CA LYS D 199 -2.35 29.58 -5.96
C LYS D 199 -2.11 28.10 -5.66
N GLY D 200 -1.37 27.80 -4.60
CA GLY D 200 -1.18 26.41 -4.21
C GLY D 200 0.26 25.98 -4.10
N ASP D 201 1.17 26.93 -3.92
CA ASP D 201 2.57 26.59 -3.71
C ASP D 201 2.79 26.09 -2.29
N THR D 202 3.81 25.24 -2.12
CA THR D 202 4.09 24.61 -0.85
C THR D 202 5.37 25.17 -0.25
N PHE D 203 5.40 25.28 1.07
CA PHE D 203 6.54 25.83 1.80
C PHE D 203 6.95 24.86 2.89
N SER D 204 8.19 24.98 3.34
CA SER D 204 8.74 23.98 4.23
C SER D 204 9.69 24.64 5.22
N CYS D 205 9.70 24.10 6.44
CA CYS D 205 10.57 24.57 7.52
C CYS D 205 11.39 23.38 7.99
N MET D 206 12.71 23.56 8.05
CA MET D 206 13.63 22.50 8.40
C MET D 206 14.45 22.89 9.63
N VAL D 207 14.59 21.96 10.57
CA VAL D 207 15.24 22.21 11.85
C VAL D 207 16.25 21.11 12.13
N GLY D 208 17.46 21.49 12.47
CA GLY D 208 18.51 20.53 12.82
C GLY D 208 19.03 20.75 14.22
N HIS D 209 19.26 19.64 14.92
CA HIS D 209 19.58 19.64 16.34
C HIS D 209 20.27 18.33 16.69
N GLU D 210 21.07 18.36 17.76
CA GLU D 210 21.92 17.22 18.13
C GLU D 210 21.11 16.02 18.58
N ALA D 211 19.97 16.25 19.22
CA ALA D 211 19.25 15.16 19.86
C ALA D 211 18.31 14.42 18.92
N LEU D 212 18.21 14.85 17.67
CA LEU D 212 17.36 14.16 16.71
C LEU D 212 18.08 12.92 16.18
N PRO D 213 17.33 11.87 15.82
CA PRO D 213 17.98 10.63 15.35
C PRO D 213 18.70 10.77 14.02
N LEU D 214 18.06 11.36 13.01
CA LEU D 214 18.73 11.65 11.75
C LEU D 214 19.24 13.08 11.69
N ALA D 215 19.26 13.78 12.82
CA ALA D 215 19.78 15.13 13.03
C ALA D 215 19.04 16.22 12.25
N PHE D 216 17.92 15.91 11.60
CA PHE D 216 17.16 16.89 10.86
C PHE D 216 15.69 16.48 10.85
N THR D 217 14.81 17.47 10.84
CA THR D 217 13.38 17.21 10.69
C THR D 217 12.69 18.39 10.00
N GLN D 218 11.70 18.10 9.16
CA GLN D 218 11.09 19.17 8.38
C GLN D 218 9.58 19.03 8.40
N LYS D 219 8.90 20.12 8.02
CA LYS D 219 7.45 20.16 8.00
C LYS D 219 7.02 21.00 6.82
N THR D 220 6.06 20.52 6.06
CA THR D 220 5.59 21.15 4.83
C THR D 220 4.13 21.58 4.99
N ILE D 221 3.81 22.75 4.45
CA ILE D 221 2.45 23.26 4.51
C ILE D 221 2.10 23.92 3.19
N ASP D 222 0.80 23.90 2.87
CA ASP D 222 0.26 24.67 1.76
C ASP D 222 -1.20 24.99 2.10
N ARG D 223 -1.92 25.56 1.12
CA ARG D 223 -3.27 26.01 1.39
C ARG D 223 -4.25 24.86 1.51
N LEU D 224 -3.93 23.71 0.91
CA LEU D 224 -4.80 22.55 1.05
C LEU D 224 -4.68 21.92 2.42
N ALA D 225 -3.55 22.08 3.09
CA ALA D 225 -3.34 21.54 4.43
C ALA D 225 -3.59 22.58 5.50
N GLY D 226 -4.50 23.52 5.26
CA GLY D 226 -4.78 24.56 6.21
C GLY D 226 -6.17 24.44 6.79
N LYS D 227 -6.81 25.57 7.06
CA LYS D 227 -8.16 25.55 7.61
C LYS D 227 -9.17 25.59 6.47
N PRO D 228 -10.00 24.58 6.30
CA PRO D 228 -10.96 24.60 5.20
C PRO D 228 -12.24 25.32 5.59
N THR D 229 -13.04 25.70 4.60
CA THR D 229 -14.29 26.39 4.86
C THR D 229 -15.53 25.53 4.62
N HIS D 230 -15.38 24.34 4.05
CA HIS D 230 -16.48 23.39 3.93
C HIS D 230 -15.93 22.00 4.14
N VAL D 231 -16.52 21.25 5.07
CA VAL D 231 -16.12 19.86 5.31
C VAL D 231 -17.32 18.95 5.07
N ASN D 232 -17.06 17.81 4.44
CA ASN D 232 -18.07 16.77 4.22
C ASN D 232 -17.59 15.49 4.86
N VAL D 233 -18.31 15.01 5.85
CA VAL D 233 -17.99 13.75 6.53
C VAL D 233 -19.00 12.71 6.09
N SER D 234 -18.52 11.53 5.71
CA SER D 234 -19.38 10.44 5.26
C SER D 234 -18.97 9.16 5.96
N VAL D 235 -19.81 8.68 6.87
CA VAL D 235 -19.57 7.46 7.62
C VAL D 235 -20.27 6.31 6.93
N VAL D 236 -19.60 5.17 6.82
CA VAL D 236 -20.12 4.01 6.13
C VAL D 236 -20.03 2.80 7.05
N MET D 237 -21.16 2.18 7.34
CA MET D 237 -21.20 0.98 8.14
C MET D 237 -20.83 -0.24 7.29
N ALA D 238 -20.36 -1.29 7.97
CA ALA D 238 -19.89 -2.47 7.25
C ALA D 238 -20.26 -3.70 8.09
N GLU D 239 -21.39 -4.31 7.76
CA GLU D 239 -21.75 -5.60 8.31
C GLU D 239 -20.99 -6.74 7.64
N VAL D 240 -20.25 -6.45 6.57
CA VAL D 240 -19.65 -7.53 5.77
C VAL D 240 -18.41 -8.06 6.47
N ASP D 241 -17.37 -7.24 6.55
CA ASP D 241 -16.09 -7.59 7.14
C ASP D 241 -15.29 -6.32 7.29
N GLY D 242 -14.19 -6.42 8.01
CA GLY D 242 -13.26 -5.32 8.05
C GLY D 242 -11.98 -5.71 7.36
N THR D 243 -11.77 -5.21 6.14
CA THR D 243 -10.55 -5.51 5.41
C THR D 243 -9.95 -4.29 4.74
N CYS D 244 -10.73 -3.24 4.45
CA CYS D 244 -10.29 -1.99 3.83
C CYS D 244 -9.57 -2.24 2.50
N TYR D 245 -10.37 -2.66 1.51
CA TYR D 245 -9.90 -2.88 0.15
C TYR D 245 -9.28 -1.64 -0.46
N CYS E 15 40.64 53.29 31.81
CA CYS E 15 40.22 53.06 30.44
C CYS E 15 39.99 54.37 29.70
N HIS E 16 39.60 54.28 28.44
CA HIS E 16 39.31 55.47 27.65
C HIS E 16 37.94 56.02 28.04
N PRO E 17 37.85 57.30 28.40
CA PRO E 17 36.56 57.85 28.83
C PRO E 17 35.64 58.16 27.66
N ARG E 18 34.35 58.26 27.99
CA ARG E 18 33.31 58.59 27.02
C ARG E 18 32.13 59.22 27.77
N LEU E 19 31.15 59.70 27.01
CA LEU E 19 29.97 60.33 27.57
C LEU E 19 28.79 60.04 26.65
N SER E 20 27.67 59.61 27.24
CA SER E 20 26.53 59.16 26.45
C SER E 20 25.26 59.74 27.05
N LEU E 21 24.17 59.61 26.29
CA LEU E 21 22.88 60.13 26.71
C LEU E 21 21.81 59.15 26.25
N HIS E 22 20.76 59.02 27.07
CA HIS E 22 19.74 58.00 26.90
C HIS E 22 18.36 58.65 26.75
N ARG E 23 17.35 57.80 26.61
CA ARG E 23 15.95 58.20 26.49
C ARG E 23 15.20 57.73 27.73
N PRO E 24 14.04 58.31 28.03
CA PRO E 24 13.22 57.75 29.12
C PRO E 24 12.61 56.42 28.70
N ALA E 25 12.65 55.46 29.60
CA ALA E 25 12.16 54.11 29.33
C ALA E 25 10.65 54.13 29.12
N LEU E 26 10.18 53.21 28.26
CA LEU E 26 8.81 53.26 27.79
C LEU E 26 7.83 52.75 28.84
N GLU E 27 8.28 51.91 29.76
CA GLU E 27 7.40 51.34 30.78
C GLU E 27 6.94 52.37 31.79
N ASP E 28 7.66 53.48 31.92
CA ASP E 28 7.30 54.55 32.84
C ASP E 28 6.53 55.68 32.17
N LEU E 29 6.76 55.90 30.88
CA LEU E 29 6.17 57.02 30.16
C LEU E 29 4.66 56.90 30.02
N LEU E 30 4.12 55.68 30.03
CA LEU E 30 2.69 55.47 29.88
C LEU E 30 1.97 55.13 31.17
N LEU E 31 2.69 54.72 32.22
CA LEU E 31 2.04 54.20 33.42
C LEU E 31 2.54 54.81 34.73
N GLY E 32 3.59 55.63 34.72
CA GLY E 32 4.17 56.07 35.97
C GLY E 32 4.48 57.55 35.99
N SER E 33 5.08 57.97 37.11
CA SER E 33 5.53 59.34 37.30
C SER E 33 7.01 59.41 37.67
N GLU E 34 7.77 58.34 37.40
CA GLU E 34 9.20 58.29 37.65
C GLU E 34 10.02 58.28 36.37
N ALA E 35 9.46 58.76 35.26
CA ALA E 35 10.20 58.82 34.01
C ALA E 35 11.23 59.95 34.06
N ASN E 36 12.50 59.59 34.10
CA ASN E 36 13.55 60.58 34.20
C ASN E 36 14.65 60.25 33.20
N LEU E 37 15.41 61.28 32.82
CA LEU E 37 16.37 61.21 31.74
C LEU E 37 17.80 61.00 32.27
N THR E 38 18.77 61.04 31.37
CA THR E 38 20.11 60.56 31.68
C THR E 38 21.14 61.53 31.13
N CYS E 39 22.21 61.75 31.90
CA CYS E 39 23.45 62.34 31.39
C CYS E 39 24.58 61.66 32.16
N THR E 40 25.09 60.57 31.59
CA THR E 40 26.08 59.74 32.25
C THR E 40 27.49 60.12 31.80
N LEU E 41 28.48 59.63 32.54
CA LEU E 41 29.89 59.83 32.22
C LEU E 41 30.62 58.52 32.46
N THR E 42 31.10 57.89 31.39
CA THR E 42 31.64 56.53 31.47
C THR E 42 33.16 56.60 31.51
N GLY E 43 33.74 56.20 32.64
CA GLY E 43 35.18 56.13 32.78
C GLY E 43 35.81 57.40 33.32
N LEU E 44 36.40 57.31 34.52
CA LEU E 44 36.96 58.49 35.17
C LEU E 44 37.99 58.09 36.22
N ARG E 45 38.97 58.95 36.45
CA ARG E 45 40.00 58.74 37.47
C ARG E 45 40.30 60.05 38.18
N ASP E 46 39.26 60.80 38.52
CA ASP E 46 39.43 62.18 38.96
C ASP E 46 38.38 62.50 40.02
N ALA E 47 38.18 63.78 40.27
CA ALA E 47 37.34 64.27 41.36
C ALA E 47 36.14 65.01 40.78
N SER E 48 35.40 65.67 41.68
CA SER E 48 34.15 66.36 41.31
C SER E 48 34.49 67.65 40.58
N GLY E 49 34.63 67.56 39.27
CA GLY E 49 34.71 68.73 38.42
C GLY E 49 33.52 68.79 37.50
N VAL E 50 32.33 68.52 38.04
CA VAL E 50 31.12 68.28 37.25
C VAL E 50 30.11 69.41 37.44
N THR E 51 29.63 69.95 36.32
CA THR E 51 28.56 70.94 36.33
C THR E 51 27.65 70.66 35.14
N PHE E 52 26.41 70.28 35.42
CA PHE E 52 25.48 69.87 34.38
C PHE E 52 24.48 70.97 34.09
N THR E 53 24.24 71.20 32.79
CA THR E 53 23.35 72.26 32.37
C THR E 53 22.55 71.76 31.18
N TRP E 54 21.22 71.85 31.30
CA TRP E 54 20.30 71.37 30.27
C TRP E 54 19.62 72.58 29.65
N THR E 55 19.68 72.68 28.33
CA THR E 55 19.32 73.94 27.67
C THR E 55 17.83 74.29 27.69
N PRO E 56 16.87 73.38 27.92
CA PRO E 56 15.58 73.86 28.46
C PRO E 56 15.63 73.89 29.99
N SER E 57 15.04 74.94 30.54
CA SER E 57 15.20 75.30 31.95
C SER E 57 13.84 75.63 32.57
N SER E 58 12.89 74.69 32.44
CA SER E 58 11.51 74.81 32.93
C SER E 58 11.40 75.11 34.42
N GLY E 59 12.39 74.73 35.23
CA GLY E 59 12.39 75.10 36.63
C GLY E 59 12.43 73.94 37.60
N LYS E 60 12.96 72.81 37.14
CA LYS E 60 12.96 71.58 37.92
C LYS E 60 14.11 71.59 38.91
N SER E 61 14.35 70.43 39.53
CA SER E 61 15.43 70.23 40.49
C SER E 61 16.38 69.19 39.92
N ALA E 62 17.65 69.54 39.81
CA ALA E 62 18.61 68.76 39.03
C ALA E 62 19.82 68.38 39.86
N VAL E 63 19.59 67.81 41.04
CA VAL E 63 20.66 67.13 41.77
C VAL E 63 21.06 65.89 40.99
N GLN E 64 22.31 65.46 41.17
CA GLN E 64 22.85 64.34 40.39
C GLN E 64 22.16 63.02 40.71
N GLY E 65 22.51 61.98 39.96
CA GLY E 65 21.95 60.67 40.14
C GLY E 65 22.64 59.96 41.28
N PRO E 66 23.02 58.70 41.08
CA PRO E 66 23.93 58.03 42.03
C PRO E 66 25.39 58.30 41.68
N PRO E 67 26.10 59.08 42.49
CA PRO E 67 27.55 59.22 42.27
C PRO E 67 28.26 57.96 42.77
N GLU E 68 28.73 57.15 41.83
CA GLU E 68 29.17 55.79 42.15
C GLU E 68 30.31 55.41 41.20
N ARG E 69 30.53 54.11 41.06
CA ARG E 69 31.58 53.56 40.22
C ARG E 69 30.95 52.68 39.13
N ASP E 70 31.81 51.97 38.39
CA ASP E 70 31.37 51.13 37.30
C ASP E 70 32.08 49.78 37.33
N LEU E 71 31.99 49.03 36.23
CA LEU E 71 32.61 47.72 36.13
C LEU E 71 34.08 47.84 35.75
N CYS E 72 34.93 47.06 36.43
CA CYS E 72 36.38 46.99 36.23
C CYS E 72 37.06 48.34 36.38
N GLY E 73 36.98 48.89 37.60
CA GLY E 73 37.83 49.99 38.00
C GLY E 73 37.60 51.32 37.31
N CYS E 74 36.37 51.61 36.90
CA CYS E 74 36.02 52.85 36.24
C CYS E 74 35.08 53.64 37.13
N TYR E 75 35.31 54.94 37.23
CA TYR E 75 34.42 55.82 37.97
C TYR E 75 33.37 56.44 37.03
N SER E 76 32.26 56.89 37.62
CA SER E 76 31.12 57.35 36.85
C SER E 76 30.35 58.38 37.66
N VAL E 77 29.63 59.26 36.95
CA VAL E 77 28.63 60.15 37.52
C VAL E 77 27.40 60.01 36.62
N SER E 78 26.25 60.45 37.11
CA SER E 78 25.02 60.41 36.32
C SER E 78 24.06 61.46 36.85
N SER E 79 23.13 61.88 36.00
CA SER E 79 22.06 62.78 36.41
C SER E 79 20.71 62.29 35.91
N VAL E 80 19.70 62.58 36.72
CA VAL E 80 18.31 62.27 36.40
C VAL E 80 17.51 63.50 36.72
N LEU E 81 16.27 63.55 36.24
CA LEU E 81 15.41 64.72 36.38
C LEU E 81 14.15 64.27 37.14
N PRO E 82 14.22 64.19 38.48
CA PRO E 82 13.15 63.53 39.25
C PRO E 82 11.81 64.25 39.30
N GLY E 83 11.82 65.54 39.61
CA GLY E 83 10.59 66.28 39.86
C GLY E 83 9.96 66.92 38.64
N CYS E 84 10.17 66.32 37.48
CA CYS E 84 9.49 66.71 36.25
C CYS E 84 9.50 65.50 35.33
N ALA E 85 8.32 65.00 34.98
CA ALA E 85 8.18 63.69 34.35
C ALA E 85 8.46 63.71 32.85
N GLU E 86 9.20 64.73 32.35
CA GLU E 86 9.56 64.95 30.96
C GLU E 86 8.34 64.96 30.05
N PRO E 87 7.54 66.05 30.03
CA PRO E 87 6.46 66.19 29.03
C PRO E 87 6.99 66.78 27.72
N TRP E 88 7.57 65.92 26.91
CA TRP E 88 8.08 66.27 25.59
C TRP E 88 7.31 65.55 24.51
N ASN E 89 5.97 65.54 24.63
CA ASN E 89 5.14 65.11 23.51
C ASN E 89 5.21 66.12 22.36
N HIS E 90 5.48 67.39 22.66
CA HIS E 90 5.74 68.37 21.62
C HIS E 90 7.08 68.15 20.92
N GLY E 91 8.03 67.48 21.58
CA GLY E 91 9.24 67.03 20.92
C GLY E 91 10.38 68.03 20.85
N LYS E 92 10.88 68.49 21.99
CA LYS E 92 11.99 69.44 21.99
C LYS E 92 13.31 68.74 21.66
N THR E 93 14.40 69.51 21.70
CA THR E 93 15.73 69.00 21.39
C THR E 93 16.45 68.46 22.63
N PHE E 94 16.43 69.23 23.72
CA PHE E 94 16.56 68.76 25.09
C PHE E 94 17.91 68.06 25.36
N THR E 95 18.98 68.85 25.27
CA THR E 95 20.34 68.33 25.22
C THR E 95 21.16 68.77 26.43
N CYS E 96 22.13 67.93 26.81
CA CYS E 96 23.00 68.10 27.97
C CYS E 96 24.39 68.53 27.54
N THR E 97 25.00 69.46 28.30
CA THR E 97 26.34 70.00 28.02
C THR E 97 27.18 69.93 29.30
N ALA E 98 27.99 68.90 29.44
CA ALA E 98 28.68 68.62 30.69
C ALA E 98 29.92 69.51 30.82
N ALA E 99 30.75 69.21 31.82
CA ALA E 99 32.01 69.93 32.05
C ALA E 99 32.93 69.08 32.89
N TYR E 100 34.23 69.24 32.67
CA TYR E 100 35.29 68.64 33.47
C TYR E 100 36.61 69.36 33.13
N PRO E 101 37.58 69.42 34.08
CA PRO E 101 38.70 70.36 33.93
C PRO E 101 39.80 69.92 32.97
N GLU E 102 39.49 69.06 32.01
CA GLU E 102 40.48 68.52 31.09
C GLU E 102 40.88 69.56 30.04
N SER E 103 41.48 69.07 28.95
CA SER E 103 41.85 69.92 27.82
C SER E 103 40.63 70.67 27.27
N LYS E 104 40.89 71.77 26.58
CA LYS E 104 39.89 72.82 26.39
C LYS E 104 38.77 72.42 25.42
N THR E 105 37.94 71.46 25.87
CA THR E 105 36.68 71.07 25.26
C THR E 105 35.85 70.36 26.33
N PRO E 106 35.08 71.09 27.15
CA PRO E 106 34.03 70.43 27.94
C PRO E 106 32.95 69.89 27.02
N LEU E 107 32.58 68.64 27.24
CA LEU E 107 31.86 67.86 26.24
C LEU E 107 30.35 68.10 26.33
N THR E 108 29.68 67.91 25.18
CA THR E 108 28.23 67.93 25.07
C THR E 108 27.74 66.54 24.70
N ALA E 109 26.46 66.40 24.39
CA ALA E 109 25.91 65.09 24.04
C ALA E 109 24.91 65.26 22.91
N THR E 110 24.21 64.17 22.59
CA THR E 110 23.26 64.15 21.48
C THR E 110 21.90 63.70 22.00
N LEU E 111 20.87 64.50 21.75
CA LEU E 111 19.51 64.15 22.13
C LEU E 111 18.54 64.63 21.07
N SER E 112 17.53 63.81 20.77
CA SER E 112 16.57 64.12 19.72
C SER E 112 15.35 63.22 19.90
N LYS E 113 14.40 63.40 18.98
CA LYS E 113 13.25 62.50 18.82
C LYS E 113 13.00 62.35 17.33
N SER E 114 13.27 61.16 16.80
CA SER E 114 13.09 60.92 15.38
C SER E 114 11.60 60.78 15.05
N GLY E 115 11.30 60.94 13.75
CA GLY E 115 9.97 60.79 13.25
C GLY E 115 9.71 59.39 12.73
N ASN E 116 8.94 59.32 11.64
CA ASN E 116 8.65 58.11 10.87
C ASN E 116 7.97 57.06 11.75
N THR E 117 7.08 57.50 12.63
CA THR E 117 6.40 56.58 13.54
C THR E 117 5.38 55.74 12.78
N PHE E 118 5.50 54.41 12.90
CA PHE E 118 4.54 53.48 12.33
C PHE E 118 3.90 52.68 13.44
N ARG E 119 2.57 52.62 13.44
CA ARG E 119 1.84 51.82 14.41
C ARG E 119 2.07 50.33 14.15
N PRO E 120 2.10 49.50 15.19
CA PRO E 120 2.30 48.08 15.00
C PRO E 120 1.06 47.36 14.48
N GLU E 121 1.28 46.15 13.98
CA GLU E 121 0.21 45.24 13.60
C GLU E 121 0.39 43.97 14.41
N VAL E 122 -0.61 43.61 15.19
CA VAL E 122 -0.51 42.54 16.17
C VAL E 122 -1.47 41.41 15.79
N HIS E 123 -0.96 40.19 15.83
CA HIS E 123 -1.73 38.99 15.48
C HIS E 123 -1.58 37.98 16.61
N LEU E 124 -2.69 37.38 17.01
CA LEU E 124 -2.70 36.35 18.03
C LEU E 124 -3.22 35.06 17.40
N LEU E 125 -2.52 33.96 17.63
CA LEU E 125 -2.75 32.75 16.87
C LEU E 125 -3.39 31.65 17.71
N PRO E 126 -4.20 30.80 17.10
CA PRO E 126 -4.73 29.63 17.80
C PRO E 126 -3.64 28.58 17.98
N PRO E 127 -3.83 27.62 18.90
CA PRO E 127 -2.82 26.59 19.11
C PRO E 127 -2.74 25.63 17.95
N PRO E 128 -1.62 24.92 17.79
CA PRO E 128 -1.57 23.87 16.78
C PRO E 128 -2.46 22.70 17.16
N SER E 129 -3.06 22.10 16.15
CA SER E 129 -4.08 21.09 16.39
C SER E 129 -3.51 19.76 16.85
N GLU E 130 -2.20 19.54 16.70
CA GLU E 130 -1.57 18.35 17.23
C GLU E 130 -1.55 18.35 18.76
N GLU E 131 -1.46 19.53 19.36
CA GLU E 131 -1.39 19.65 20.81
C GLU E 131 -2.74 19.42 21.48
N LEU E 132 -3.84 19.68 20.77
CA LEU E 132 -5.16 19.50 21.35
C LEU E 132 -5.50 18.04 21.55
N ALA E 133 -4.90 17.16 20.77
CA ALA E 133 -5.24 15.74 20.83
C ALA E 133 -4.56 15.03 21.98
N LEU E 134 -3.57 15.65 22.62
CA LEU E 134 -2.83 14.98 23.68
C LEU E 134 -3.26 15.38 25.08
N ASN E 135 -3.82 16.58 25.24
CA ASN E 135 -4.44 17.07 26.48
C ASN E 135 -3.47 17.15 27.65
N GLU E 136 -2.34 17.83 27.44
CA GLU E 136 -1.51 18.22 28.58
C GLU E 136 -1.37 19.72 28.72
N LEU E 137 -0.91 20.44 27.70
CA LEU E 137 -0.77 21.88 27.72
C LEU E 137 -0.77 22.38 26.28
N VAL E 138 -1.37 23.54 26.06
CA VAL E 138 -1.46 24.12 24.72
C VAL E 138 -0.70 25.43 24.70
N THR E 139 -0.33 25.86 23.50
CA THR E 139 0.56 26.98 23.27
C THR E 139 -0.14 28.07 22.46
N LEU E 140 -0.08 29.30 22.95
CA LEU E 140 -0.56 30.46 22.22
C LEU E 140 0.61 31.34 21.83
N THR E 141 0.44 32.09 20.74
CA THR E 141 1.54 32.85 20.15
C THR E 141 1.03 34.22 19.75
N CYS E 142 1.65 35.26 20.29
CA CYS E 142 1.44 36.63 19.88
C CYS E 142 2.61 37.10 19.02
N LEU E 143 2.30 37.91 18.02
CA LEU E 143 3.31 38.42 17.12
C LEU E 143 2.99 39.87 16.76
N ALA E 144 3.94 40.77 16.96
CA ALA E 144 3.78 42.16 16.61
C ALA E 144 4.81 42.51 15.55
N ARG E 145 4.37 43.25 14.53
CA ARG E 145 5.20 43.43 13.35
C ARG E 145 4.99 44.82 12.78
N GLY E 146 6.05 45.40 12.23
CA GLY E 146 5.92 46.63 11.47
C GLY E 146 5.86 47.92 12.26
N PHE E 147 6.91 48.21 13.04
CA PHE E 147 7.01 49.46 13.77
C PHE E 147 8.45 49.96 13.69
N SER E 148 8.60 51.27 13.56
CA SER E 148 9.94 51.84 13.31
C SER E 148 10.81 52.04 14.55
N PRO E 149 10.35 52.63 15.67
CA PRO E 149 11.23 52.66 16.84
C PRO E 149 11.24 51.31 17.54
N LYS E 150 12.44 50.77 17.78
CA LYS E 150 12.61 49.43 18.36
C LYS E 150 12.40 49.47 19.87
N ASP E 151 11.17 49.77 20.27
CA ASP E 151 10.82 49.88 21.69
C ASP E 151 9.36 49.51 21.84
N VAL E 152 9.08 48.47 22.62
CA VAL E 152 7.75 47.88 22.69
C VAL E 152 7.68 47.06 23.97
N LEU E 153 6.48 46.97 24.55
CA LEU E 153 6.28 46.04 25.65
C LEU E 153 5.04 45.19 25.44
N VAL E 154 5.13 43.93 25.86
CA VAL E 154 4.07 42.94 25.64
C VAL E 154 3.58 42.42 26.97
N ARG E 155 2.27 42.44 27.19
CA ARG E 155 1.65 41.93 28.40
C ARG E 155 0.47 41.03 28.05
N TRP E 156 0.33 39.92 28.77
CA TRP E 156 -0.74 38.97 28.53
C TRP E 156 -1.88 39.19 29.51
N LEU E 157 -3.05 38.62 29.17
CA LEU E 157 -4.23 38.69 30.01
C LEU E 157 -5.01 37.39 29.87
N GLN E 158 -5.61 36.94 30.96
CA GLN E 158 -6.57 35.85 30.93
C GLN E 158 -7.82 36.28 31.66
N GLY E 159 -8.95 36.27 30.97
CA GLY E 159 -10.16 36.86 31.51
C GLY E 159 -9.99 38.36 31.64
N SER E 160 -9.85 38.84 32.86
CA SER E 160 -9.47 40.23 33.07
C SER E 160 -8.41 40.36 34.16
N GLN E 161 -7.84 39.25 34.61
CA GLN E 161 -6.78 39.27 35.60
C GLN E 161 -5.45 39.18 34.87
N GLU E 162 -4.60 40.18 35.05
CA GLU E 162 -3.30 40.20 34.41
C GLU E 162 -2.41 39.09 34.96
N LEU E 163 -1.60 38.53 34.08
CA LEU E 163 -0.68 37.47 34.46
C LEU E 163 0.68 38.06 34.80
N PRO E 164 1.39 37.45 35.77
CA PRO E 164 2.73 37.96 36.12
C PRO E 164 3.75 37.73 35.03
N ARG E 165 4.89 38.41 35.11
CA ARG E 165 5.89 38.39 34.04
C ARG E 165 6.76 37.16 34.03
N GLU E 166 6.51 36.19 34.91
CA GLU E 166 7.32 34.98 34.97
C GLU E 166 6.59 33.76 34.44
N LYS E 167 5.38 33.90 33.96
CA LYS E 167 4.63 32.77 33.42
C LYS E 167 4.63 32.71 31.91
N TYR E 168 5.38 33.58 31.22
CA TYR E 168 5.44 33.55 29.77
C TYR E 168 6.84 33.97 29.33
N LEU E 169 7.10 33.84 28.03
CA LEU E 169 8.42 34.09 27.46
C LEU E 169 8.28 35.02 26.26
N THR E 170 9.11 36.05 26.22
CA THR E 170 9.14 36.97 25.09
C THR E 170 10.57 37.16 24.64
N TRP E 171 10.72 37.50 23.36
CA TRP E 171 12.02 37.62 22.72
C TRP E 171 12.38 39.09 22.57
N ALA E 172 13.55 39.33 21.98
CA ALA E 172 14.01 40.68 21.74
C ALA E 172 13.28 41.28 20.54
N SER E 173 13.65 42.48 20.13
CA SER E 173 12.94 43.18 19.06
C SER E 173 13.91 43.33 17.89
N ARG E 174 13.76 42.49 16.87
CA ARG E 174 14.72 42.49 15.79
C ARG E 174 14.20 43.29 14.61
N GLN E 175 15.04 43.52 13.61
CA GLN E 175 14.63 44.22 12.42
C GLN E 175 14.48 43.24 11.26
N GLU E 176 13.50 43.51 10.41
CA GLU E 176 13.11 42.56 9.38
C GLU E 176 13.50 43.08 8.00
N PRO E 177 13.77 42.18 7.05
CA PRO E 177 14.03 42.61 5.68
C PRO E 177 12.76 43.16 5.04
N SER E 178 12.93 44.21 4.23
CA SER E 178 11.80 44.96 3.73
C SER E 178 12.22 45.75 2.51
N GLN E 179 11.26 46.46 1.92
CA GLN E 179 11.47 47.23 0.70
C GLN E 179 11.74 48.70 1.05
N GLY E 180 12.98 48.96 1.47
CA GLY E 180 13.45 50.31 1.73
C GLY E 180 13.17 50.90 3.10
N THR E 181 11.92 50.79 3.56
CA THR E 181 11.58 51.28 4.88
C THR E 181 11.94 50.25 5.94
N THR E 182 12.67 50.68 6.96
CA THR E 182 13.15 49.77 7.99
C THR E 182 12.09 49.60 9.08
N THR E 183 11.83 48.35 9.46
CA THR E 183 10.80 48.00 10.42
C THR E 183 11.27 46.85 11.29
N PHE E 184 10.58 46.66 12.41
CA PHE E 184 10.97 45.76 13.48
C PHE E 184 9.83 44.81 13.83
N ALA E 185 10.18 43.73 14.55
CA ALA E 185 9.22 42.69 14.90
C ALA E 185 9.61 42.05 16.22
N VAL E 186 8.60 41.44 16.87
CA VAL E 186 8.77 40.79 18.16
C VAL E 186 7.70 39.71 18.28
N THR E 187 8.05 38.60 18.94
CA THR E 187 7.12 37.51 19.21
C THR E 187 7.02 37.25 20.71
N SER E 188 6.06 36.41 21.08
CA SER E 188 5.87 35.95 22.46
C SER E 188 4.99 34.72 22.44
N ILE E 189 5.17 33.84 23.41
CA ILE E 189 4.36 32.63 23.55
C ILE E 189 3.85 32.51 24.99
N LEU E 190 2.86 31.65 25.19
CA LEU E 190 2.31 31.38 26.50
C LEU E 190 1.67 30.00 26.50
N ARG E 191 2.05 29.14 27.45
CA ARG E 191 1.53 27.79 27.53
C ARG E 191 0.55 27.67 28.70
N VAL E 192 -0.70 27.32 28.37
CA VAL E 192 -1.76 27.20 29.36
C VAL E 192 -2.27 25.76 29.35
N ALA E 193 -3.17 25.46 30.27
CA ALA E 193 -3.67 24.10 30.43
C ALA E 193 -4.80 23.83 29.46
N ALA E 194 -4.94 22.55 29.09
CA ALA E 194 -5.91 22.15 28.07
C ALA E 194 -7.35 22.25 28.58
N GLU E 195 -7.55 22.06 29.89
CA GLU E 195 -8.89 22.18 30.46
C GLU E 195 -9.41 23.61 30.38
N ASP E 196 -8.53 24.59 30.59
CA ASP E 196 -8.92 25.99 30.45
C ASP E 196 -9.21 26.37 29.01
N TRP E 197 -8.57 25.72 28.04
CA TRP E 197 -8.89 26.01 26.66
C TRP E 197 -10.22 25.38 26.26
N LYS E 198 -10.42 24.11 26.62
CA LYS E 198 -11.63 23.41 26.22
C LYS E 198 -12.86 23.84 27.02
N LYS E 199 -12.66 24.48 28.18
CA LYS E 199 -13.80 24.96 28.95
C LYS E 199 -14.46 26.16 28.29
N GLY E 200 -13.66 27.10 27.81
CA GLY E 200 -14.22 28.28 27.19
C GLY E 200 -13.63 29.58 27.67
N ASP E 201 -12.49 29.52 28.35
CA ASP E 201 -11.84 30.72 28.85
C ASP E 201 -11.30 31.56 27.71
N THR E 202 -11.10 32.85 27.99
CA THR E 202 -10.69 33.83 27.01
C THR E 202 -9.26 34.26 27.32
N PHE E 203 -8.49 34.55 26.27
CA PHE E 203 -7.12 35.01 26.45
C PHE E 203 -6.89 36.22 25.58
N SER E 204 -5.91 37.05 25.98
CA SER E 204 -5.71 38.32 25.32
C SER E 204 -4.24 38.70 25.34
N CYS E 205 -3.81 39.35 24.26
CA CYS E 205 -2.46 39.88 24.12
C CYS E 205 -2.56 41.39 24.05
N MET E 206 -1.63 42.09 24.68
CA MET E 206 -1.67 43.54 24.77
C MET E 206 -0.29 44.09 24.48
N VAL E 207 -0.21 45.04 23.55
CA VAL E 207 1.06 45.54 23.06
C VAL E 207 1.09 47.06 23.24
N GLY E 208 2.14 47.55 23.88
CA GLY E 208 2.33 48.98 24.09
C GLY E 208 3.50 49.51 23.29
N HIS E 209 3.27 50.64 22.62
CA HIS E 209 4.22 51.24 21.70
C HIS E 209 4.06 52.75 21.77
N GLU E 210 5.03 53.46 21.20
CA GLU E 210 5.05 54.92 21.21
C GLU E 210 3.93 55.52 20.37
N ALA E 211 3.67 54.95 19.20
CA ALA E 211 2.98 55.70 18.14
C ALA E 211 1.47 55.65 18.27
N LEU E 212 0.94 54.78 19.13
CA LEU E 212 -0.51 54.60 19.20
C LEU E 212 -1.18 55.77 19.92
N PRO E 213 -2.48 56.02 19.63
CA PRO E 213 -3.19 57.13 20.29
C PRO E 213 -3.53 56.88 21.75
N LEU E 214 -3.85 55.64 22.13
CA LEU E 214 -4.02 55.28 23.52
C LEU E 214 -2.93 54.34 24.01
N ALA E 215 -1.87 54.17 23.22
CA ALA E 215 -0.61 53.51 23.57
C ALA E 215 -0.73 52.03 23.88
N PHE E 216 -1.87 51.40 23.58
CA PHE E 216 -2.03 49.97 23.85
C PHE E 216 -3.02 49.39 22.85
N THR E 217 -2.65 48.25 22.26
CA THR E 217 -3.50 47.52 21.34
C THR E 217 -3.76 46.13 21.90
N GLN E 218 -5.03 45.76 21.93
CA GLN E 218 -5.46 44.45 22.41
C GLN E 218 -5.79 43.53 21.24
N LYS E 219 -5.70 42.23 21.50
CA LYS E 219 -6.32 41.22 20.68
C LYS E 219 -6.96 40.21 21.63
N THR E 220 -7.77 39.30 21.08
CA THR E 220 -8.44 38.33 21.92
C THR E 220 -8.64 37.03 21.15
N ILE E 221 -8.67 35.92 21.88
CA ILE E 221 -8.87 34.61 21.27
C ILE E 221 -9.47 33.68 22.31
N ASP E 222 -10.16 32.66 21.84
CA ASP E 222 -10.72 31.57 22.65
C ASP E 222 -11.08 30.46 21.69
N ARG E 223 -11.66 29.39 22.23
CA ARG E 223 -12.35 28.44 21.38
C ARG E 223 -13.65 29.08 20.88
N LEU E 224 -14.20 28.49 19.81
CA LEU E 224 -15.33 29.05 19.06
C LEU E 224 -15.01 30.45 18.54
N ALA E 225 -13.77 30.62 18.07
CA ALA E 225 -13.37 31.86 17.41
C ALA E 225 -13.30 31.73 15.91
N GLY E 226 -13.12 30.52 15.40
CA GLY E 226 -13.37 30.27 13.99
C GLY E 226 -14.77 29.74 13.78
N LYS E 227 -15.69 30.64 13.51
CA LYS E 227 -17.10 30.35 13.28
C LYS E 227 -17.47 29.85 11.88
N PRO E 228 -17.02 30.45 10.75
CA PRO E 228 -17.62 30.10 9.45
C PRO E 228 -17.32 28.69 8.91
N THR E 229 -16.70 27.80 9.67
CA THR E 229 -16.55 26.42 9.20
C THR E 229 -17.92 25.75 9.13
N HIS E 230 -18.09 24.88 8.13
CA HIS E 230 -19.42 24.53 7.63
C HIS E 230 -19.55 23.03 7.42
N VAL E 231 -19.29 22.25 8.47
CA VAL E 231 -19.29 20.79 8.36
C VAL E 231 -20.67 20.22 8.02
N ASN E 232 -20.67 18.99 7.51
CA ASN E 232 -21.88 18.33 7.05
C ASN E 232 -21.68 16.82 7.14
N VAL E 233 -22.52 16.15 7.92
CA VAL E 233 -22.34 14.75 8.26
C VAL E 233 -23.44 13.92 7.60
N SER E 234 -23.11 12.68 7.24
CA SER E 234 -24.06 11.77 6.63
C SER E 234 -23.60 10.34 6.87
N VAL E 235 -24.57 9.45 7.11
CA VAL E 235 -24.30 8.03 7.33
C VAL E 235 -25.19 7.21 6.41
N VAL E 236 -24.65 6.12 5.87
CA VAL E 236 -25.39 5.23 4.99
C VAL E 236 -25.47 3.84 5.63
N MET E 237 -26.52 3.09 5.25
CA MET E 237 -26.87 1.72 5.69
C MET E 237 -26.63 1.40 7.17
N ARG F 5 -9.26 16.33 -7.90
CA ARG F 5 -9.03 16.21 -6.46
C ARG F 5 -7.63 15.71 -6.16
N ILE F 6 -7.16 16.02 -4.96
CA ILE F 6 -5.82 15.66 -4.51
C ILE F 6 -5.96 14.80 -3.27
N VAL F 7 -5.31 13.64 -3.29
CA VAL F 7 -5.40 12.69 -2.19
C VAL F 7 -4.45 13.15 -1.10
N LEU F 8 -5.00 13.51 0.06
CA LEU F 8 -4.16 13.93 1.18
C LEU F 8 -3.64 12.73 1.96
N VAL F 9 -4.54 11.88 2.45
CA VAL F 9 -4.16 10.67 3.16
C VAL F 9 -5.09 9.52 2.78
N ASP F 10 -4.53 8.32 2.80
CA ASP F 10 -5.31 7.09 2.61
C ASP F 10 -4.74 6.06 3.59
N ASN F 11 -5.35 5.99 4.77
CA ASN F 11 -4.84 5.20 5.87
C ASN F 11 -5.58 3.87 5.94
N LYS F 12 -4.81 2.79 6.05
CA LYS F 12 -5.34 1.44 6.01
C LYS F 12 -5.49 0.81 7.39
N CYS F 13 -4.79 1.30 8.40
CA CYS F 13 -4.94 0.78 9.75
C CYS F 13 -6.28 1.15 10.36
N LYS F 14 -6.84 2.29 9.96
CA LYS F 14 -8.15 2.71 10.43
C LYS F 14 -9.15 2.92 9.30
N CYS F 15 -8.75 2.72 8.05
CA CYS F 15 -9.59 2.79 6.85
C CYS F 15 -10.23 4.17 6.70
N ALA F 16 -9.37 5.16 6.49
CA ALA F 16 -9.79 6.55 6.33
C ALA F 16 -9.21 7.12 5.04
N ARG F 17 -9.95 8.01 4.41
CA ARG F 17 -9.52 8.61 3.15
C ARG F 17 -9.89 10.08 3.11
N ILE F 18 -8.92 10.94 2.83
CA ILE F 18 -9.15 12.38 2.88
C ILE F 18 -8.73 13.01 1.56
N THR F 19 -9.66 13.72 0.92
CA THR F 19 -9.39 14.44 -0.33
C THR F 19 -9.79 15.90 -0.15
N SER F 20 -9.28 16.76 -1.04
CA SER F 20 -9.55 18.19 -0.93
C SER F 20 -9.44 18.85 -2.30
N ARG F 21 -10.02 20.05 -2.39
CA ARG F 21 -10.18 20.72 -3.68
C ARG F 21 -10.40 22.21 -3.46
N ILE F 22 -9.80 23.04 -4.33
CA ILE F 22 -9.98 24.48 -4.31
C ILE F 22 -10.85 24.89 -5.49
N ILE F 23 -11.88 25.69 -5.22
CA ILE F 23 -12.77 26.25 -6.23
C ILE F 23 -12.70 27.77 -6.10
N ARG F 24 -12.08 28.42 -7.08
CA ARG F 24 -11.90 29.87 -7.07
C ARG F 24 -13.21 30.58 -7.43
N SER F 25 -13.15 31.91 -7.47
CA SER F 25 -14.32 32.72 -7.81
C SER F 25 -13.86 34.02 -8.43
N SER F 26 -14.33 34.31 -9.63
CA SER F 26 -13.99 35.56 -10.32
C SER F 26 -15.04 36.64 -10.01
N GLU F 27 -15.31 36.80 -8.72
CA GLU F 27 -16.22 37.84 -8.25
C GLU F 27 -15.84 38.12 -6.79
N ASP F 28 -15.12 39.25 -6.57
CA ASP F 28 -14.63 39.71 -5.27
C ASP F 28 -13.82 38.62 -4.58
N PRO F 29 -12.55 38.41 -4.96
CA PRO F 29 -11.86 37.16 -4.62
C PRO F 29 -11.48 36.97 -3.15
N ASN F 30 -12.47 37.14 -2.27
CA ASN F 30 -12.41 36.63 -0.91
C ASN F 30 -13.57 35.69 -0.62
N GLU F 31 -14.43 35.42 -1.61
CA GLU F 31 -15.44 34.38 -1.55
C GLU F 31 -14.95 33.07 -2.13
N ASP F 32 -13.64 32.83 -2.05
CA ASP F 32 -13.01 31.60 -2.51
C ASP F 32 -13.50 30.41 -1.68
N ILE F 33 -13.43 29.21 -2.26
CA ILE F 33 -13.96 28.02 -1.60
C ILE F 33 -12.90 26.93 -1.53
N VAL F 34 -12.66 26.41 -0.32
CA VAL F 34 -11.78 25.26 -0.13
C VAL F 34 -12.59 24.16 0.53
N GLU F 35 -12.58 22.97 -0.07
CA GLU F 35 -13.42 21.87 0.37
C GLU F 35 -12.57 20.68 0.74
N ARG F 36 -12.97 19.98 1.79
CA ARG F 36 -12.31 18.77 2.25
C ARG F 36 -13.35 17.69 2.53
N ASN F 37 -13.08 16.49 2.05
CA ASN F 37 -13.99 15.35 2.21
C ASN F 37 -13.28 14.22 2.91
N ILE F 38 -13.95 13.63 3.90
CA ILE F 38 -13.42 12.54 4.70
C ILE F 38 -14.34 11.33 4.55
N ARG F 39 -13.75 10.16 4.32
CA ARG F 39 -14.48 8.92 4.13
C ARG F 39 -13.99 7.91 5.16
N ILE F 40 -14.92 7.41 5.99
CA ILE F 40 -14.64 6.53 7.11
C ILE F 40 -15.48 5.26 6.96
N ILE F 41 -14.85 4.10 7.12
CA ILE F 41 -15.53 2.81 7.06
C ILE F 41 -15.44 2.14 8.43
N VAL F 42 -16.58 1.91 9.05
CA VAL F 42 -16.65 1.43 10.42
C VAL F 42 -16.99 -0.06 10.40
N PRO F 43 -16.12 -0.94 10.90
CA PRO F 43 -16.47 -2.36 10.99
C PRO F 43 -17.29 -2.66 12.22
N LEU F 44 -18.19 -3.65 12.16
CA LEU F 44 -19.07 -3.95 13.27
C LEU F 44 -18.95 -5.39 13.74
N ASN F 45 -17.91 -6.11 13.30
CA ASN F 45 -17.89 -7.54 13.58
C ASN F 45 -16.52 -8.05 13.96
N ASN F 46 -15.61 -7.18 14.40
CA ASN F 46 -14.28 -7.63 14.78
C ASN F 46 -13.87 -7.01 16.10
N ARG F 47 -12.87 -7.62 16.72
CA ARG F 47 -12.55 -7.47 18.12
C ARG F 47 -11.76 -6.19 18.39
N GLU F 48 -11.38 -5.99 19.65
CA GLU F 48 -10.59 -4.82 20.04
C GLU F 48 -9.12 -5.04 19.74
N ASN F 49 -8.50 -5.99 20.43
CA ASN F 49 -7.23 -6.50 19.98
C ASN F 49 -7.51 -7.51 18.89
N ILE F 50 -6.57 -7.67 17.97
CA ILE F 50 -6.75 -8.73 17.00
C ILE F 50 -6.07 -9.99 17.54
N SER F 51 -6.81 -10.67 18.40
CA SER F 51 -6.60 -12.03 18.88
C SER F 51 -7.97 -12.46 19.34
N ASP F 52 -8.29 -13.75 19.16
CA ASP F 52 -9.69 -14.19 19.12
C ASP F 52 -10.48 -14.01 20.41
N PRO F 53 -10.07 -14.51 21.61
CA PRO F 53 -10.86 -14.17 22.79
C PRO F 53 -10.49 -12.79 23.31
N THR F 54 -11.29 -11.78 22.97
CA THR F 54 -10.97 -10.39 23.33
C THR F 54 -12.25 -9.58 23.20
N SER F 55 -12.80 -9.15 24.36
CA SER F 55 -13.76 -8.07 24.59
C SER F 55 -14.82 -7.96 23.51
N PRO F 56 -15.79 -8.90 23.49
CA PRO F 56 -16.34 -9.47 22.24
C PRO F 56 -16.60 -8.59 21.02
N LEU F 57 -16.83 -7.29 21.21
CA LEU F 57 -17.04 -6.38 20.09
C LEU F 57 -16.53 -5.00 20.52
N ARG F 58 -15.73 -4.37 19.67
CA ARG F 58 -15.45 -2.96 19.84
C ARG F 58 -16.70 -2.16 19.53
N THR F 59 -17.07 -1.27 20.45
CA THR F 59 -18.26 -0.44 20.27
C THR F 59 -17.97 1.05 20.26
N ARG F 60 -16.75 1.48 20.57
CA ARG F 60 -16.37 2.88 20.56
C ARG F 60 -15.21 3.08 19.59
N PHE F 61 -15.37 4.03 18.67
CA PHE F 61 -14.37 4.32 17.64
C PHE F 61 -13.96 5.78 17.72
N VAL F 62 -12.65 6.03 17.75
CA VAL F 62 -12.11 7.36 17.97
C VAL F 62 -11.20 7.74 16.81
N TYR F 63 -11.46 8.90 16.20
CA TYR F 63 -10.71 9.38 15.04
C TYR F 63 -10.15 10.76 15.33
N HIS F 64 -8.85 10.85 15.53
CA HIS F 64 -8.14 12.12 15.64
C HIS F 64 -7.46 12.42 14.31
N LEU F 65 -7.62 13.65 13.82
CA LEU F 65 -7.11 13.99 12.50
C LEU F 65 -5.60 13.95 12.44
N SER F 66 -4.92 14.40 13.49
CA SER F 66 -3.47 14.48 13.47
C SER F 66 -2.84 13.09 13.56
N ASP F 67 -3.58 12.10 14.04
CA ASP F 67 -3.08 10.73 14.07
C ASP F 67 -3.26 10.02 12.75
N LEU F 68 -4.23 10.43 11.94
CA LEU F 68 -4.43 9.86 10.62
C LEU F 68 -3.45 10.39 9.58
N CYS F 69 -3.13 11.68 9.62
CA CYS F 69 -2.41 12.35 8.56
C CYS F 69 -0.90 12.23 8.68
N LYS F 70 -0.38 11.48 9.65
CA LYS F 70 1.04 11.51 9.92
C LYS F 70 1.83 10.77 8.85
N LYS F 71 3.04 11.25 8.60
CA LYS F 71 3.94 10.71 7.58
C LYS F 71 5.13 10.06 8.29
N CYS F 72 5.05 8.76 8.53
CA CYS F 72 6.11 8.07 9.27
C CYS F 72 7.07 7.37 8.31
N ASP F 73 7.77 8.18 7.52
CA ASP F 73 8.77 7.69 6.58
C ASP F 73 9.74 8.83 6.28
N PRO F 74 11.03 8.52 6.06
CA PRO F 74 12.01 9.60 5.85
C PRO F 74 11.95 10.22 4.47
N THR F 75 12.73 11.28 4.26
CA THR F 75 12.78 11.95 2.97
C THR F 75 14.19 12.50 2.78
N GLU F 76 14.45 12.99 1.57
CA GLU F 76 15.75 13.54 1.20
C GLU F 76 15.59 14.98 0.73
N VAL F 77 16.40 15.86 1.32
CA VAL F 77 16.35 17.29 1.06
C VAL F 77 17.72 17.74 0.58
N GLU F 78 17.74 18.64 -0.40
CA GLU F 78 18.98 19.21 -0.92
C GLU F 78 19.13 20.62 -0.38
N LEU F 79 20.00 20.80 0.61
CA LEU F 79 20.07 22.11 1.26
C LEU F 79 20.92 23.09 0.47
N ASP F 80 22.24 22.89 0.41
CA ASP F 80 23.10 23.77 -0.38
C ASP F 80 23.77 23.01 -1.50
N ASN F 81 24.60 22.01 -1.19
CA ASN F 81 25.23 21.15 -2.17
C ASN F 81 25.37 19.74 -1.64
N GLN F 82 24.52 19.34 -0.70
CA GLN F 82 24.48 17.97 -0.22
C GLN F 82 23.03 17.51 -0.22
N ILE F 83 22.85 16.22 0.04
CA ILE F 83 21.52 15.65 0.22
C ILE F 83 21.48 14.99 1.61
N VAL F 84 20.49 15.40 2.41
CA VAL F 84 20.37 14.92 3.77
C VAL F 84 19.02 14.23 3.94
N THR F 85 18.98 13.28 4.86
CA THR F 85 17.74 12.59 5.18
C THR F 85 17.09 13.24 6.40
N ALA F 86 15.77 13.37 6.34
CA ALA F 86 15.02 14.05 7.38
C ALA F 86 13.75 13.27 7.68
N THR F 87 13.30 13.39 8.92
CA THR F 87 12.03 12.82 9.36
C THR F 87 10.92 13.84 9.13
N GLN F 88 9.68 13.38 9.23
CA GLN F 88 8.57 14.21 8.79
C GLN F 88 7.48 14.38 9.84
N SER F 89 7.68 13.92 11.06
CA SER F 89 6.64 14.05 12.08
C SER F 89 7.29 14.03 13.45
N ASN F 90 6.48 14.37 14.46
CA ASN F 90 6.86 14.25 15.85
C ASN F 90 6.34 12.98 16.50
N ILE F 91 5.20 12.48 16.05
CA ILE F 91 4.55 11.33 16.68
C ILE F 91 4.86 10.12 15.80
N CYS F 92 5.97 9.45 16.09
CA CYS F 92 6.33 8.19 15.45
C CYS F 92 6.94 7.26 16.48
N ASP F 93 6.24 7.09 17.61
CA ASP F 93 6.75 6.42 18.80
C ASP F 93 7.16 4.98 18.51
N GLU F 94 8.35 4.61 19.00
CA GLU F 94 8.95 3.32 18.69
C GLU F 94 8.95 2.41 19.92
N ALA F 97 6.13 -1.02 16.74
CA ALA F 97 4.74 -0.70 16.38
C ALA F 97 3.79 -1.16 17.46
N THR F 98 3.09 -0.20 18.07
CA THR F 98 2.17 -0.48 19.17
C THR F 98 0.84 0.22 18.99
N GLU F 99 0.47 0.51 17.74
CA GLU F 99 -0.81 1.16 17.47
C GLU F 99 -1.92 0.11 17.42
N THR F 100 -3.11 0.50 17.85
CA THR F 100 -4.28 -0.37 17.76
C THR F 100 -4.99 -0.06 16.45
N CYS F 101 -5.01 -1.04 15.55
CA CYS F 101 -5.70 -0.89 14.29
C CYS F 101 -7.16 -1.29 14.44
N TYR F 102 -8.01 -0.66 13.62
CA TYR F 102 -9.44 -0.94 13.65
C TYR F 102 -9.88 -1.97 12.63
N THR F 103 -9.17 -2.10 11.51
CA THR F 103 -9.51 -3.07 10.47
C THR F 103 -8.27 -3.88 10.14
N TYR F 104 -8.50 -4.96 9.41
CA TYR F 104 -7.43 -5.75 8.84
C TYR F 104 -6.90 -5.04 7.60
N ASP F 105 -5.70 -5.42 7.19
CA ASP F 105 -5.13 -4.91 5.95
C ASP F 105 -5.13 -6.02 4.92
N ARG F 106 -5.51 -5.67 3.69
CA ARG F 106 -5.65 -6.67 2.64
C ARG F 106 -4.31 -7.19 2.15
N ASN F 107 -3.24 -6.45 2.36
CA ASN F 107 -1.93 -6.86 1.86
C ASN F 107 -1.01 -7.42 2.94
N LYS F 108 -1.51 -7.65 4.15
CA LYS F 108 -0.68 -8.10 5.26
C LYS F 108 -1.18 -9.42 5.82
N CYS F 109 -0.30 -10.11 6.54
CA CYS F 109 -0.64 -11.34 7.22
C CYS F 109 -1.11 -11.10 8.64
N TYR F 110 -2.00 -11.98 9.10
CA TYR F 110 -2.41 -12.03 10.49
C TYR F 110 -2.60 -13.49 10.87
N THR F 111 -1.74 -14.00 11.74
CA THR F 111 -1.81 -15.38 12.20
C THR F 111 -2.11 -15.43 13.69
N ALA F 112 -2.18 -16.65 14.22
CA ALA F 112 -2.39 -16.89 15.64
C ALA F 112 -1.76 -18.23 15.98
N VAL F 113 -1.54 -18.45 17.28
CA VAL F 113 -0.90 -19.68 17.75
C VAL F 113 -1.84 -20.40 18.69
N VAL F 114 -2.08 -21.69 18.43
CA VAL F 114 -2.97 -22.51 19.24
C VAL F 114 -2.26 -23.80 19.63
N PRO F 115 -2.35 -24.23 20.89
CA PRO F 115 -1.85 -25.56 21.26
C PRO F 115 -2.88 -26.67 21.07
N LEU F 116 -2.42 -27.74 20.44
CA LEU F 116 -3.25 -28.91 20.19
C LEU F 116 -2.52 -30.14 20.72
N VAL F 117 -3.18 -31.30 20.65
CA VAL F 117 -2.64 -32.55 21.18
C VAL F 117 -2.64 -33.60 20.07
N TYR F 118 -1.51 -34.28 19.91
CA TYR F 118 -1.37 -35.34 18.92
C TYR F 118 -0.63 -36.48 19.59
N GLY F 119 -1.36 -37.52 19.94
CA GLY F 119 -0.77 -38.61 20.67
C GLY F 119 -0.43 -38.19 22.10
N GLY F 120 0.52 -38.91 22.68
CA GLY F 120 0.99 -38.57 24.00
C GLY F 120 2.01 -37.46 24.00
N GLU F 121 1.59 -36.26 23.64
CA GLU F 121 2.44 -35.09 23.54
C GLU F 121 1.54 -33.87 23.50
N THR F 122 2.14 -32.72 23.23
CA THR F 122 1.39 -31.49 23.01
C THR F 122 2.19 -30.61 22.07
N LYS F 123 1.54 -30.14 21.02
CA LYS F 123 2.25 -29.37 20.00
C LYS F 123 1.62 -27.99 19.94
N MET F 124 2.39 -27.05 19.38
CA MET F 124 2.01 -25.65 19.32
C MET F 124 1.99 -25.24 17.86
N VAL F 125 0.80 -25.14 17.27
CA VAL F 125 0.65 -24.96 15.84
C VAL F 125 0.16 -23.54 15.58
N GLU F 126 0.10 -23.18 14.30
CA GLU F 126 -0.20 -21.82 13.88
C GLU F 126 -1.37 -21.83 12.90
N THR F 127 -2.29 -20.90 13.11
CA THR F 127 -3.56 -20.77 12.41
C THR F 127 -3.43 -19.57 11.47
N ALA F 128 -4.46 -19.31 10.66
CA ALA F 128 -4.46 -18.16 9.76
C ALA F 128 -5.81 -17.45 9.90
N LEU F 129 -5.77 -16.14 10.10
CA LEU F 129 -6.98 -15.36 10.27
C LEU F 129 -7.42 -14.65 9.00
N THR F 130 -6.50 -14.38 8.09
CA THR F 130 -6.83 -13.85 6.76
C THR F 130 -6.18 -14.79 5.76
N PRO F 131 -6.90 -15.82 5.32
CA PRO F 131 -6.24 -16.91 4.59
C PRO F 131 -5.81 -16.56 3.18
N ASP F 132 -6.30 -15.47 2.60
CA ASP F 132 -5.89 -15.10 1.25
C ASP F 132 -4.47 -14.55 1.21
N ALA F 133 -4.01 -13.91 2.28
CA ALA F 133 -2.83 -13.08 2.22
C ALA F 133 -1.59 -13.72 2.81
N CYS F 134 -1.67 -14.95 3.28
CA CYS F 134 -0.51 -15.63 3.87
C CYS F 134 -0.12 -16.85 3.07
N TYR F 135 0.67 -16.67 2.01
CA TYR F 135 1.13 -17.80 1.24
C TYR F 135 2.63 -17.71 1.06
N PRO F 136 3.36 -18.78 1.32
CA PRO F 136 4.79 -18.81 1.01
C PRO F 136 5.00 -18.96 -0.48
N ASP F 137 5.58 -17.93 -1.10
CA ASP F 137 5.80 -17.96 -2.54
C ASP F 137 7.28 -17.75 -2.85
C1 NAG G . -0.08 -15.40 -20.79
C2 NAG G . 0.05 -16.92 -20.66
C3 NAG G . -0.11 -17.61 -22.02
C4 NAG G . -1.25 -17.06 -22.87
C5 NAG G . -1.28 -15.54 -22.83
C6 NAG G . -2.53 -14.95 -23.44
C7 NAG G . 1.63 -18.46 -19.56
C8 NAG G . 3.04 -18.63 -19.06
N2 NAG G . 1.33 -17.27 -20.08
O3 NAG G . -0.32 -19.00 -21.81
O4 NAG G . -1.00 -17.38 -24.23
O5 NAG G . -1.26 -15.08 -21.47
O6 NAG G . -3.62 -15.00 -22.54
O7 NAG G . 0.81 -19.38 -19.49
C1 NAG G . -1.60 -18.58 -24.78
C2 NAG G . -0.53 -19.14 -25.69
C3 NAG G . -1.03 -20.38 -26.42
C4 NAG G . -1.61 -21.40 -25.45
C5 NAG G . -2.56 -20.76 -24.42
C6 NAG G . -2.90 -21.68 -23.28
C7 NAG G . -0.65 -17.47 -27.57
C8 NAG G . 0.17 -16.52 -28.38
N2 NAG G . 0.02 -18.15 -26.62
O3 NAG G . 0.05 -20.94 -27.15
O4 NAG G . -2.41 -22.34 -26.16
O5 NAG G . -1.98 -19.57 -23.83
O6 NAG G . -1.81 -21.80 -22.37
O7 NAG G . -1.86 -17.62 -27.79
C1 BMA G . -1.76 -23.56 -26.58
C2 BMA G . -2.86 -24.68 -26.67
C3 BMA G . -2.51 -25.81 -27.66
C4 BMA G . -1.79 -25.30 -28.93
C5 BMA G . -0.57 -24.47 -28.52
C6 BMA G . 0.21 -23.97 -29.71
O2 BMA G . -4.11 -24.14 -27.07
O3 BMA G . -3.66 -26.57 -28.03
O4 BMA G . -1.37 -26.39 -29.74
O5 BMA G . -1.05 -23.33 -27.81
O6 BMA G . 1.08 -22.93 -29.26
C1 NAG H . 47.50 13.43 -19.26
C2 NAG H . 46.76 14.43 -20.13
C3 NAG H . 45.67 13.72 -20.93
C4 NAG H . 46.25 12.55 -21.73
C5 NAG H . 47.07 11.64 -20.82
C6 NAG H . 47.85 10.59 -21.60
C7 NAG H . 45.32 15.57 -18.42
C8 NAG H . 44.97 16.90 -17.84
N2 NAG H . 46.24 15.58 -19.40
O3 NAG H . 45.05 14.65 -21.81
O4 NAG H . 45.17 11.80 -22.29
O5 NAG H . 48.05 12.38 -20.07
O6 NAG H . 48.83 11.18 -22.44
O7 NAG H . 44.81 14.54 -17.98
C1 NAG H . 45.13 11.91 -23.72
C2 NAG H . 44.04 10.97 -24.24
C3 NAG H . 43.87 11.09 -25.76
C4 NAG H . 43.66 12.55 -26.15
C5 NAG H . 44.77 13.42 -25.59
C6 NAG H . 44.55 14.89 -25.85
C7 NAG H . 45.28 8.78 -24.15
C8 NAG H . 45.22 7.40 -23.57
N2 NAG H . 44.24 9.58 -23.83
O3 NAG H . 42.77 10.30 -26.19
O4 NAG H . 43.63 12.66 -27.58
O5 NAG H . 44.84 13.26 -24.17
O6 NAG H . 43.18 15.17 -26.11
O7 NAG H . 46.22 9.14 -24.86
C1 NAG I . 38.83 24.22 11.17
C2 NAG I . 38.32 25.35 10.32
C3 NAG I . 38.79 25.21 8.90
C4 NAG I . 40.31 25.17 8.91
C5 NAG I . 40.76 24.04 9.78
C6 NAG I . 42.27 24.09 9.83
C7 NAG I . 36.05 25.69 9.55
C8 NAG I . 34.64 25.20 9.70
N2 NAG I . 36.89 25.26 10.46
O3 NAG I . 38.40 26.39 8.22
O4 NAG I . 40.89 24.93 7.61
O5 NAG I . 40.23 24.21 11.09
O6 NAG I . 42.68 25.44 10.01
O7 NAG I . 36.40 26.41 8.65
C1 NAG I . 41.55 26.10 7.08
C2 NAG I . 42.76 25.71 6.23
C3 NAG I . 43.43 26.97 5.69
C4 NAG I . 42.44 27.85 4.95
C5 NAG I . 41.21 28.13 5.82
C6 NAG I . 40.12 28.85 5.06
C7 NAG I . 43.97 23.63 6.69
C8 NAG I . 44.97 22.94 7.58
N2 NAG I . 43.69 24.91 6.99
O3 NAG I . 44.49 26.58 4.81
O4 NAG I . 43.06 29.08 4.61
O5 NAG I . 40.63 26.90 6.27
O6 NAG I . 39.61 28.06 4.00
O7 NAG I . 43.44 23.06 5.74
C1 NAG J . -2.98 -8.50 21.47
C2 NAG J . -2.03 -7.99 22.54
C3 NAG J . -0.64 -8.58 22.35
C4 NAG J . -0.69 -10.10 22.23
C5 NAG J . -1.69 -10.51 21.16
C6 NAG J . -1.93 -11.98 21.07
C7 NAG J . -2.74 -5.75 23.29
C8 NAG J . -2.55 -4.28 23.12
N2 NAG J . -1.97 -6.53 22.52
O3 NAG J . 0.18 -8.20 23.45
O4 NAG J . 0.62 -10.56 21.91
O5 NAG J . -2.97 -9.91 21.45
O6 NAG J . -0.87 -12.64 20.42
O7 NAG J . -3.54 -6.22 24.09
C1 NAG J . 1.14 -11.51 22.88
C2 NAG J . 2.56 -11.91 22.47
C3 NAG J . 3.14 -12.92 23.46
C4 NAG J . 3.05 -12.39 24.88
C5 NAG J . 1.62 -11.95 25.21
C6 NAG J . 1.49 -11.30 26.55
C7 NAG J . 2.79 -11.70 20.03
C8 NAG J . 2.79 -12.42 18.72
N2 NAG J . 2.60 -12.46 21.12
O3 NAG J . 4.49 -13.21 23.13
O4 NAG J . 3.45 -13.38 25.81
O5 NAG J . 1.16 -11.00 24.23
O6 NAG J . 2.39 -11.86 27.49
O7 NAG J . 2.95 -10.48 20.11
C1 NAG K . -40.24 -54.71 -0.15
C2 NAG K . -41.44 -53.87 -0.65
C3 NAG K . -41.16 -53.26 -2.02
C4 NAG K . -39.82 -52.54 -2.04
C5 NAG K . -38.71 -53.47 -1.54
C6 NAG K . -37.36 -52.79 -1.46
C7 NAG K . -43.00 -55.72 -1.38
C8 NAG K . -44.37 -56.28 -1.17
N2 NAG K . -42.70 -54.63 -0.64
O3 NAG K . -42.20 -52.33 -2.33
O4 NAG K . -39.50 -52.13 -3.38
O5 NAG K . -39.03 -53.92 -0.22
O6 NAG K . -36.83 -52.83 -0.14
O7 NAG K . -42.20 -56.24 -2.16
C1 NAG L . 5.65 -45.71 10.63
C2 NAG L . 5.12 -45.20 11.97
C3 NAG L . 6.22 -45.30 13.04
C4 NAG L . 6.75 -46.73 13.13
C5 NAG L . 7.21 -47.20 11.75
C6 NAG L . 7.63 -48.65 11.74
C7 NAG L . 3.35 -43.48 11.99
C8 NAG L . 2.37 -44.59 12.25
N2 NAG L . 4.63 -43.83 11.86
O3 NAG L . 5.70 -44.89 14.29
O4 NAG L . 7.84 -46.79 14.04
O5 NAG L . 6.14 -47.06 10.79
O6 NAG L . 6.51 -49.51 11.89
O7 NAG L . 2.99 -42.31 11.90
C1 NAG M . -28.48 1.35 23.19
C2 NAG M . -28.83 2.57 24.07
C3 NAG M . -29.85 2.19 25.14
C4 NAG M . -31.07 1.53 24.50
C5 NAG M . -30.63 0.36 23.60
C6 NAG M . -31.78 -0.28 22.85
C7 NAG M . -26.74 2.67 25.49
C8 NAG M . -25.64 3.58 25.92
N2 NAG M . -27.65 3.21 24.65
O3 NAG M . -30.25 3.34 25.86
O4 NAG M . -31.95 1.05 25.50
O5 NAG M . -29.69 0.82 22.62
O6 NAG M . -31.78 0.14 21.49
O7 NAG M . -26.81 1.51 25.89
C1 NAG N . -13.08 -23.50 -21.63
C2 NAG N . -11.84 -24.32 -21.92
C3 NAG N . -11.31 -23.96 -23.31
C4 NAG N . -12.40 -24.17 -24.36
C5 NAG N . -13.70 -23.46 -23.96
C6 NAG N . -14.87 -23.82 -24.85
C7 NAG N . -10.40 -25.05 -20.07
C8 NAG N . -9.33 -24.67 -19.10
N2 NAG N . -10.81 -24.10 -20.91
O3 NAG N . -10.17 -24.76 -23.61
O4 NAG N . -11.97 -23.66 -25.62
O5 NAG N . -14.09 -23.80 -22.62
O6 NAG N . -15.49 -25.03 -24.41
O7 NAG N . -10.87 -26.19 -20.11
C1 NAG O . -20.53 14.77 -50.15
C2 NAG O . -21.89 14.07 -50.17
C3 NAG O . -22.92 14.86 -49.35
C4 NAG O . -22.40 15.14 -47.95
C5 NAG O . -21.05 15.85 -48.04
C6 NAG O . -20.42 16.08 -46.68
C7 NAG O . -22.04 12.82 -52.29
C8 NAG O . -22.64 12.79 -53.67
N2 NAG O . -22.38 13.87 -51.53
O3 NAG O . -24.13 14.10 -49.26
O4 NAG O . -23.32 15.96 -47.24
O5 NAG O . -20.13 15.04 -48.79
O6 NAG O . -21.36 15.93 -45.63
O7 NAG O . -21.28 11.95 -51.88
C1 NAG P . 44.98 -5.12 -18.08
C2 NAG P . 44.71 -6.63 -18.17
C3 NAG P . 45.74 -7.30 -19.08
C4 NAG P . 45.80 -6.61 -20.43
C5 NAG P . 46.11 -5.14 -20.24
C6 NAG P . 46.16 -4.35 -21.53
C7 NAG P . 43.63 -7.54 -16.16
C8 NAG P . 43.84 -8.17 -14.81
N2 NAG P . 44.73 -7.24 -16.85
O3 NAG P . 45.40 -8.68 -19.25
O4 NAG P . 46.84 -7.20 -21.23
O5 NAG P . 45.08 -4.55 -19.43
O6 NAG P . 44.86 -3.95 -21.94
O7 NAG P . 42.50 -7.31 -16.59
C1 NAG Q . 20.74 -9.60 -1.34
C2 NAG Q . 19.52 -10.44 -0.98
C3 NAG Q . 19.89 -11.49 0.08
C4 NAG Q . 21.08 -12.31 -0.40
C5 NAG Q . 22.25 -11.41 -0.75
C6 NAG Q . 23.42 -12.16 -1.34
C7 NAG Q . 17.20 -9.64 -1.09
C8 NAG Q . 16.18 -8.73 -0.48
N2 NAG Q . 18.41 -9.63 -0.52
O3 NAG Q . 18.77 -12.32 0.34
O4 NAG Q . 21.49 -13.22 0.63
O5 NAG Q . 21.83 -10.45 -1.75
O6 NAG Q . 23.00 -13.06 -2.36
O7 NAG Q . 16.94 -10.36 -2.04
#